data_5CV2
# 
_entry.id   5CV2 
# 
_audit_conform.dict_name       mmcif_pdbx.dic 
_audit_conform.dict_version    5.379 
_audit_conform.dict_location   http://mmcif.pdb.org/dictionaries/ascii/mmcif_pdbx.dic 
# 
loop_
_database_2.database_id 
_database_2.database_code 
_database_2.pdbx_database_accession 
_database_2.pdbx_DOI 
PDB   5CV2         pdb_00005cv2 10.2210/pdb5cv2/pdb 
WWPDB D_1000212227 ?            ?                   
# 
_pdbx_database_related.db_name        PDB 
_pdbx_database_related.details        'Duplex, homo base pairs' 
_pdbx_database_related.db_id          4ZYM 
_pdbx_database_related.content_type   unspecified 
# 
_pdbx_database_status.status_code                     REL 
_pdbx_database_status.status_code_sf                  REL 
_pdbx_database_status.status_code_mr                  ? 
_pdbx_database_status.entry_id                        5CV2 
_pdbx_database_status.recvd_initial_deposition_date   2015-07-25 
_pdbx_database_status.SG_entry                        N 
_pdbx_database_status.deposit_site                    RCSB 
_pdbx_database_status.process_site                    RCSB 
_pdbx_database_status.status_code_cs                  ? 
_pdbx_database_status.methods_development_category    ? 
_pdbx_database_status.pdb_format_compatible           Y 
_pdbx_database_status.status_code_nmr_data            ? 
# 
loop_
_audit_author.name 
_audit_author.pdbx_ordinal 
'Tripathi, S.'   1 
'Paukstelis, P.' 2 
# 
_citation.abstract                  ? 
_citation.abstract_id_CAS           ? 
_citation.book_id_ISBN              ? 
_citation.book_publisher            ? 
_citation.book_publisher_city       ? 
_citation.book_title                ? 
_citation.coordinate_linkage        ? 
_citation.country                   GE 
_citation.database_id_Medline       ? 
_citation.details                   ? 
_citation.id                        primary 
_citation.journal_abbrev            Chembiochem 
_citation.journal_id_ASTM           ? 
_citation.journal_id_CSD            ? 
_citation.journal_id_ISSN           1439-7633 
_citation.journal_full              ? 
_citation.journal_issue             ? 
_citation.journal_volume            17 
_citation.language                  ? 
_citation.page_first                1177 
_citation.page_last                 1183 
_citation.title                     'Structural Implications of Homopyrimidine Base Pairs in the Parallel-Stranded d(YGA) Motif.' 
_citation.year                      2016 
_citation.database_id_CSD           ? 
_citation.pdbx_database_id_DOI      10.1002/cbic.201500491 
_citation.pdbx_database_id_PubMed   26629965 
_citation.unpublished_flag          ? 
# 
loop_
_citation_author.citation_id 
_citation_author.name 
_citation_author.ordinal 
_citation_author.identifier_ORCID 
primary 'Tripathi, S.'     1 ? 
primary 'Paukstelis, P.J.' 2 ? 
# 
_cell.angle_alpha                  90.000 
_cell.angle_alpha_esd              ? 
_cell.angle_beta                   90.000 
_cell.angle_beta_esd               ? 
_cell.angle_gamma                  120.000 
_cell.angle_gamma_esd              ? 
_cell.entry_id                     5CV2 
_cell.details                      ? 
_cell.formula_units_Z              ? 
_cell.length_a                     25.582 
_cell.length_a_esd                 ? 
_cell.length_b                     25.582 
_cell.length_b_esd                 ? 
_cell.length_c                     386.453 
_cell.length_c_esd                 ? 
_cell.volume                       ? 
_cell.volume_esd                   ? 
_cell.Z_PDB                        24 
_cell.reciprocal_angle_alpha       ? 
_cell.reciprocal_angle_beta        ? 
_cell.reciprocal_angle_gamma       ? 
_cell.reciprocal_angle_alpha_esd   ? 
_cell.reciprocal_angle_beta_esd    ? 
_cell.reciprocal_angle_gamma_esd   ? 
_cell.reciprocal_length_a          ? 
_cell.reciprocal_length_b          ? 
_cell.reciprocal_length_c          ? 
_cell.reciprocal_length_a_esd      ? 
_cell.reciprocal_length_b_esd      ? 
_cell.reciprocal_length_c_esd      ? 
_cell.pdbx_unique_axis             ? 
# 
_symmetry.entry_id                         5CV2 
_symmetry.cell_setting                     ? 
_symmetry.Int_Tables_number                179 
_symmetry.space_group_name_Hall            ? 
_symmetry.space_group_name_H-M             'P 65 2 2' 
_symmetry.pdbx_full_space_group_name_H-M   ? 
# 
loop_
_entity.id 
_entity.type 
_entity.src_method 
_entity.pdbx_description 
_entity.formula_weight 
_entity.pdbx_number_of_molecules 
_entity.pdbx_ec 
_entity.pdbx_mutation 
_entity.pdbx_fragment 
_entity.details 
1 polymer     syn 
;DNA (5'-D(*AP*CP*TP*CP*GP*GP*AP*CP*GP*AP*CP*GP*AP*T)-3')
;
4289.805 2 ? ? ? ? 
2 non-polymer syn 'STRONTIUM ION'                                            87.620   3 ? ? ? ? 
3 water       nat water                                                      18.015   5 ? ? ? ? 
# 
_entity_poly.entity_id                      1 
_entity_poly.type                           polydeoxyribonucleotide 
_entity_poly.nstd_linkage                   no 
_entity_poly.nstd_monomer                   no 
_entity_poly.pdbx_seq_one_letter_code       '(DA)(DC)(DT)(DC)(DG)(DG)(DA)(DC)(DG)(DA)(DC)(DG)(DA)(DT)' 
_entity_poly.pdbx_seq_one_letter_code_can   ACTCGGACGACGAT 
_entity_poly.pdbx_strand_id                 A,B 
_entity_poly.pdbx_target_identifier         ? 
# 
loop_
_entity_poly_seq.entity_id 
_entity_poly_seq.num 
_entity_poly_seq.mon_id 
_entity_poly_seq.hetero 
1 1  DA n 
1 2  DC n 
1 3  DT n 
1 4  DC n 
1 5  DG n 
1 6  DG n 
1 7  DA n 
1 8  DC n 
1 9  DG n 
1 10 DA n 
1 11 DC n 
1 12 DG n 
1 13 DA n 
1 14 DT n 
# 
_pdbx_entity_src_syn.entity_id              1 
_pdbx_entity_src_syn.pdbx_src_id            1 
_pdbx_entity_src_syn.pdbx_alt_source_flag   sample 
_pdbx_entity_src_syn.pdbx_beg_seq_num       1 
_pdbx_entity_src_syn.pdbx_end_seq_num       14 
_pdbx_entity_src_syn.organism_scientific    'synthetic construct' 
_pdbx_entity_src_syn.organism_common_name   ? 
_pdbx_entity_src_syn.ncbi_taxonomy_id       32630 
_pdbx_entity_src_syn.details                ? 
# 
_struct_ref.id                         1 
_struct_ref.db_name                    PDB 
_struct_ref.db_code                    5CV2 
_struct_ref.pdbx_db_accession          5CV2 
_struct_ref.pdbx_db_isoform            ? 
_struct_ref.entity_id                  1 
_struct_ref.pdbx_seq_one_letter_code   ? 
_struct_ref.pdbx_align_begin           1 
# 
loop_
_struct_ref_seq.align_id 
_struct_ref_seq.ref_id 
_struct_ref_seq.pdbx_PDB_id_code 
_struct_ref_seq.pdbx_strand_id 
_struct_ref_seq.seq_align_beg 
_struct_ref_seq.pdbx_seq_align_beg_ins_code 
_struct_ref_seq.seq_align_end 
_struct_ref_seq.pdbx_seq_align_end_ins_code 
_struct_ref_seq.pdbx_db_accession 
_struct_ref_seq.db_align_beg 
_struct_ref_seq.pdbx_db_align_beg_ins_code 
_struct_ref_seq.db_align_end 
_struct_ref_seq.pdbx_db_align_end_ins_code 
_struct_ref_seq.pdbx_auth_seq_align_beg 
_struct_ref_seq.pdbx_auth_seq_align_end 
1 1 5CV2 A 1 ? 14 ? 5CV2 1 ? 14 ? 1 14 
2 1 5CV2 B 1 ? 14 ? 5CV2 1 ? 14 ? 1 14 
# 
loop_
_chem_comp.id 
_chem_comp.type 
_chem_comp.mon_nstd_flag 
_chem_comp.name 
_chem_comp.pdbx_synonyms 
_chem_comp.formula 
_chem_comp.formula_weight 
DA  'DNA linking' y "2'-DEOXYADENOSINE-5'-MONOPHOSPHATE" ? 'C10 H14 N5 O6 P' 331.222 
DC  'DNA linking' y "2'-DEOXYCYTIDINE-5'-MONOPHOSPHATE"  ? 'C9 H14 N3 O7 P'  307.197 
DG  'DNA linking' y "2'-DEOXYGUANOSINE-5'-MONOPHOSPHATE" ? 'C10 H14 N5 O7 P' 347.221 
DT  'DNA linking' y "THYMIDINE-5'-MONOPHOSPHATE"         ? 'C10 H15 N2 O8 P' 322.208 
HOH non-polymer   . WATER                                ? 'H2 O'            18.015  
SR  non-polymer   . 'STRONTIUM ION'                      ? 'Sr 2'            87.620  
# 
_exptl.absorpt_coefficient_mu     ? 
_exptl.absorpt_correction_T_max   ? 
_exptl.absorpt_correction_T_min   ? 
_exptl.absorpt_correction_type    ? 
_exptl.absorpt_process_details    ? 
_exptl.entry_id                   5CV2 
_exptl.crystals_number            1 
_exptl.details                    ? 
_exptl.method                     'X-RAY DIFFRACTION' 
_exptl.method_details             ? 
# 
_exptl_crystal.colour                      ? 
_exptl_crystal.density_diffrn              ? 
_exptl_crystal.density_Matthews            2.13 
_exptl_crystal.density_method              ? 
_exptl_crystal.density_percent_sol         42.18 
_exptl_crystal.description                 ? 
_exptl_crystal.F_000                       ? 
_exptl_crystal.id                          1 
_exptl_crystal.preparation                 ? 
_exptl_crystal.size_max                    ? 
_exptl_crystal.size_mid                    ? 
_exptl_crystal.size_min                    ? 
_exptl_crystal.size_rad                    ? 
_exptl_crystal.colour_lustre               ? 
_exptl_crystal.colour_modifier             ? 
_exptl_crystal.colour_primary              ? 
_exptl_crystal.density_meas                ? 
_exptl_crystal.density_meas_esd            ? 
_exptl_crystal.density_meas_gt             ? 
_exptl_crystal.density_meas_lt             ? 
_exptl_crystal.density_meas_temp           ? 
_exptl_crystal.density_meas_temp_esd       ? 
_exptl_crystal.density_meas_temp_gt        ? 
_exptl_crystal.density_meas_temp_lt        ? 
_exptl_crystal.pdbx_crystal_image_url      ? 
_exptl_crystal.pdbx_crystal_image_format   ? 
_exptl_crystal.pdbx_mosaicity              ? 
_exptl_crystal.pdbx_mosaicity_esd          ? 
# 
_exptl_crystal_grow.apparatus       ? 
_exptl_crystal_grow.atmosphere      ? 
_exptl_crystal_grow.crystal_id      1 
_exptl_crystal_grow.details         ? 
_exptl_crystal_grow.method          'VAPOR DIFFUSION, SITTING DROP' 
_exptl_crystal_grow.method_ref      ? 
_exptl_crystal_grow.pH              5.5 
_exptl_crystal_grow.pressure        ? 
_exptl_crystal_grow.pressure_esd    ? 
_exptl_crystal_grow.seeding         ? 
_exptl_crystal_grow.seeding_ref     ? 
_exptl_crystal_grow.temp            300 
_exptl_crystal_grow.temp_details    ? 
_exptl_crystal_grow.temp_esd        ? 
_exptl_crystal_grow.time            ? 
_exptl_crystal_grow.pdbx_details    'Strontium chloride, MPD, Cacodylate' 
_exptl_crystal_grow.pdbx_pH_range   ? 
# 
_diffrn.ambient_environment    ? 
_diffrn.ambient_temp           100 
_diffrn.ambient_temp_details   ? 
_diffrn.ambient_temp_esd       ? 
_diffrn.crystal_id             1 
_diffrn.crystal_support        ? 
_diffrn.crystal_treatment      ? 
_diffrn.details                ? 
_diffrn.id                     1 
_diffrn.ambient_pressure       ? 
_diffrn.ambient_pressure_esd   ? 
_diffrn.ambient_pressure_gt    ? 
_diffrn.ambient_pressure_lt    ? 
_diffrn.ambient_temp_gt        ? 
_diffrn.ambient_temp_lt        ? 
# 
_diffrn_detector.details                      ? 
_diffrn_detector.detector                     CCD 
_diffrn_detector.diffrn_id                    1 
_diffrn_detector.type                         'ADSC QUANTUM 315' 
_diffrn_detector.area_resol_mean              ? 
_diffrn_detector.dtime                        ? 
_diffrn_detector.pdbx_frames_total            ? 
_diffrn_detector.pdbx_collection_time_total   ? 
_diffrn_detector.pdbx_collection_date         2014-11-01 
# 
_diffrn_radiation.collimation                      ? 
_diffrn_radiation.diffrn_id                        1 
_diffrn_radiation.filter_edge                      ? 
_diffrn_radiation.inhomogeneity                    ? 
_diffrn_radiation.monochromator                    Si220 
_diffrn_radiation.polarisn_norm                    ? 
_diffrn_radiation.polarisn_ratio                   ? 
_diffrn_radiation.probe                            ? 
_diffrn_radiation.type                             ? 
_diffrn_radiation.xray_symbol                      ? 
_diffrn_radiation.wavelength_id                    1 
_diffrn_radiation.pdbx_monochromatic_or_laue_m_l   M 
_diffrn_radiation.pdbx_wavelength_list             ? 
_diffrn_radiation.pdbx_wavelength                  ? 
_diffrn_radiation.pdbx_diffrn_protocol             'SINGLE WAVELENGTH' 
_diffrn_radiation.pdbx_analyzer                    ? 
_diffrn_radiation.pdbx_scattering_type             x-ray 
# 
_diffrn_radiation_wavelength.id           1 
_diffrn_radiation_wavelength.wavelength   0.9792 
_diffrn_radiation_wavelength.wt           1.0 
# 
_diffrn_source.current                     ? 
_diffrn_source.details                     ? 
_diffrn_source.diffrn_id                   1 
_diffrn_source.power                       ? 
_diffrn_source.size                        ? 
_diffrn_source.source                      SYNCHROTRON 
_diffrn_source.target                      ? 
_diffrn_source.type                        'APS BEAMLINE 24-ID-E' 
_diffrn_source.voltage                     ? 
_diffrn_source.take-off_angle              ? 
_diffrn_source.pdbx_wavelength_list        0.9792 
_diffrn_source.pdbx_wavelength             ? 
_diffrn_source.pdbx_synchrotron_beamline   24-ID-E 
_diffrn_source.pdbx_synchrotron_site       APS 
# 
_reflns.B_iso_Wilson_estimate            60.790 
_reflns.entry_id                         5CV2 
_reflns.data_reduction_details           ? 
_reflns.data_reduction_method            ? 
_reflns.d_resolution_high                2.690 
_reflns.d_resolution_low                 128.790 
_reflns.details                          ? 
_reflns.limit_h_max                      ? 
_reflns.limit_h_min                      ? 
_reflns.limit_k_max                      ? 
_reflns.limit_k_min                      ? 
_reflns.limit_l_max                      ? 
_reflns.limit_l_min                      ? 
_reflns.number_all                       2739 
_reflns.number_obs                       2730 
_reflns.observed_criterion               ? 
_reflns.observed_criterion_F_max         ? 
_reflns.observed_criterion_F_min         ? 
_reflns.observed_criterion_I_max         ? 
_reflns.observed_criterion_I_min         ? 
_reflns.observed_criterion_sigma_F       ? 
_reflns.observed_criterion_sigma_I       ? 
_reflns.percent_possible_obs             98.500 
_reflns.R_free_details                   ? 
_reflns.Rmerge_F_all                     ? 
_reflns.Rmerge_F_obs                     ? 
_reflns.Friedel_coverage                 ? 
_reflns.number_gt                        ? 
_reflns.threshold_expression             ? 
_reflns.pdbx_redundancy                  13.000 
_reflns.pdbx_Rmerge_I_obs                0.209 
_reflns.pdbx_Rmerge_I_all                ? 
_reflns.pdbx_Rsym_value                  ? 
_reflns.pdbx_netI_over_av_sigmaI         ? 
_reflns.pdbx_netI_over_sigmaI            7.500 
_reflns.pdbx_res_netI_over_av_sigmaI_2   ? 
_reflns.pdbx_res_netI_over_sigmaI_2      ? 
_reflns.pdbx_chi_squared                 ? 
_reflns.pdbx_scaling_rejects             105 
_reflns.pdbx_d_res_high_opt              ? 
_reflns.pdbx_d_res_low_opt               ? 
_reflns.pdbx_d_res_opt_method            ? 
_reflns.phase_calculation_details        ? 
_reflns.pdbx_Rrim_I_all                  ? 
_reflns.pdbx_Rpim_I_all                  0.059 
_reflns.pdbx_d_opt                       ? 
_reflns.pdbx_number_measured_all         35557 
_reflns.pdbx_diffrn_id                   1 
_reflns.pdbx_ordinal                     1 
_reflns.pdbx_CC_half                     0.988 
_reflns.pdbx_R_split                     ? 
# 
loop_
_reflns_shell.d_res_high 
_reflns_shell.d_res_low 
_reflns_shell.meanI_over_sigI_all 
_reflns_shell.meanI_over_sigI_obs 
_reflns_shell.number_measured_all 
_reflns_shell.number_measured_obs 
_reflns_shell.number_possible 
_reflns_shell.number_unique_all 
_reflns_shell.number_unique_obs 
_reflns_shell.percent_possible_all 
_reflns_shell.percent_possible_obs 
_reflns_shell.Rmerge_F_all 
_reflns_shell.Rmerge_F_obs 
_reflns_shell.Rmerge_I_all 
_reflns_shell.Rmerge_I_obs 
_reflns_shell.meanI_over_sigI_gt 
_reflns_shell.meanI_over_uI_all 
_reflns_shell.meanI_over_uI_gt 
_reflns_shell.number_measured_gt 
_reflns_shell.number_unique_gt 
_reflns_shell.percent_possible_gt 
_reflns_shell.Rmerge_F_gt 
_reflns_shell.Rmerge_I_gt 
_reflns_shell.pdbx_redundancy 
_reflns_shell.pdbx_Rsym_value 
_reflns_shell.pdbx_chi_squared 
_reflns_shell.pdbx_netI_over_sigmaI_all 
_reflns_shell.pdbx_netI_over_sigmaI_obs 
_reflns_shell.pdbx_Rrim_I_all 
_reflns_shell.pdbx_Rpim_I_all 
_reflns_shell.pdbx_rejects 
_reflns_shell.pdbx_ordinal 
_reflns_shell.pdbx_diffrn_id 
_reflns_shell.pdbx_CC_half 
_reflns_shell.pdbx_R_split 
2.690 2.840   ? 2.100 2143 ? ? 356 ? 91.800 ? ? ? ? 0.690 ? ? ? ? ? ? ? ? 6.000 ? ? ? ? ? 0.292 0 1 1 0.707 ? 
8.510 128.790 ? 6.600 1123 ? ? 142 ? 98.300 ? ? ? ? 0.137 ? ? ? ? ? ? ? ? 7.900 ? ? ? ? ? 0.046 0 2 1 0.993 ? 
# 
_refine.aniso_B[1][1]                            ? 
_refine.aniso_B[1][2]                            ? 
_refine.aniso_B[1][3]                            ? 
_refine.aniso_B[2][2]                            ? 
_refine.aniso_B[2][3]                            ? 
_refine.aniso_B[3][3]                            ? 
_refine.B_iso_max                                118.980 
_refine.B_iso_mean                               53.2701 
_refine.B_iso_min                                11.560 
_refine.correlation_coeff_Fo_to_Fc               ? 
_refine.correlation_coeff_Fo_to_Fc_free          ? 
_refine.details                                  ? 
_refine.diff_density_max                         ? 
_refine.diff_density_max_esd                     ? 
_refine.diff_density_min                         ? 
_refine.diff_density_min_esd                     ? 
_refine.diff_density_rms                         ? 
_refine.diff_density_rms_esd                     ? 
_refine.entry_id                                 5CV2 
_refine.pdbx_refine_id                           'X-RAY DIFFRACTION' 
_refine.ls_abs_structure_details                 ? 
_refine.ls_abs_structure_Flack                   ? 
_refine.ls_abs_structure_Flack_esd               ? 
_refine.ls_abs_structure_Rogers                  ? 
_refine.ls_abs_structure_Rogers_esd              ? 
_refine.ls_d_res_high                            2.6930 
_refine.ls_d_res_low                             22.1550 
_refine.ls_extinction_coef                       ? 
_refine.ls_extinction_coef_esd                   ? 
_refine.ls_extinction_expression                 ? 
_refine.ls_extinction_method                     ? 
_refine.ls_goodness_of_fit_all                   ? 
_refine.ls_goodness_of_fit_all_esd               ? 
_refine.ls_goodness_of_fit_obs                   ? 
_refine.ls_goodness_of_fit_obs_esd               ? 
_refine.ls_hydrogen_treatment                    ? 
_refine.ls_matrix_type                           ? 
_refine.ls_number_constraints                    ? 
_refine.ls_number_parameters                     ? 
_refine.ls_number_reflns_all                     ? 
_refine.ls_number_reflns_obs                     2625 
_refine.ls_number_reflns_R_free                  158 
_refine.ls_number_reflns_R_work                  2467 
_refine.ls_number_restraints                     ? 
_refine.ls_percent_reflns_obs                    98.9100 
_refine.ls_percent_reflns_R_free                 6.0200 
_refine.ls_R_factor_all                          ? 
_refine.ls_R_factor_obs                          0.2673 
_refine.ls_R_factor_R_free                       0.2968 
_refine.ls_R_factor_R_free_error                 ? 
_refine.ls_R_factor_R_free_error_details         ? 
_refine.ls_R_factor_R_work                       0.2653 
_refine.ls_R_Fsqd_factor_obs                     ? 
_refine.ls_R_I_factor_obs                        ? 
_refine.ls_redundancy_reflns_all                 ? 
_refine.ls_redundancy_reflns_obs                 ? 
_refine.ls_restrained_S_all                      ? 
_refine.ls_restrained_S_obs                      ? 
_refine.ls_shift_over_esd_max                    ? 
_refine.ls_shift_over_esd_mean                   ? 
_refine.ls_structure_factor_coef                 ? 
_refine.ls_weighting_details                     ? 
_refine.ls_weighting_scheme                      ? 
_refine.ls_wR_factor_all                         ? 
_refine.ls_wR_factor_obs                         ? 
_refine.ls_wR_factor_R_free                      ? 
_refine.ls_wR_factor_R_work                      ? 
_refine.occupancy_max                            ? 
_refine.occupancy_min                            ? 
_refine.solvent_model_details                    'FLAT BULK SOLVENT MODEL' 
_refine.solvent_model_param_bsol                 ? 
_refine.solvent_model_param_ksol                 ? 
_refine.ls_R_factor_gt                           ? 
_refine.ls_goodness_of_fit_gt                    ? 
_refine.ls_goodness_of_fit_ref                   ? 
_refine.ls_shift_over_su_max                     ? 
_refine.ls_shift_over_su_max_lt                  ? 
_refine.ls_shift_over_su_mean                    ? 
_refine.ls_shift_over_su_mean_lt                 ? 
_refine.pdbx_ls_sigma_I                          ? 
_refine.pdbx_ls_sigma_F                          1.340 
_refine.pdbx_ls_sigma_Fsqd                       ? 
_refine.pdbx_data_cutoff_high_absF               ? 
_refine.pdbx_data_cutoff_high_rms_absF           ? 
_refine.pdbx_data_cutoff_low_absF                ? 
_refine.pdbx_isotropic_thermal_model             ? 
_refine.pdbx_ls_cross_valid_method               'FREE R-VALUE' 
_refine.pdbx_method_to_determine_struct          'MOLECULAR REPLACEMENT' 
_refine.pdbx_starting_model                      4RIM 
_refine.pdbx_stereochemistry_target_values       ML 
_refine.pdbx_R_Free_selection_details            Random 
_refine.pdbx_stereochem_target_val_spec_case     ? 
_refine.pdbx_overall_ESU_R                       ? 
_refine.pdbx_overall_ESU_R_Free                  ? 
_refine.pdbx_solvent_vdw_probe_radii             1.1100 
_refine.pdbx_solvent_ion_probe_radii             ? 
_refine.pdbx_solvent_shrinkage_radii             0.9000 
_refine.pdbx_real_space_R                        ? 
_refine.pdbx_density_correlation                 ? 
_refine.pdbx_pd_number_of_powder_patterns        ? 
_refine.pdbx_pd_number_of_points                 ? 
_refine.pdbx_pd_meas_number_of_points            ? 
_refine.pdbx_pd_proc_ls_prof_R_factor            ? 
_refine.pdbx_pd_proc_ls_prof_wR_factor           ? 
_refine.pdbx_pd_Marquardt_correlation_coeff      ? 
_refine.pdbx_pd_Fsqrd_R_factor                   ? 
_refine.pdbx_pd_ls_matrix_band_width             ? 
_refine.pdbx_overall_phase_error                 28.7500 
_refine.pdbx_overall_SU_R_free_Cruickshank_DPI   ? 
_refine.pdbx_overall_SU_R_free_Blow_DPI          ? 
_refine.pdbx_overall_SU_R_Blow_DPI               ? 
_refine.pdbx_TLS_residual_ADP_flag               ? 
_refine.pdbx_diffrn_id                           1 
_refine.overall_SU_B                             ? 
_refine.overall_SU_ML                            0.1900 
_refine.overall_SU_R_Cruickshank_DPI             ? 
_refine.overall_SU_R_free                        ? 
_refine.overall_FOM_free_R_set                   ? 
_refine.overall_FOM_work_R_set                   ? 
_refine.pdbx_average_fsc_overall                 ? 
_refine.pdbx_average_fsc_work                    ? 
_refine.pdbx_average_fsc_free                    ? 
# 
_refine_hist.cycle_id                         final 
_refine_hist.pdbx_refine_id                   'X-RAY DIFFRACTION' 
_refine_hist.d_res_high                       2.6930 
_refine_hist.d_res_low                        22.1550 
_refine_hist.pdbx_number_atoms_ligand         3 
_refine_hist.number_atoms_solvent             5 
_refine_hist.number_atoms_total               528 
_refine_hist.pdbx_number_residues_total       28 
_refine_hist.pdbx_B_iso_mean_ligand           107.04 
_refine_hist.pdbx_B_iso_mean_solvent          27.00 
_refine_hist.pdbx_number_atoms_protein        0 
_refine_hist.pdbx_number_atoms_nucleic_acid   520 
# 
loop_
_refine_ls_restr.pdbx_refine_id 
_refine_ls_restr.criterion 
_refine_ls_restr.dev_ideal 
_refine_ls_restr.dev_ideal_target 
_refine_ls_restr.number 
_refine_ls_restr.rejects 
_refine_ls_restr.type 
_refine_ls_restr.weight 
_refine_ls_restr.pdbx_restraint_function 
'X-RAY DIFFRACTION' ? 0.002  ? 584 ? f_bond_d           ? ? 
'X-RAY DIFFRACTION' ? 0.350  ? 896 ? f_angle_d          ? ? 
'X-RAY DIFFRACTION' ? 0.016  ? 100 ? f_chiral_restr     ? ? 
'X-RAY DIFFRACTION' ? 0.001  ? 24  ? f_plane_restr      ? ? 
'X-RAY DIFFRACTION' ? 30.952 ? 253 ? f_dihedral_angle_d ? ? 
# 
loop_
_refine_ls_restr_ncs.pdbx_ordinal 
_refine_ls_restr_ncs.pdbx_refine_id 
_refine_ls_restr_ncs.pdbx_ens_id 
_refine_ls_restr_ncs.dom_id 
_refine_ls_restr_ncs.pdbx_type 
_refine_ls_restr_ncs.pdbx_auth_asym_id 
_refine_ls_restr_ncs.pdbx_number 
_refine_ls_restr_ncs.pdbx_rms 
_refine_ls_restr_ncs.weight_position 
_refine_ls_restr_ncs.ncs_model_details 
_refine_ls_restr_ncs.rms_dev_position 
_refine_ls_restr_ncs.rms_dev_B_iso 
_refine_ls_restr_ncs.weight_B_iso 
_refine_ls_restr_ncs.pdbx_asym_id 
_refine_ls_restr_ncs.pdbx_weight 
1 'X-RAY DIFFRACTION' 1 1 TORSIONAL A 252 19.012 ? ? ? ? ? ? ? 
2 'X-RAY DIFFRACTION' 1 2 TORSIONAL B 252 19.012 ? ? ? ? ? ? ? 
# 
_refine_ls_shell.pdbx_refine_id                   'X-RAY DIFFRACTION' 
_refine_ls_shell.d_res_high                       2.6928 
_refine_ls_shell.d_res_low                        2.84 
_refine_ls_shell.number_reflns_all                2625 
_refine_ls_shell.number_reflns_obs                ? 
_refine_ls_shell.number_reflns_R_free             158 
_refine_ls_shell.number_reflns_R_work             2467 
_refine_ls_shell.percent_reflns_obs               99.0000 
_refine_ls_shell.percent_reflns_R_free            ? 
_refine_ls_shell.R_factor_all                     ? 
_refine_ls_shell.R_factor_obs                     ? 
_refine_ls_shell.R_factor_R_free                  0.2968 
_refine_ls_shell.R_factor_R_free_error            ? 
_refine_ls_shell.R_factor_R_work                  0.2653 
_refine_ls_shell.redundancy_reflns_all            ? 
_refine_ls_shell.redundancy_reflns_obs            ? 
_refine_ls_shell.wR_factor_all                    ? 
_refine_ls_shell.wR_factor_obs                    ? 
_refine_ls_shell.wR_factor_R_free                 ? 
_refine_ls_shell.wR_factor_R_work                 ? 
_refine_ls_shell.pdbx_total_number_of_bins_used   1 
_refine_ls_shell.pdbx_phase_error                 ? 
_refine_ls_shell.pdbx_fsc_work                    ? 
_refine_ls_shell.pdbx_fsc_free                    ? 
# 
loop_
_struct_ncs_dom.pdbx_ens_id 
_struct_ncs_dom.id 
_struct_ncs_dom.details 
1 1 'chain A and segid A' 
1 2 'chain B and segid B' 
# 
loop_
_struct_ncs_dom_lim.pdbx_ens_id 
_struct_ncs_dom_lim.dom_id 
_struct_ncs_dom_lim.pdbx_component_id 
_struct_ncs_dom_lim.pdbx_refine_code 
_struct_ncs_dom_lim.beg_auth_asym_id 
_struct_ncs_dom_lim.beg_auth_seq_id 
_struct_ncs_dom_lim.end_auth_asym_id 
_struct_ncs_dom_lim.end_auth_seq_id 
_struct_ncs_dom_lim.selection_details 
_struct_ncs_dom_lim.beg_label_asym_id 
_struct_ncs_dom_lim.beg_label_comp_id 
_struct_ncs_dom_lim.beg_label_seq_id 
_struct_ncs_dom_lim.beg_label_alt_id 
_struct_ncs_dom_lim.end_label_asym_id 
_struct_ncs_dom_lim.end_label_comp_id 
_struct_ncs_dom_lim.end_label_seq_id 
_struct_ncs_dom_lim.end_label_alt_id 
_struct_ncs_dom_lim.beg_auth_comp_id 
_struct_ncs_dom_lim.end_auth_comp_id 
1 1 1 ? A 0 A 0 'chain A and segid A' ? ? ? ? ? ? ? ? ? ? 
1 2 1 ? B 0 B 0 'chain B and segid B' ? ? ? ? ? ? ? ? ? ? 
# 
_struct_ncs_ens.id        1 
_struct_ncs_ens.details   ? 
# 
_struct.entry_id                     5CV2 
_struct.pdbx_CASP_flag               ? 
_struct.pdbx_formula_weight          ? 
_struct.pdbx_formula_weight_method   ? 
_struct.pdbx_model_details           ? 
_struct.pdbx_model_type_details      ? 
_struct.title                        'Structural implications of homo-pyrimidine base pairs on the parallel-stranded d(GAY) motif' 
# 
_struct_keywords.entry_id        5CV2 
_struct_keywords.text            'DNA homoduplex, DNA' 
_struct_keywords.pdbx_keywords   DNA 
# 
loop_
_struct_asym.id 
_struct_asym.pdbx_blank_PDB_chainid_flag 
_struct_asym.pdbx_modified 
_struct_asym.entity_id 
_struct_asym.details 
A N N 1 ? 
B N N 1 ? 
C N N 2 ? 
D N N 2 ? 
E N N 2 ? 
F N N 3 ? 
G N N 3 ? 
# 
loop_
_struct_conn.id 
_struct_conn.conn_type_id 
_struct_conn.pdbx_leaving_atom_flag 
_struct_conn.pdbx_PDB_id 
_struct_conn.ptnr1_label_asym_id 
_struct_conn.ptnr1_label_comp_id 
_struct_conn.ptnr1_label_seq_id 
_struct_conn.ptnr1_label_atom_id 
_struct_conn.pdbx_ptnr1_label_alt_id 
_struct_conn.pdbx_ptnr1_PDB_ins_code 
_struct_conn.pdbx_ptnr1_standard_comp_id 
_struct_conn.ptnr1_symmetry 
_struct_conn.ptnr2_label_asym_id 
_struct_conn.ptnr2_label_comp_id 
_struct_conn.ptnr2_label_seq_id 
_struct_conn.ptnr2_label_atom_id 
_struct_conn.pdbx_ptnr2_label_alt_id 
_struct_conn.pdbx_ptnr2_PDB_ins_code 
_struct_conn.ptnr1_auth_asym_id 
_struct_conn.ptnr1_auth_comp_id 
_struct_conn.ptnr1_auth_seq_id 
_struct_conn.ptnr2_auth_asym_id 
_struct_conn.ptnr2_auth_comp_id 
_struct_conn.ptnr2_auth_seq_id 
_struct_conn.ptnr2_symmetry 
_struct_conn.pdbx_ptnr3_label_atom_id 
_struct_conn.pdbx_ptnr3_label_seq_id 
_struct_conn.pdbx_ptnr3_label_comp_id 
_struct_conn.pdbx_ptnr3_label_asym_id 
_struct_conn.pdbx_ptnr3_label_alt_id 
_struct_conn.pdbx_ptnr3_PDB_ins_code 
_struct_conn.details 
_struct_conn.pdbx_dist_value 
_struct_conn.pdbx_value_order 
_struct_conn.pdbx_role 
metalc1  metalc ? ? B DG 9  O6 ? ? ? 1_555 D SR .  SR ? ? B DG 9  B SR 101 1_555 ? ? ? ? ? ? ?               2.790 ? ? 
metalc2  metalc ? ? B DG 12 O6 ? ? ? 1_555 E SR .  SR ? ? B DG 12 B SR 102 1_555 ? ? ? ? ? ? ?               2.734 ? ? 
hydrog1  hydrog ? ? A DA 1  N6 ? ? ? 1_555 B DA 1  N7 ? ? A DA 1  B DA 1   1_555 ? ? ? ? ? ? TYPE_2_PAIR     ?     ? ? 
hydrog2  hydrog ? ? A DA 1  N7 ? ? ? 1_555 B DA 1  N6 ? ? A DA 1  B DA 1   1_555 ? ? ? ? ? ? TYPE_2_PAIR     ?     ? ? 
hydrog3  hydrog ? ? A DT 3  O2 ? ? ? 1_555 A DC 4  N4 ? ? A DT 3  A DC 4   8_555 ? ? ? ? ? ? 'DT-DC MISPAIR' ?     ? ? 
hydrog4  hydrog ? ? A DT 3  N3 ? ? ? 1_555 A DG 5  O6 ? ? A DT 3  A DG 5   8_555 ? ? ? ? ? ? 'DT-DG MISPAIR' ?     ? ? 
hydrog5  hydrog ? ? A DC 4  N4 ? ? ? 1_555 A DT 3  O2 ? ? A DC 4  A DT 3   8_555 ? ? ? ? ? ? 'DC-DT MISPAIR' ?     ? ? 
hydrog6  hydrog ? ? A DC 4  N4 ? ? ? 1_555 B DC 4  O2 ? ? A DC 4  B DC 4   1_555 ? ? ? ? ? ? TYPE_15_PAIR    ?     ? ? 
hydrog7  hydrog ? ? A DC 4  O2 ? ? ? 1_555 B DC 4  N4 ? ? A DC 4  B DC 4   1_555 ? ? ? ? ? ? TYPE_15_PAIR    ?     ? ? 
hydrog8  hydrog ? ? A DG 5  O6 ? ? ? 1_555 A DT 3  N3 ? ? A DG 5  A DT 3   8_555 ? ? ? ? ? ? 'DG-DT MISPAIR' ?     ? ? 
hydrog9  hydrog ? ? A DG 5  N2 ? ? ? 1_555 B DG 5  N3 ? ? A DG 5  B DG 5   1_555 ? ? ? ? ? ? TYPE_4_PAIR     ?     ? ? 
hydrog10 hydrog ? ? A DG 5  N3 ? ? ? 1_555 B DG 5  N2 ? ? A DG 5  B DG 5   1_555 ? ? ? ? ? ? TYPE_4_PAIR     ?     ? ? 
hydrog11 hydrog ? ? A DG 6  N2 ? ? ? 1_555 B DG 6  N3 ? ? A DG 6  B DG 6   1_555 ? ? ? ? ? ? 'DG-DG MISPAIR' ?     ? ? 
hydrog12 hydrog ? ? A DA 7  N6 ? ? ? 1_555 B DA 7  N7 ? ? A DA 7  B DA 7   1_555 ? ? ? ? ? ? TYPE_2_PAIR     ?     ? ? 
hydrog13 hydrog ? ? A DA 7  N7 ? ? ? 1_555 B DA 7  N6 ? ? A DA 7  B DA 7   1_555 ? ? ? ? ? ? TYPE_2_PAIR     ?     ? ? 
hydrog14 hydrog ? ? A DC 8  N4 ? ? ? 1_555 B DC 8  O2 ? ? A DC 8  B DC 8   1_555 ? ? ? ? ? ? TYPE_15_PAIR    ?     ? ? 
hydrog15 hydrog ? ? A DC 8  O2 ? ? ? 1_555 B DC 8  N4 ? ? A DC 8  B DC 8   1_555 ? ? ? ? ? ? TYPE_15_PAIR    ?     ? ? 
hydrog16 hydrog ? ? A DG 9  N2 ? ? ? 1_555 B DG 9  N3 ? ? A DG 9  B DG 9   1_555 ? ? ? ? ? ? TYPE_4_PAIR     ?     ? ? 
hydrog17 hydrog ? ? A DG 9  N3 ? ? ? 1_555 B DG 9  N2 ? ? A DG 9  B DG 9   1_555 ? ? ? ? ? ? TYPE_4_PAIR     ?     ? ? 
hydrog18 hydrog ? ? A DA 10 N6 ? ? ? 1_555 B DA 10 N7 ? ? A DA 10 B DA 10  1_555 ? ? ? ? ? ? TYPE_2_PAIR     ?     ? ? 
hydrog19 hydrog ? ? A DA 10 N7 ? ? ? 1_555 B DA 10 N6 ? ? A DA 10 B DA 10  1_555 ? ? ? ? ? ? TYPE_2_PAIR     ?     ? ? 
hydrog20 hydrog ? ? A DC 11 N4 ? ? ? 1_555 B DC 11 O2 ? ? A DC 11 B DC 11  1_555 ? ? ? ? ? ? TYPE_15_PAIR    ?     ? ? 
hydrog21 hydrog ? ? A DC 11 O2 ? ? ? 1_555 B DC 11 N4 ? ? A DC 11 B DC 11  1_555 ? ? ? ? ? ? TYPE_15_PAIR    ?     ? ? 
hydrog22 hydrog ? ? A DG 12 N2 ? ? ? 1_555 B DG 12 N3 ? ? A DG 12 B DG 12  1_555 ? ? ? ? ? ? TYPE_4_PAIR     ?     ? ? 
hydrog23 hydrog ? ? A DG 12 N3 ? ? ? 1_555 B DG 12 N2 ? ? A DG 12 B DG 12  1_555 ? ? ? ? ? ? TYPE_4_PAIR     ?     ? ? 
hydrog24 hydrog ? ? A DA 13 N6 ? ? ? 1_555 B DA 13 N7 ? ? A DA 13 B DA 13  1_555 ? ? ? ? ? ? 'DA-DA MISPAIR' ?     ? ? 
hydrog25 hydrog ? ? B DT 3  O2 ? ? ? 1_555 B DC 4  N4 ? ? B DT 3  B DC 4   8_555 ? ? ? ? ? ? 'DT-DC MISPAIR' ?     ? ? 
hydrog26 hydrog ? ? B DC 4  N4 ? ? ? 1_555 B DT 3  O2 ? ? B DC 4  B DT 3   8_555 ? ? ? ? ? ? 'DC-DT MISPAIR' ?     ? ? 
# 
loop_
_struct_conn_type.id 
_struct_conn_type.criteria 
_struct_conn_type.reference 
metalc ? ? 
hydrog ? ? 
# 
loop_
_struct_site.id 
_struct_site.pdbx_evidence_code 
_struct_site.pdbx_auth_asym_id 
_struct_site.pdbx_auth_comp_id 
_struct_site.pdbx_auth_seq_id 
_struct_site.pdbx_auth_ins_code 
_struct_site.pdbx_num_residues 
_struct_site.details 
AC1 Software B SR 101 ? 1 'binding site for residue SR B 101' 
AC2 Software B SR 102 ? 1 'binding site for residue SR B 102' 
# 
loop_
_struct_site_gen.id 
_struct_site_gen.site_id 
_struct_site_gen.pdbx_num_res 
_struct_site_gen.label_comp_id 
_struct_site_gen.label_asym_id 
_struct_site_gen.label_seq_id 
_struct_site_gen.pdbx_auth_ins_code 
_struct_site_gen.auth_comp_id 
_struct_site_gen.auth_asym_id 
_struct_site_gen.auth_seq_id 
_struct_site_gen.label_atom_id 
_struct_site_gen.label_alt_id 
_struct_site_gen.symmetry 
_struct_site_gen.details 
1 AC1 1 DG B 9  ? DG B 9  . ? 1_555 ? 
2 AC2 1 DG B 12 ? DG B 12 . ? 1_555 ? 
# 
_atom_sites.entry_id                    5CV2 
_atom_sites.fract_transf_matrix[1][1]   0.02144986 
_atom_sites.fract_transf_matrix[1][2]   0.03353568 
_atom_sites.fract_transf_matrix[1][3]   -0.02127556 
_atom_sites.fract_transf_matrix[2][1]   0.04496957 
_atom_sites.fract_transf_matrix[2][2]   -0.00079821 
_atom_sites.fract_transf_matrix[2][3]   -0.00380129 
_atom_sites.fract_transf_matrix[3][1]   -0.00021189 
_atom_sites.fract_transf_matrix[3][2]   -0.00128375 
_atom_sites.fract_transf_matrix[3][3]   -0.00223715 
_atom_sites.fract_transf_vector[1]      0.297373 
_atom_sites.fract_transf_vector[2]      -0.369353 
_atom_sites.fract_transf_vector[3]      -0.034032 
# 
loop_
_atom_type.symbol 
C  
N  
O  
P  
SR 
# 
loop_
_atom_site.group_PDB 
_atom_site.id 
_atom_site.type_symbol 
_atom_site.label_atom_id 
_atom_site.label_alt_id 
_atom_site.label_comp_id 
_atom_site.label_asym_id 
_atom_site.label_entity_id 
_atom_site.label_seq_id 
_atom_site.pdbx_PDB_ins_code 
_atom_site.Cartn_x 
_atom_site.Cartn_y 
_atom_site.Cartn_z 
_atom_site.occupancy 
_atom_site.B_iso_or_equiv 
_atom_site.pdbx_formal_charge 
_atom_site.auth_seq_id 
_atom_site.auth_comp_id 
_atom_site.auth_asym_id 
_atom_site.auth_atom_id 
_atom_site.pdbx_PDB_model_num 
ATOM   1   O  "O5'" . DA  A 1 1  ? 5.215   -6.138  -20.342 1.00 82.99  ? 1   DA  A "O5'" 1 
ATOM   2   C  "C5'" . DA  A 1 1  ? 5.960   -6.145  -21.554 1.00 75.81  ? 1   DA  A "C5'" 1 
ATOM   3   C  "C4'" . DA  A 1 1  ? 7.075   -5.117  -21.504 1.00 62.56  ? 1   DA  A "C4'" 1 
ATOM   4   O  "O4'" . DA  A 1 1  ? 8.081   -5.545  -20.549 1.00 59.83  ? 1   DA  A "O4'" 1 
ATOM   5   C  "C3'" . DA  A 1 1  ? 7.812   -4.908  -22.822 1.00 56.85  ? 1   DA  A "C3'" 1 
ATOM   6   O  "O3'" . DA  A 1 1  ? 8.218   -3.548  -22.948 1.00 60.85  ? 1   DA  A "O3'" 1 
ATOM   7   C  "C2'" . DA  A 1 1  ? 9.007   -5.847  -22.694 1.00 59.89  ? 1   DA  A "C2'" 1 
ATOM   8   C  "C1'" . DA  A 1 1  ? 9.317   -5.754  -21.204 1.00 56.80  ? 1   DA  A "C1'" 1 
ATOM   9   N  N9    . DA  A 1 1  ? 9.931   -6.964  -20.663 1.00 46.25  ? 1   DA  A N9    1 
ATOM   10  C  C8    . DA  A 1 1  ? 9.320   -8.163  -20.425 1.00 28.85  ? 1   DA  A C8    1 
ATOM   11  N  N7    . DA  A 1 1  ? 10.123  -9.079  -19.933 1.00 17.04  ? 1   DA  A N7    1 
ATOM   12  C  C5    . DA  A 1 1  ? 11.345  -8.435  -19.843 1.00 17.41  ? 1   DA  A C5    1 
ATOM   13  C  C6    . DA  A 1 1  ? 12.613  -8.861  -19.396 1.00 32.65  ? 1   DA  A C6    1 
ATOM   14  N  N6    . DA  A 1 1  ? 12.856  -10.093 -18.938 1.00 28.90  ? 1   DA  A N6    1 
ATOM   15  N  N1    . DA  A 1 1  ? 13.623  -7.967  -19.438 1.00 43.84  ? 1   DA  A N1    1 
ATOM   16  C  C2    . DA  A 1 1  ? 13.376  -6.735  -19.897 1.00 33.48  ? 1   DA  A C2    1 
ATOM   17  N  N3    . DA  A 1 1  ? 12.230  -6.221  -20.344 1.00 44.90  ? 1   DA  A N3    1 
ATOM   18  C  C4    . DA  A 1 1  ? 11.246  -7.132  -20.289 1.00 39.56  ? 1   DA  A C4    1 
ATOM   19  P  P     . DC  A 1 2  ? 8.366   -2.885  -24.405 1.00 74.33  ? 2   DC  A P     1 
ATOM   20  O  OP1   . DC  A 1 2  ? 8.220   -3.966  -25.406 1.00 76.67  ? 2   DC  A OP1   1 
ATOM   21  O  OP2   . DC  A 1 2  ? 9.589   -2.053  -24.393 1.00 53.21  ? 2   DC  A OP2   1 
ATOM   22  O  "O5'" . DC  A 1 2  ? 7.105   -1.906  -24.518 1.00 92.85  ? 2   DC  A "O5'" 1 
ATOM   23  C  "C5'" . DC  A 1 2  ? 7.284   -0.498  -24.437 1.00 98.46  ? 2   DC  A "C5'" 1 
ATOM   24  C  "C4'" . DC  A 1 2  ? 6.634   0.058   -23.184 1.00 100.82 ? 2   DC  A "C4'" 1 
ATOM   25  O  "O4'" . DC  A 1 2  ? 6.852   1.490   -23.123 1.00 102.72 ? 2   DC  A "O4'" 1 
ATOM   26  C  "C3'" . DC  A 1 2  ? 5.125   -0.128  -23.104 1.00 100.50 ? 2   DC  A "C3'" 1 
ATOM   27  O  "O3'" . DC  A 1 2  ? 4.823   -1.350  -22.454 1.00 104.90 ? 2   DC  A "O3'" 1 
ATOM   28  C  "C2'" . DC  A 1 2  ? 4.694   1.068   -22.266 1.00 97.46  ? 2   DC  A "C2'" 1 
ATOM   29  C  "C1'" . DC  A 1 2  ? 5.653   2.146   -22.755 1.00 101.02 ? 2   DC  A "C1'" 1 
ATOM   30  P  P     . DT  A 1 3  ? 3.492   -2.167  -22.830 1.00 86.03  ? 3   DT  A P     1 
ATOM   31  O  OP1   . DT  A 1 3  ? 3.857   -3.223  -23.801 1.00 79.04  ? 3   DT  A OP1   1 
ATOM   32  O  OP2   . DT  A 1 3  ? 2.435   -1.188  -23.171 1.00 82.75  ? 3   DT  A OP2   1 
ATOM   33  O  "O5'" . DT  A 1 3  ? 3.084   -2.850  -21.446 1.00 84.20  ? 3   DT  A "O5'" 1 
ATOM   34  C  "C5'" . DT  A 1 3  ? 2.825   -2.034  -20.313 1.00 62.69  ? 3   DT  A "C5'" 1 
ATOM   35  C  "C4'" . DT  A 1 3  ? 3.016   -2.814  -19.027 1.00 30.78  ? 3   DT  A "C4'" 1 
ATOM   36  O  "O4'" . DT  A 1 3  ? 4.438   -2.946  -18.748 1.00 19.58  ? 3   DT  A "O4'" 1 
ATOM   37  C  "C3'" . DT  A 1 3  ? 2.420   -2.155  -17.790 1.00 15.50  ? 3   DT  A "C3'" 1 
ATOM   38  O  "O3'" . DT  A 1 3  ? 2.024   -3.144  -16.857 1.00 16.16  ? 3   DT  A "O3'" 1 
ATOM   39  C  "C2'" . DT  A 1 3  ? 3.593   -1.341  -17.262 1.00 16.98  ? 3   DT  A "C2'" 1 
ATOM   40  C  "C1'" . DT  A 1 3  ? 4.745   -2.298  -17.528 1.00 20.25  ? 3   DT  A "C1'" 1 
ATOM   41  N  N1    . DT  A 1 3  ? 6.073   -1.625  -17.653 1.00 47.76  ? 3   DT  A N1    1 
ATOM   42  C  C2    . DT  A 1 3  ? 7.142   -2.108  -16.935 1.00 56.64  ? 3   DT  A C2    1 
ATOM   43  O  O2    . DT  A 1 3  ? 7.066   -3.071  -16.192 1.00 55.13  ? 3   DT  A O2    1 
ATOM   44  N  N3    . DT  A 1 3  ? 8.313   -1.423  -17.116 1.00 57.13  ? 3   DT  A N3    1 
ATOM   45  C  C4    . DT  A 1 3  ? 8.519   -0.323  -17.928 1.00 59.57  ? 3   DT  A C4    1 
ATOM   46  O  O4    . DT  A 1 3  ? 9.613   0.227   -18.025 1.00 54.39  ? 3   DT  A O4    1 
ATOM   47  C  C5    . DT  A 1 3  ? 7.357   0.135   -18.652 1.00 77.01  ? 3   DT  A C5    1 
ATOM   48  C  C7    . DT  A 1 3  ? 7.457   1.321   -19.565 1.00 94.47  ? 3   DT  A C7    1 
ATOM   49  C  C6    . DT  A 1 3  ? 6.204   -0.530  -18.482 1.00 67.28  ? 3   DT  A C6    1 
ATOM   50  P  P     . DC  A 1 4  ? 0.617   -3.015  -16.095 1.00 30.07  ? 4   DC  A P     1 
ATOM   51  O  OP1   . DC  A 1 4  ? -0.457  -3.151  -17.103 1.00 52.13  ? 4   DC  A OP1   1 
ATOM   52  O  OP2   . DC  A 1 4  ? 0.687   -1.808  -15.242 1.00 39.71  ? 4   DC  A OP2   1 
ATOM   53  O  "O5'" . DC  A 1 4  ? 0.585   -4.285  -15.126 1.00 38.38  ? 4   DC  A "O5'" 1 
ATOM   54  C  "C5'" . DC  A 1 4  ? 0.410   -5.590  -15.656 1.00 40.58  ? 4   DC  A "C5'" 1 
ATOM   55  C  "C4'" . DC  A 1 4  ? 0.739   -6.636  -14.607 1.00 37.03  ? 4   DC  A "C4'" 1 
ATOM   56  O  "O4'" . DC  A 1 4  ? 2.156   -6.574  -14.294 1.00 41.64  ? 4   DC  A "O4'" 1 
ATOM   57  C  "C3'" . DC  A 1 4  ? 0.004   -6.463  -13.276 1.00 30.38  ? 4   DC  A "C3'" 1 
ATOM   58  O  "O3'" . DC  A 1 4  ? -0.367  -7.732  -12.750 1.00 39.70  ? 4   DC  A "O3'" 1 
ATOM   59  C  "C2'" . DC  A 1 4  ? 1.047   -5.778  -12.397 1.00 26.95  ? 4   DC  A "C2'" 1 
ATOM   60  C  "C1'" . DC  A 1 4  ? 2.326   -6.421  -12.904 1.00 34.82  ? 4   DC  A "C1'" 1 
ATOM   61  N  N1    . DC  A 1 4  ? 3.539   -5.597  -12.669 1.00 24.58  ? 4   DC  A N1    1 
ATOM   62  C  C2    . DC  A 1 4  ? 4.522   -6.050  -11.787 1.00 28.53  ? 4   DC  A C2    1 
ATOM   63  O  O2    . DC  A 1 4  ? 4.364   -7.137  -11.216 1.00 30.07  ? 4   DC  A O2    1 
ATOM   64  N  N3    . DC  A 1 4  ? 5.623   -5.287  -11.583 1.00 31.39  ? 4   DC  A N3    1 
ATOM   65  C  C4    . DC  A 1 4  ? 5.755   -4.123  -12.218 1.00 30.15  ? 4   DC  A C4    1 
ATOM   66  N  N4    . DC  A 1 4  ? 6.859   -3.404  -11.985 1.00 31.48  ? 4   DC  A N4    1 
ATOM   67  C  C5    . DC  A 1 4  ? 4.763   -3.645  -13.123 1.00 27.55  ? 4   DC  A C5    1 
ATOM   68  C  C6    . DC  A 1 4  ? 3.682   -4.405  -13.315 1.00 25.89  ? 4   DC  A C6    1 
ATOM   69  P  P     . DG  A 1 5  ? -1.636  -7.859  -11.771 1.00 34.76  ? 5   DG  A P     1 
ATOM   70  O  OP1   . DG  A 1 5  ? -1.892  -9.300  -11.556 1.00 26.57  ? 5   DG  A OP1   1 
ATOM   71  O  OP2   . DG  A 1 5  ? -2.709  -6.997  -12.316 1.00 47.43  ? 5   DG  A OP2   1 
ATOM   72  O  "O5'" . DG  A 1 5  ? -1.133  -7.207  -10.396 1.00 56.79  ? 5   DG  A "O5'" 1 
ATOM   73  C  "C5'" . DG  A 1 5  ? -0.128  -7.858  -9.621  1.00 38.24  ? 5   DG  A "C5'" 1 
ATOM   74  C  "C4'" . DG  A 1 5  ? 0.308   -6.990  -8.449  1.00 35.36  ? 5   DG  A "C4'" 1 
ATOM   75  O  "O4'" . DG  A 1 5  ? 1.270   -5.998  -8.903  1.00 28.21  ? 5   DG  A "O4'" 1 
ATOM   76  C  "C3'" . DG  A 1 5  ? -0.816  -6.209  -7.758  1.00 44.17  ? 5   DG  A "C3'" 1 
ATOM   77  O  "O3'" . DG  A 1 5  ? -0.634  -6.245  -6.342  1.00 42.67  ? 5   DG  A "O3'" 1 
ATOM   78  C  "C2'" . DG  A 1 5  ? -0.623  -4.794  -8.301  1.00 39.84  ? 5   DG  A "C2'" 1 
ATOM   79  C  "C1'" . DG  A 1 5  ? 0.889   -4.736  -8.409  1.00 26.95  ? 5   DG  A "C1'" 1 
ATOM   80  N  N9    . DG  A 1 5  ? 1.380   -3.703  -9.320  1.00 29.07  ? 5   DG  A N9    1 
ATOM   81  C  C8    . DG  A 1 5  ? 0.656   -3.026  -10.271 1.00 29.80  ? 5   DG  A C8    1 
ATOM   82  N  N7    . DG  A 1 5  ? 1.360   -2.151  -10.935 1.00 32.19  ? 5   DG  A N7    1 
ATOM   83  C  C5    . DG  A 1 5  ? 2.633   -2.254  -10.387 1.00 25.41  ? 5   DG  A C5    1 
ATOM   84  C  C6    . DG  A 1 5  ? 3.819   -1.552  -10.703 1.00 35.31  ? 5   DG  A C6    1 
ATOM   85  O  O6    . DG  A 1 5  ? 3.986   -0.672  -11.559 1.00 37.20  ? 5   DG  A O6    1 
ATOM   86  N  N1    . DG  A 1 5  ? 4.888   -1.962  -9.909  1.00 35.84  ? 5   DG  A N1    1 
ATOM   87  C  C2    . DG  A 1 5  ? 4.817   -2.927  -8.933  1.00 32.57  ? 5   DG  A C2    1 
ATOM   88  N  N2    . DG  A 1 5  ? 5.953   -3.188  -8.270  1.00 42.33  ? 5   DG  A N2    1 
ATOM   89  N  N3    . DG  A 1 5  ? 3.711   -3.592  -8.626  1.00 27.89  ? 5   DG  A N3    1 
ATOM   90  C  C4    . DG  A 1 5  ? 2.661   -3.205  -9.391  1.00 24.96  ? 5   DG  A C4    1 
ATOM   91  P  P     . DG  A 1 6  ? -1.851  -6.631  -5.363  1.00 34.92  ? 6   DG  A P     1 
ATOM   92  O  OP1   . DG  A 1 6  ? -1.297  -6.776  -3.999  1.00 34.87  ? 6   DG  A OP1   1 
ATOM   93  O  OP2   . DG  A 1 6  ? -2.567  -7.766  -5.985  1.00 53.95  ? 6   DG  A OP2   1 
ATOM   94  O  "O5'" . DG  A 1 6  ? -2.833  -5.364  -5.411  1.00 20.86  ? 6   DG  A "O5'" 1 
ATOM   95  C  "C5'" . DG  A 1 6  ? -2.316  -4.041  -5.283  1.00 34.79  ? 6   DG  A "C5'" 1 
ATOM   96  C  "C4'" . DG  A 1 6  ? -2.100  -3.667  -3.828  1.00 36.17  ? 6   DG  A "C4'" 1 
ATOM   97  O  "O4'" . DG  A 1 6  ? -1.095  -2.623  -3.751  1.00 47.76  ? 6   DG  A "O4'" 1 
ATOM   98  C  "C3'" . DG  A 1 6  ? -3.322  -3.102  -3.113  1.00 33.72  ? 6   DG  A "C3'" 1 
ATOM   99  O  "O3'" . DG  A 1 6  ? -3.236  -3.384  -1.722  1.00 49.10  ? 6   DG  A "O3'" 1 
ATOM   100 C  "C2'" . DG  A 1 6  ? -3.182  -1.610  -3.382  1.00 23.44  ? 6   DG  A "C2'" 1 
ATOM   101 C  "C1'" . DG  A 1 6  ? -1.675  -1.435  -3.247  1.00 40.64  ? 6   DG  A "C1'" 1 
ATOM   102 N  N9    . DG  A 1 6  ? -1.148  -0.310  -4.012  1.00 35.27  ? 6   DG  A N9    1 
ATOM   103 C  C8    . DG  A 1 6  ? -1.811  0.434   -4.957  1.00 33.93  ? 6   DG  A C8    1 
ATOM   104 N  N7    . DG  A 1 6  ? -1.078  1.376   -5.481  1.00 33.26  ? 6   DG  A N7    1 
ATOM   105 C  C5    . DG  A 1 6  ? 0.150   1.245   -4.850  1.00 22.31  ? 6   DG  A C5    1 
ATOM   106 C  C6    . DG  A 1 6  ? 1.343   1.989   -5.009  1.00 29.93  ? 6   DG  A C6    1 
ATOM   107 O  O6    . DG  A 1 6  ? 1.554   2.948   -5.767  1.00 32.55  ? 6   DG  A O6    1 
ATOM   108 N  N1    . DG  A 1 6  ? 2.355   1.527   -4.174  1.00 33.70  ? 6   DG  A N1    1 
ATOM   109 C  C2    . DG  A 1 6  ? 2.231   0.475   -3.296  1.00 37.67  ? 6   DG  A C2    1 
ATOM   110 N  N2    . DG  A 1 6  ? 3.319   0.174   -2.573  1.00 54.07  ? 6   DG  A N2    1 
ATOM   111 N  N3    . DG  A 1 6  ? 1.120   -0.231  -3.137  1.00 31.99  ? 6   DG  A N3    1 
ATOM   112 C  C4    . DG  A 1 6  ? 0.125   0.208   -3.942  1.00 27.26  ? 6   DG  A C4    1 
ATOM   113 P  P     . DA  A 1 7  ? -4.495  -3.129  -0.756  1.00 55.01  ? 7   DA  A P     1 
ATOM   114 O  OP1   . DA  A 1 7  ? -5.684  -3.736  -1.394  1.00 68.00  ? 7   DA  A OP1   1 
ATOM   115 O  OP2   . DA  A 1 7  ? -4.507  -1.693  -0.400  1.00 50.13  ? 7   DA  A OP2   1 
ATOM   116 O  "O5'" . DA  A 1 7  ? -4.134  -3.960  0.562   1.00 47.35  ? 7   DA  A "O5'" 1 
ATOM   117 C  "C5'" . DA  A 1 7  ? -4.084  -5.380  0.515   1.00 57.34  ? 7   DA  A "C5'" 1 
ATOM   118 C  "C4'" . DA  A 1 7  ? -2.756  -5.895  1.044   1.00 57.16  ? 7   DA  A "C4'" 1 
ATOM   119 O  "O4'" . DA  A 1 7  ? -1.673  -5.244  0.343   1.00 56.23  ? 7   DA  A "O4'" 1 
ATOM   120 C  "C3'" . DA  A 1 7  ? -2.494  -5.618  2.514   1.00 54.35  ? 7   DA  A "C3'" 1 
ATOM   121 O  "O3'" . DA  A 1 7  ? -3.063  -6.655  3.305   1.00 55.02  ? 7   DA  A "O3'" 1 
ATOM   122 C  "C2'" . DA  A 1 7  ? -0.970  -5.640  2.580   1.00 52.88  ? 7   DA  A "C2'" 1 
ATOM   123 C  "C1'" . DA  A 1 7  ? -0.569  -5.074  1.213   1.00 54.69  ? 7   DA  A "C1'" 1 
ATOM   124 N  N9    . DA  A 1 7  ? -0.207  -3.658  1.240   1.00 50.74  ? 7   DA  A N9    1 
ATOM   125 C  C8    . DA  A 1 7  ? -0.860  -2.629  0.620   1.00 52.27  ? 7   DA  A C8    1 
ATOM   126 N  N7    . DA  A 1 7  ? -0.301  -1.457  0.810   1.00 52.41  ? 7   DA  A N7    1 
ATOM   127 C  C5    . DA  A 1 7  ? 0.797   -1.738  1.607   1.00 48.01  ? 7   DA  A C5    1 
ATOM   128 C  C6    . DA  A 1 7  ? 1.803   -0.921  2.159   1.00 45.11  ? 7   DA  A C6    1 
ATOM   129 N  N6    . DA  A 1 7  ? 1.859   0.403   1.980   1.00 36.59  ? 7   DA  A N6    1 
ATOM   130 N  N1    . DA  A 1 7  ? 2.755   -1.520  2.906   1.00 43.51  ? 7   DA  A N1    1 
ATOM   131 C  C2    . DA  A 1 7  ? 2.697   -2.845  3.084   1.00 52.20  ? 7   DA  A C2    1 
ATOM   132 N  N3    . DA  A 1 7  ? 1.803   -3.715  2.616   1.00 56.47  ? 7   DA  A N3    1 
ATOM   133 C  C4    . DA  A 1 7  ? 0.871   -3.092  1.878   1.00 51.84  ? 7   DA  A C4    1 
ATOM   134 P  P     . DC  A 1 8  ? -3.934  -6.300  4.607   1.00 71.81  ? 8   DC  A P     1 
ATOM   135 O  OP1   . DC  A 1 8  ? -4.209  -7.568  5.317   1.00 62.61  ? 8   DC  A OP1   1 
ATOM   136 O  OP2   . DC  A 1 8  ? -5.052  -5.431  4.177   1.00 69.89  ? 8   DC  A OP2   1 
ATOM   137 O  "O5'" . DC  A 1 8  ? -2.951  -5.417  5.505   1.00 57.51  ? 8   DC  A "O5'" 1 
ATOM   138 C  "C5'" . DC  A 1 8  ? -1.835  -6.023  6.139   1.00 46.25  ? 8   DC  A "C5'" 1 
ATOM   139 C  "C4'" . DC  A 1 8  ? -0.767  -4.991  6.445   1.00 52.07  ? 8   DC  A "C4'" 1 
ATOM   140 O  "O4'" . DC  A 1 8  ? -0.736  -3.997  5.385   1.00 55.18  ? 8   DC  A "O4'" 1 
ATOM   141 C  "C3'" . DC  A 1 8  ? -0.978  -4.214  7.742   1.00 50.47  ? 8   DC  A "C3'" 1 
ATOM   142 O  "O3'" . DC  A 1 8  ? 0.273   -3.973  8.369   1.00 60.28  ? 8   DC  A "O3'" 1 
ATOM   143 C  "C2'" . DC  A 1 8  ? -1.622  -2.919  7.261   1.00 47.07  ? 8   DC  A "C2'" 1 
ATOM   144 C  "C1'" . DC  A 1 8  ? -0.912  -2.709  5.935   1.00 49.29  ? 8   DC  A "C1'" 1 
ATOM   145 N  N1    . DC  A 1 8  ? -1.688  -1.884  4.966   1.00 35.70  ? 8   DC  A N1    1 
ATOM   146 C  C2    . DC  A 1 8  ? -1.268  -0.582  4.670   1.00 39.99  ? 8   DC  A C2    1 
ATOM   147 O  O2    . DC  A 1 8  ? -0.250  -0.137  5.216   1.00 46.84  ? 8   DC  A O2    1 
ATOM   148 N  N3    . DC  A 1 8  ? -1.986  0.154   3.785   1.00 49.65  ? 8   DC  A N3    1 
ATOM   149 C  C4    . DC  A 1 8  ? -3.076  -0.362  3.216   1.00 52.98  ? 8   DC  A C4    1 
ATOM   150 N  N4    . DC  A 1 8  ? -3.753  0.401   2.351   1.00 51.91  ? 8   DC  A N4    1 
ATOM   151 C  C5    . DC  A 1 8  ? -3.521  -1.686  3.508   1.00 50.76  ? 8   DC  A C5    1 
ATOM   152 C  C6    . DC  A 1 8  ? -2.805  -2.402  4.380   1.00 40.70  ? 8   DC  A C6    1 
ATOM   153 P  P     . DG  A 1 9  ? 0.336   -3.595  9.929   1.00 77.80  ? 9   DG  A P     1 
ATOM   154 O  OP1   . DG  A 1 9  ? 1.756   -3.639  10.343  1.00 79.78  ? 9   DG  A OP1   1 
ATOM   155 O  OP2   . DG  A 1 9  ? -0.664  -4.432  10.630  1.00 72.82  ? 9   DG  A OP2   1 
ATOM   156 O  "O5'" . DG  A 1 9  ? -0.146  -2.069  9.971   1.00 65.53  ? 9   DG  A "O5'" 1 
ATOM   157 C  "C5'" . DG  A 1 9  ? 0.669   -1.052  9.397   1.00 62.14  ? 9   DG  A "C5'" 1 
ATOM   158 C  "C4'" . DG  A 1 9  ? -0.053  0.284   9.381   1.00 52.18  ? 9   DG  A "C4'" 1 
ATOM   159 O  "O4'" . DG  A 1 9  ? -1.121  0.257   8.395   1.00 53.21  ? 9   DG  A "O4'" 1 
ATOM   160 C  "C3'" . DG  A 1 9  ? -0.708  0.681   10.705  1.00 59.50  ? 9   DG  A "C3'" 1 
ATOM   161 O  "O3'" . DG  A 1 9  ? -0.484  2.057   10.959  1.00 60.38  ? 9   DG  A "O3'" 1 
ATOM   162 C  "C2'" . DG  A 1 9  ? -2.188  0.395   10.464  1.00 59.61  ? 9   DG  A "C2'" 1 
ATOM   163 C  "C1'" . DG  A 1 9  ? -2.313  0.720   8.987   1.00 54.12  ? 9   DG  A "C1'" 1 
ATOM   164 N  N9    . DG  A 1 9  ? -3.442  0.063   8.334   1.00 51.63  ? 9   DG  A N9    1 
ATOM   165 C  C8    . DG  A 1 9  ? -4.090  -1.075  8.750   1.00 46.90  ? 9   DG  A C8    1 
ATOM   166 N  N7    . DG  A 1 9  ? -5.069  -1.431  7.963   1.00 45.41  ? 9   DG  A N7    1 
ATOM   167 C  C5    . DG  A 1 9  ? -5.072  -0.464  6.965   1.00 59.83  ? 9   DG  A C5    1 
ATOM   168 C  C6    . DG  A 1 9  ? -5.910  -0.324  5.833   1.00 69.80  ? 9   DG  A C6    1 
ATOM   169 O  O6    . DG  A 1 9  ? -6.850  -1.050  5.477   1.00 77.77  ? 9   DG  A O6    1 
ATOM   170 N  N1    . DG  A 1 9  ? -5.572  0.797   5.077   1.00 61.17  ? 9   DG  A N1    1 
ATOM   171 C  C2    . DG  A 1 9  ? -4.554  1.669   5.378   1.00 54.70  ? 9   DG  A C2    1 
ATOM   172 N  N2    . DG  A 1 9  ? -4.378  2.693   4.530   1.00 56.77  ? 9   DG  A N2    1 
ATOM   173 N  N3    . DG  A 1 9  ? -3.760  1.548   6.434   1.00 49.59  ? 9   DG  A N3    1 
ATOM   174 C  C4    . DG  A 1 9  ? -4.076  0.462   7.181   1.00 55.12  ? 9   DG  A C4    1 
ATOM   175 P  P     . DA  A 1 10 ? -0.678  2.645   12.440  1.00 71.04  ? 10  DA  A P     1 
ATOM   176 O  OP1   . DA  A 1 10 ? -0.072  1.683   13.388  1.00 67.03  ? 10  DA  A OP1   1 
ATOM   177 O  OP2   . DA  A 1 10 ? -2.103  3.019   12.582  1.00 52.99  ? 10  DA  A OP2   1 
ATOM   178 O  "O5'" . DA  A 1 10 ? 0.193   3.986   12.441  1.00 72.65  ? 10  DA  A "O5'" 1 
ATOM   179 C  "C5'" . DA  A 1 10 ? 1.581   3.935   12.136  1.00 62.80  ? 10  DA  A "C5'" 1 
ATOM   180 C  "C4'" . DA  A 1 10 ? 1.991   5.121   11.281  1.00 59.99  ? 10  DA  A "C4'" 1 
ATOM   181 O  "O4'" . DA  A 1 10 ? 1.549   4.912   9.916   1.00 68.28  ? 10  DA  A "O4'" 1 
ATOM   182 C  "C3'" . DA  A 1 10 ? 1.368   6.444   11.687  1.00 60.08  ? 10  DA  A "C3'" 1 
ATOM   183 O  "O3'" . DA  A 1 10 ? 2.136   7.070   12.706  1.00 66.09  ? 10  DA  A "O3'" 1 
ATOM   184 C  "C2'" . DA  A 1 10 ? 1.424   7.227   10.383  1.00 52.43  ? 10  DA  A "C2'" 1 
ATOM   185 C  "C1'" . DA  A 1 10 ? 1.095   6.140   9.364   1.00 59.37  ? 10  DA  A "C1'" 1 
ATOM   186 N  N9    . DA  A 1 10 ? -0.334  6.026   9.083   1.00 63.03  ? 10  DA  A N9    1 
ATOM   187 C  C8    . DA  A 1 10 ? -1.135  4.942   9.310   1.00 67.21  ? 10  DA  A C8    1 
ATOM   188 N  N7    . DA  A 1 10 ? -2.386  5.126   8.963   1.00 60.01  ? 10  DA  A N7    1 
ATOM   189 C  C5    . DA  A 1 10 ? -2.410  6.426   8.482   1.00 58.83  ? 10  DA  A C5    1 
ATOM   190 C  C6    . DA  A 1 10 ? -3.444  7.227   7.959   1.00 55.44  ? 10  DA  A C6    1 
ATOM   191 N  N6    . DA  A 1 10 ? -4.708  6.808   7.832   1.00 65.05  ? 10  DA  A N6    1 
ATOM   192 N  N1    . DA  A 1 10 ? -3.128  8.480   7.570   1.00 50.38  ? 10  DA  A N1    1 
ATOM   193 C  C2    . DA  A 1 10 ? -1.863  8.896   7.699   1.00 58.92  ? 10  DA  A C2    1 
ATOM   194 N  N3    . DA  A 1 10 ? -0.808  8.236   8.173   1.00 61.27  ? 10  DA  A N3    1 
ATOM   195 C  C4    . DA  A 1 10 ? -1.153  6.995   8.552   1.00 60.84  ? 10  DA  A C4    1 
ATOM   196 P  P     . DC  A 1 11 ? 1.444   8.165   13.656  1.00 71.29  ? 11  DC  A P     1 
ATOM   197 O  OP1   . DC  A 1 11 ? 2.420   8.542   14.702  1.00 76.90  ? 11  DC  A OP1   1 
ATOM   198 O  OP2   . DC  A 1 11 ? 0.117   7.642   14.047  1.00 57.15  ? 11  DC  A OP2   1 
ATOM   199 O  "O5'" . DC  A 1 11 ? 1.248   9.423   12.687  1.00 64.05  ? 11  DC  A "O5'" 1 
ATOM   200 C  "C5'" . DC  A 1 11 ? 0.148   10.306  12.866  1.00 64.91  ? 11  DC  A "C5'" 1 
ATOM   201 C  "C4'" . DC  A 1 11 ? -0.811  10.206  11.689  1.00 62.71  ? 11  DC  A "C4'" 1 
ATOM   202 O  "O4'" . DC  A 1 11 ? -1.378  8.868   11.635  1.00 70.71  ? 11  DC  A "O4'" 1 
ATOM   203 C  "C3'" . DC  A 1 11 ? -2.002  11.168  11.737  1.00 51.62  ? 11  DC  A "C3'" 1 
ATOM   204 O  "O3'" . DC  A 1 11 ? -2.187  11.774  10.467  1.00 48.75  ? 11  DC  A "O3'" 1 
ATOM   205 C  "C2'" . DC  A 1 11 ? -3.176  10.264  12.096  1.00 49.70  ? 11  DC  A "C2'" 1 
ATOM   206 C  "C1'" . DC  A 1 11 ? -2.767  8.968   11.429  1.00 61.48  ? 11  DC  A "C1'" 1 
ATOM   207 N  N1    . DC  A 1 11 ? -3.432  7.772   12.015  1.00 61.60  ? 11  DC  A N1    1 
ATOM   208 C  C2    . DC  A 1 11 ? -4.649  7.329   11.484  1.00 65.17  ? 11  DC  A C2    1 
ATOM   209 O  O2    . DC  A 1 11 ? -5.149  7.939   10.530  1.00 72.87  ? 11  DC  A O2    1 
ATOM   210 N  N3    . DC  A 1 11 ? -5.245  6.242   12.031  1.00 54.07  ? 11  DC  A N3    1 
ATOM   211 C  C4    . DC  A 1 11 ? -4.673  5.614   13.060  1.00 62.67  ? 11  DC  A C4    1 
ATOM   212 N  N4    . DC  A 1 11 ? -5.298  4.544   13.565  1.00 72.13  ? 11  DC  A N4    1 
ATOM   213 C  C5    . DC  A 1 11 ? -3.434  6.051   13.614  1.00 65.61  ? 11  DC  A C5    1 
ATOM   214 C  C6    . DC  A 1 11 ? -2.856  7.126   13.067  1.00 60.31  ? 11  DC  A C6    1 
ATOM   215 P  P     . DG  A 1 12 ? -2.902  13.208  10.354  1.00 90.23  ? 12  DG  A P     1 
ATOM   216 O  OP1   . DG  A 1 12 ? -2.908  13.586  8.922   1.00 77.28  ? 12  DG  A OP1   1 
ATOM   217 O  OP2   . DG  A 1 12 ? -2.271  14.101  11.350  1.00 102.34 ? 12  DG  A OP2   1 
ATOM   218 O  "O5'" . DG  A 1 12 ? -4.408  12.932  10.825  1.00 107.80 ? 12  DG  A "O5'" 1 
ATOM   219 C  "C5'" . DG  A 1 12 ? -5.296  12.194  9.987   1.00 88.35  ? 12  DG  A "C5'" 1 
ATOM   220 C  "C4'" . DG  A 1 12 ? -6.590  11.864  10.715  1.00 66.83  ? 12  DG  A "C4'" 1 
ATOM   221 O  "O4'" . DG  A 1 12 ? -6.375  10.787  11.667  1.00 58.79  ? 12  DG  A "O4'" 1 
ATOM   222 C  "C3'" . DG  A 1 12 ? -7.203  13.019  11.512  1.00 64.12  ? 12  DG  A "C3'" 1 
ATOM   223 O  "O3'" . DG  A 1 12 ? -8.602  13.028  11.332  1.00 68.30  ? 12  DG  A "O3'" 1 
ATOM   224 C  "C2'" . DG  A 1 12 ? -6.845  12.664  12.953  1.00 56.55  ? 12  DG  A "C2'" 1 
ATOM   225 C  "C1'" . DG  A 1 12 ? -6.944  11.150  12.902  1.00 54.56  ? 12  DG  A "C1'" 1 
ATOM   226 N  N9    . DG  A 1 12 ? -6.222  10.474  13.976  1.00 67.73  ? 12  DG  A N9    1 
ATOM   227 C  C8    . DG  A 1 12 ? -5.140  10.951  14.674  1.00 67.42  ? 12  DG  A C8    1 
ATOM   228 N  N7    . DG  A 1 12 ? -4.702  10.127  15.583  1.00 62.09  ? 12  DG  A N7    1 
ATOM   229 C  C5    . DG  A 1 12 ? -5.555  9.035   15.491  1.00 66.71  ? 12  DG  A C5    1 
ATOM   230 C  C6    . DG  A 1 12 ? -5.573  7.829   16.233  1.00 74.72  ? 12  DG  A C6    1 
ATOM   231 O  O6    . DG  A 1 12 ? -4.813  7.477   17.146  1.00 78.49  ? 12  DG  A O6    1 
ATOM   232 N  N1    . DG  A 1 12 ? -6.605  6.987   15.822  1.00 75.43  ? 12  DG  A N1    1 
ATOM   233 C  C2    . DG  A 1 12 ? -7.504  7.274   14.823  1.00 72.47  ? 12  DG  A C2    1 
ATOM   234 N  N2    . DG  A 1 12 ? -8.429  6.338   14.569  1.00 70.13  ? 12  DG  A N2    1 
ATOM   235 N  N3    . DG  A 1 12 ? -7.498  8.402   14.120  1.00 65.24  ? 12  DG  A N3    1 
ATOM   236 C  C4    . DG  A 1 12 ? -6.499  9.233   14.508  1.00 67.46  ? 12  DG  A C4    1 
ATOM   237 P  P     . DA  A 1 13 ? -9.308  14.156  10.434  1.00 59.40  ? 13  DA  A P     1 
ATOM   238 O  OP1   . DA  A 1 13 ? -8.315  14.639  9.448   1.00 66.50  ? 13  DA  A OP1   1 
ATOM   239 O  OP2   . DA  A 1 13 ? -9.963  15.115  11.351  1.00 74.36  ? 13  DA  A OP2   1 
ATOM   240 O  "O5'" . DA  A 1 13 ? -10.451 13.342  9.671   1.00 56.56  ? 13  DA  A "O5'" 1 
ATOM   241 C  "C5'" . DA  A 1 13 ? -11.604 14.005  9.183   1.00 64.25  ? 13  DA  A "C5'" 1 
ATOM   242 C  "C4'" . DA  A 1 13 ? -12.645 12.991  8.746   1.00 64.35  ? 13  DA  A "C4'" 1 
ATOM   243 O  "O4'" . DA  A 1 13 ? -12.497 11.786  9.540   1.00 67.22  ? 13  DA  A "O4'" 1 
ATOM   244 C  "C3'" . DA  A 1 13 ? -14.090 13.432  8.933   1.00 67.70  ? 13  DA  A "C3'" 1 
ATOM   245 O  "O3'" . DA  A 1 13 ? -14.915 12.837  7.940   1.00 64.66  ? 13  DA  A "O3'" 1 
ATOM   246 C  "C2'" . DA  A 1 13 ? -14.414 12.897  10.321  1.00 75.07  ? 13  DA  A "C2'" 1 
ATOM   247 C  "C1'" . DA  A 1 13 ? -13.657 11.576  10.319  1.00 77.77  ? 13  DA  A "C1'" 1 
ATOM   248 N  N9    . DA  A 1 13 ? -13.237 11.141  11.651  1.00 78.87  ? 13  DA  A N9    1 
ATOM   249 C  C8    . DA  A 1 13 ? -12.102 11.512  12.317  1.00 69.94  ? 13  DA  A C8    1 
ATOM   250 N  N7    . DA  A 1 13 ? -11.981 10.967  13.505  1.00 66.80  ? 13  DA  A N7    1 
ATOM   251 C  C5    . DA  A 1 13 ? -13.121 10.187  13.629  1.00 76.69  ? 13  DA  A C5    1 
ATOM   252 C  C6    . DA  A 1 13 ? -13.591 9.354   14.662  1.00 82.24  ? 13  DA  A C6    1 
ATOM   253 N  N6    . DA  A 1 13 ? -12.935 9.165   15.811  1.00 70.95  ? 13  DA  A N6    1 
ATOM   254 N  N1    . DA  A 1 13 ? -14.766 8.719   14.468  1.00 92.98  ? 13  DA  A N1    1 
ATOM   255 C  C2    . DA  A 1 13 ? -15.419 8.911   13.314  1.00 90.41  ? 13  DA  A C2    1 
ATOM   256 N  N3    . DA  A 1 13 ? -15.077 9.669   12.272  1.00 82.44  ? 13  DA  A N3    1 
ATOM   257 C  C4    . DA  A 1 13 ? -13.906 10.286  12.496  1.00 80.54  ? 13  DA  A C4    1 
ATOM   258 P  P     . DT  A 1 14 ? -14.924 13.420  6.444   1.00 87.34  ? 14  DT  A P     1 
ATOM   259 O  OP1   . DT  A 1 14 ? -14.441 14.817  6.504   1.00 60.27  ? 14  DT  A OP1   1 
ATOM   260 O  "O5'" . DT  A 1 14 ? -13.845 12.524  5.672   1.00 55.11  ? 14  DT  A "O5'" 1 
ATOM   261 O  "O5'" . DA  B 1 1  ? 13.471  -12.554 -12.346 1.00 41.31  ? 1   DA  B "O5'" 1 
ATOM   262 C  "C5'" . DA  B 1 1  ? 13.719  -13.686 -13.171 1.00 44.23  ? 1   DA  B "C5'" 1 
ATOM   263 C  "C4'" . DA  B 1 1  ? 12.527  -14.626 -13.165 1.00 40.46  ? 1   DA  B "C4'" 1 
ATOM   264 O  "O4'" . DA  B 1 1  ? 11.423  -14.012 -13.882 1.00 43.88  ? 1   DA  B "O4'" 1 
ATOM   265 C  "C3'" . DA  B 1 1  ? 12.764  -15.968 -13.849 1.00 36.82  ? 1   DA  B "C3'" 1 
ATOM   266 O  "O3'" . DA  B 1 1  ? 11.968  -16.975 -13.235 1.00 64.55  ? 1   DA  B "O3'" 1 
ATOM   267 C  "C2'" . DA  B 1 1  ? 12.303  -15.688 -15.274 1.00 20.54  ? 1   DA  B "C2'" 1 
ATOM   268 C  "C1'" . DA  B 1 1  ? 11.103  -14.785 -15.021 1.00 27.73  ? 1   DA  B "C1'" 1 
ATOM   269 N  N9    . DA  B 1 1  ? 10.801  -13.881 -16.129 1.00 35.39  ? 1   DA  B N9    1 
ATOM   270 C  C8    . DA  B 1 1  ? 11.509  -12.774 -16.506 1.00 25.08  ? 1   DA  B C8    1 
ATOM   271 N  N7    . DA  B 1 1  ? 10.999  -12.148 -17.542 1.00 25.22  ? 1   DA  B N7    1 
ATOM   272 C  C5    . DA  B 1 1  ? 9.876   -12.895 -17.864 1.00 36.52  ? 1   DA  B C5    1 
ATOM   273 C  C6    . DA  B 1 1  ? 8.899   -12.757 -18.870 1.00 41.27  ? 1   DA  B C6    1 
ATOM   274 N  N6    . DA  B 1 1  ? 8.905   -11.770 -19.772 1.00 26.53  ? 1   DA  B N6    1 
ATOM   275 N  N1    . DA  B 1 1  ? 7.912   -13.676 -18.912 1.00 45.45  ? 1   DA  B N1    1 
ATOM   276 C  C2    . DA  B 1 1  ? 7.909   -14.663 -18.008 1.00 36.70  ? 1   DA  B C2    1 
ATOM   277 N  N3    . DA  B 1 1  ? 8.771   -14.896 -17.019 1.00 38.73  ? 1   DA  B N3    1 
ATOM   278 C  C4    . DA  B 1 1  ? 9.740   -13.966 -17.001 1.00 38.29  ? 1   DA  B C4    1 
ATOM   279 P  P     . DC  B 1 2  ? 12.517  -18.482 -13.115 1.00 77.00  ? 2   DC  B P     1 
ATOM   280 O  OP1   . DC  B 1 2  ? 13.951  -18.461 -13.476 1.00 64.61  ? 2   DC  B OP1   1 
ATOM   281 O  OP2   . DC  B 1 2  ? 11.586  -19.363 -13.854 1.00 64.94  ? 2   DC  B OP2   1 
ATOM   282 O  "O5'" . DC  B 1 2  ? 12.384  -18.820 -11.556 1.00 58.99  ? 2   DC  B "O5'" 1 
ATOM   283 C  "C5'" . DC  B 1 2  ? 13.219  -18.165 -10.608 1.00 62.94  ? 2   DC  B "C5'" 1 
ATOM   284 C  "C4'" . DC  B 1 2  ? 12.736  -18.423 -9.191  1.00 84.24  ? 2   DC  B "C4'" 1 
ATOM   285 O  "O4'" . DC  B 1 2  ? 12.480  -19.840 -9.018  1.00 98.83  ? 2   DC  B "O4'" 1 
ATOM   286 C  "C3'" . DC  B 1 2  ? 13.731  -18.056 -8.101  1.00 86.48  ? 2   DC  B "C3'" 1 
ATOM   287 O  "O3'" . DC  B 1 2  ? 13.534  -16.709 -7.709  1.00 75.41  ? 2   DC  B "O3'" 1 
ATOM   288 C  "C2'" . DC  B 1 2  ? 13.354  -19.020 -6.984  1.00 89.04  ? 2   DC  B "C2'" 1 
ATOM   289 C  "C1'" . DC  B 1 2  ? 12.998  -20.276 -7.774  1.00 90.38  ? 2   DC  B "C1'" 1 
ATOM   290 P  P     . DT  B 1 3  ? 14.792  -15.734 -7.487  1.00 89.82  ? 3   DT  B P     1 
ATOM   291 O  OP1   . DT  B 1 3  ? 15.814  -16.082 -8.501  1.00 82.65  ? 3   DT  B OP1   1 
ATOM   292 O  OP2   . DT  B 1 3  ? 15.139  -15.750 -6.049  1.00 92.40  ? 3   DT  B OP2   1 
ATOM   293 O  "O5'" . DT  B 1 3  ? 14.202  -14.292 -7.835  1.00 48.71  ? 3   DT  B "O5'" 1 
ATOM   294 C  "C5'" . DT  B 1 3  ? 13.419  -14.126 -9.006  1.00 22.51  ? 3   DT  B "C5'" 1 
ATOM   295 C  "C4'" . DT  B 1 3  ? 12.609  -12.848 -8.943  1.00 24.00  ? 3   DT  B "C4'" 1 
ATOM   296 O  "O4'" . DT  B 1 3  ? 11.383  -13.029 -9.699  1.00 37.19  ? 3   DT  B "O4'" 1 
ATOM   297 C  "C3'" . DT  B 1 3  ? 12.170  -12.431 -7.545  1.00 18.60  ? 3   DT  B "C3'" 1 
ATOM   298 O  "O3'" . DT  B 1 3  ? 12.061  -11.017 -7.480  1.00 25.29  ? 3   DT  B "O3'" 1 
ATOM   299 C  "C2'" . DT  B 1 3  ? 10.807  -13.101 -7.420  1.00 18.82  ? 3   DT  B "C2'" 1 
ATOM   300 C  "C1'" . DT  B 1 3  ? 10.266  -12.941 -8.834  1.00 26.48  ? 3   DT  B "C1'" 1 
ATOM   301 N  N1    . DT  B 1 3  ? 9.290   -14.000 -9.218  1.00 46.92  ? 3   DT  B N1    1 
ATOM   302 C  C2    . DT  B 1 3  ? 8.127   -13.641 -9.856  1.00 57.89  ? 3   DT  B C2    1 
ATOM   303 O  O2    . DT  B 1 3  ? 7.849   -12.491 -10.136 1.00 36.66  ? 3   DT  B O2    1 
ATOM   304 N  N3    . DT  B 1 3  ? 7.296   -14.685 -10.164 1.00 78.81  ? 3   DT  B N3    1 
ATOM   305 C  C4    . DT  B 1 3  ? 7.507   -16.024 -9.899  1.00 83.42  ? 3   DT  B C4    1 
ATOM   306 O  O4    . DT  B 1 3  ? 6.698   -16.889 -10.215 1.00 89.57  ? 3   DT  B O4    1 
ATOM   307 C  C5    . DT  B 1 3  ? 8.745   -16.333 -9.224  1.00 78.45  ? 3   DT  B C5    1 
ATOM   308 C  C7    . DT  B 1 3  ? 9.085   -17.753 -8.882  1.00 86.27  ? 3   DT  B C7    1 
ATOM   309 C  C6    . DT  B 1 3  ? 9.565   -15.317 -8.918  1.00 62.63  ? 3   DT  B C6    1 
ATOM   310 P  P     . DC  B 1 4  ? 12.578  -10.217 -6.185  1.00 28.13  ? 4   DC  B P     1 
ATOM   311 O  OP1   . DC  B 1 4  ? 13.993  -10.587 -5.963  1.00 47.23  ? 4   DC  B OP1   1 
ATOM   312 O  OP2   . DC  B 1 4  ? 11.587  -10.412 -5.104  1.00 21.54  ? 4   DC  B OP2   1 
ATOM   313 O  "O5'" . DC  B 1 4  ? 12.505  -8.684  -6.634  1.00 25.66  ? 4   DC  B "O5'" 1 
ATOM   314 C  "C5'" . DC  B 1 4  ? 13.454  -8.174  -7.560  1.00 11.56  ? 4   DC  B "C5'" 1 
ATOM   315 C  "C4'" . DC  B 1 4  ? 12.972  -6.873  -8.180  1.00 11.89  ? 4   DC  B "C4'" 1 
ATOM   316 O  "O4'" . DC  B 1 4  ? 11.788  -7.125  -8.985  1.00 32.82  ? 4   DC  B "O4'" 1 
ATOM   317 C  "C3'" . DC  B 1 4  ? 12.577  -5.778  -7.186  1.00 16.67  ? 4   DC  B "C3'" 1 
ATOM   318 O  "O3'" . DC  B 1 4  ? 12.995  -4.513  -7.677  1.00 20.91  ? 4   DC  B "O3'" 1 
ATOM   319 C  "C2'" . DC  B 1 4  ? 11.057  -5.881  -7.155  1.00 20.18  ? 4   DC  B "C2'" 1 
ATOM   320 C  "C1'" . DC  B 1 4  ? 10.768  -6.227  -8.604  1.00 31.82  ? 4   DC  B "C1'" 1 
ATOM   321 N  N1    . DC  B 1 4  ? 9.452   -6.880  -8.811  1.00 30.82  ? 4   DC  B N1    1 
ATOM   322 C  C2    . DC  B 1 4  ? 8.475   -6.237  -9.578  1.00 32.64  ? 4   DC  B C2    1 
ATOM   323 O  O2    . DC  B 1 4  ? 8.731   -5.136  -10.080 1.00 35.82  ? 4   DC  B O2    1 
ATOM   324 N  N3    . DC  B 1 4  ? 7.276   -6.844  -9.755  1.00 32.61  ? 4   DC  B N3    1 
ATOM   325 C  C4    . DC  B 1 4  ? 7.042   -8.032  -9.198  1.00 36.62  ? 4   DC  B C4    1 
ATOM   326 N  N4    . DC  B 1 4  ? 5.844   -8.592  -9.400  1.00 34.98  ? 4   DC  B N4    1 
ATOM   327 C  C5    . DC  B 1 4  ? 8.026   -8.700  -8.412  1.00 33.44  ? 4   DC  B C5    1 
ATOM   328 C  C6    . DC  B 1 4  ? 9.204   -8.092  -8.244  1.00 31.88  ? 4   DC  B C6    1 
ATOM   329 P  P     . DG  B 1 5  ? 13.171  -3.271  -6.675  1.00 30.91  ? 5   DG  B P     1 
ATOM   330 O  OP1   . DG  B 1 5  ? 13.840  -2.185  -7.426  1.00 36.36  ? 5   DG  B OP1   1 
ATOM   331 O  OP2   . DG  B 1 5  ? 13.770  -3.787  -5.423  1.00 35.15  ? 5   DG  B OP2   1 
ATOM   332 O  "O5'" . DG  B 1 5  ? 11.671  -2.817  -6.351  1.00 27.04  ? 5   DG  B "O5'" 1 
ATOM   333 C  "C5'" . DG  B 1 5  ? 10.859  -2.254  -7.378  1.00 38.01  ? 5   DG  B "C5'" 1 
ATOM   334 C  "C4'" . DG  B 1 5  ? 9.443   -2.014  -6.882  1.00 26.69  ? 5   DG  B "C4'" 1 
ATOM   335 O  "O4'" . DG  B 1 5  ? 8.697   -3.262  -6.901  1.00 28.38  ? 5   DG  B "O4'" 1 
ATOM   336 C  "C3'" . DG  B 1 5  ? 9.336   -1.485  -5.449  1.00 22.73  ? 5   DG  B "C3'" 1 
ATOM   337 O  "O3'" . DG  B 1 5  ? 8.305   -0.507  -5.367  1.00 31.65  ? 5   DG  B "O3'" 1 
ATOM   338 C  "C2'" . DG  B 1 5  ? 8.977   -2.736  -4.656  1.00 29.25  ? 5   DG  B "C2'" 1 
ATOM   339 C  "C1'" . DG  B 1 5  ? 8.077   -3.443  -5.649  1.00 29.80  ? 5   DG  B "C1'" 1 
ATOM   340 N  N9    . DG  B 1 5  ? 7.932   -4.873  -5.393  1.00 40.15  ? 5   DG  B N9    1 
ATOM   341 C  C8    . DG  B 1 5  ? 8.761   -5.665  -4.639  1.00 18.27  ? 5   DG  B C8    1 
ATOM   342 N  N7    . DG  B 1 5  ? 8.376   -6.911  -4.581  1.00 13.87  ? 5   DG  B N7    1 
ATOM   343 C  C5    . DG  B 1 5  ? 7.214   -6.943  -5.339  1.00 12.79  ? 5   DG  B C5    1 
ATOM   344 C  C6    . DG  B 1 5  ? 6.351   -8.022  -5.637  1.00 22.74  ? 5   DG  B C6    1 
ATOM   345 O  O6    . DG  B 1 5  ? 6.448   -9.204  -5.276  1.00 35.56  ? 5   DG  B O6    1 
ATOM   346 N  N1    . DG  B 1 5  ? 5.286   -7.624  -6.441  1.00 24.13  ? 5   DG  B N1    1 
ATOM   347 C  C2    . DG  B 1 5  ? 5.083   -6.343  -6.899  1.00 22.02  ? 5   DG  B C2    1 
ATOM   348 N  N2    . DG  B 1 5  ? 3.998   -6.151  -7.663  1.00 27.09  ? 5   DG  B N2    1 
ATOM   349 N  N3    . DG  B 1 5  ? 5.884   -5.323  -6.627  1.00 21.86  ? 5   DG  B N3    1 
ATOM   350 C  C4    . DG  B 1 5  ? 6.926   -5.694  -5.845  1.00 30.80  ? 5   DG  B C4    1 
ATOM   351 P  P     . DG  B 1 6  ? 8.255   0.513   -4.125  1.00 36.50  ? 6   DG  B P     1 
ATOM   352 O  OP1   . DG  B 1 6  ? 7.166   1.483   -4.385  1.00 20.66  ? 6   DG  B OP1   1 
ATOM   353 O  OP2   . DG  B 1 6  ? 9.632   0.999   -3.888  1.00 52.17  ? 6   DG  B OP2   1 
ATOM   354 O  "O5'" . DG  B 1 6  ? 7.841   -0.416  -2.889  1.00 36.19  ? 6   DG  B "O5'" 1 
ATOM   355 C  "C5'" . DG  B 1 6  ? 7.869   0.098   -1.566  1.00 24.16  ? 6   DG  B "C5'" 1 
ATOM   356 C  "C4'" . DG  B 1 6  ? 6.482   0.527   -1.130  1.00 25.16  ? 6   DG  B "C4'" 1 
ATOM   357 O  "O4'" . DG  B 1 6  ? 5.583   -0.615  -1.172  1.00 25.89  ? 6   DG  B "O4'" 1 
ATOM   358 C  "C3'" . DG  B 1 6  ? 6.395   1.068   0.292   1.00 37.40  ? 6   DG  B "C3'" 1 
ATOM   359 O  "O3'" . DG  B 1 6  ? 5.391   2.067   0.362   1.00 48.77  ? 6   DG  B "O3'" 1 
ATOM   360 C  "C2'" . DG  B 1 6  ? 6.010   -0.169  1.093   1.00 37.04  ? 6   DG  B "C2'" 1 
ATOM   361 C  "C1'" . DG  B 1 6  ? 5.070   -0.866  0.122   1.00 38.99  ? 6   DG  B "C1'" 1 
ATOM   362 N  N9    . DG  B 1 6  ? 4.984   -2.311  0.322   1.00 40.20  ? 6   DG  B N9    1 
ATOM   363 C  C8    . DG  B 1 6  ? 5.870   -3.107  1.007   1.00 40.92  ? 6   DG  B C8    1 
ATOM   364 N  N7    . DG  B 1 6  ? 5.530   -4.366  1.027   1.00 36.73  ? 6   DG  B N7    1 
ATOM   365 C  C5    . DG  B 1 6  ? 4.338   -4.408  0.317   1.00 27.56  ? 6   DG  B C5    1 
ATOM   366 C  C6    . DG  B 1 6  ? 3.499   -5.506  0.008   1.00 39.47  ? 6   DG  B C6    1 
ATOM   367 O  O6    . DG  B 1 6  ? 3.650   -6.697  0.314   1.00 49.66  ? 6   DG  B O6    1 
ATOM   368 N  N1    . DG  B 1 6  ? 2.389   -5.114  -0.733  1.00 41.11  ? 6   DG  B N1    1 
ATOM   369 C  C2    . DG  B 1 6  ? 2.122   -3.823  -1.127  1.00 35.87  ? 6   DG  B C2    1 
ATOM   370 N  N2    . DG  B 1 6  ? 1.000   -3.639  -1.838  1.00 40.46  ? 6   DG  B N2    1 
ATOM   371 N  N3    . DG  B 1 6  ? 2.899   -2.786  -0.845  1.00 33.08  ? 6   DG  B N3    1 
ATOM   372 C  C4    . DG  B 1 6  ? 3.986   -3.152  -0.123  1.00 25.60  ? 6   DG  B C4    1 
ATOM   373 P  P     . DA  B 1 7  ? 5.230   2.968   1.680   1.00 38.94  ? 7   DA  B P     1 
ATOM   374 O  OP1   . DA  B 1 7  ? 6.587   3.339   2.143   1.00 45.21  ? 7   DA  B OP1   1 
ATOM   375 O  OP2   . DA  B 1 7  ? 4.312   2.258   2.597   1.00 50.47  ? 7   DA  B OP2   1 
ATOM   376 O  "O5'" . DA  B 1 7  ? 4.486   4.281   1.153   1.00 38.49  ? 7   DA  B "O5'" 1 
ATOM   377 C  "C5'" . DA  B 1 7  ? 5.180   5.198   0.314   1.00 44.85  ? 7   DA  B "C5'" 1 
ATOM   378 C  "C4'" . DA  B 1 7  ? 4.376   5.514   -0.935  1.00 40.70  ? 7   DA  B "C4'" 1 
ATOM   379 O  "O4'" . DA  B 1 7  ? 4.001   4.281   -1.598  1.00 39.62  ? 7   DA  B "O4'" 1 
ATOM   380 C  "C3'" . DA  B 1 7  ? 3.056   6.217   -0.693  1.00 42.10  ? 7   DA  B "C3'" 1 
ATOM   381 O  "O3'" . DA  B 1 7  ? 3.251   7.616   -0.550  1.00 46.51  ? 7   DA  B "O3'" 1 
ATOM   382 C  "C2'" . DA  B 1 7  ? 2.307   5.891   -1.977  1.00 37.31  ? 7   DA  B "C2'" 1 
ATOM   383 C  "C1'" . DA  B 1 7  ? 2.735   4.446   -2.220  1.00 31.20  ? 7   DA  B "C1'" 1 
ATOM   384 N  N9    . DA  B 1 7  ? 1.805   3.473   -1.654  1.00 35.14  ? 7   DA  B N9    1 
ATOM   385 C  C8    . DA  B 1 7  ? 2.068   2.547   -0.683  1.00 52.70  ? 7   DA  B C8    1 
ATOM   386 N  N7    . DA  B 1 7  ? 1.032   1.807   -0.365  1.00 55.43  ? 7   DA  B N7    1 
ATOM   387 C  C5    . DA  B 1 7  ? 0.016   2.286   -1.176  1.00 43.89  ? 7   DA  B C5    1 
ATOM   388 C  C6    . DA  B 1 7  ? -1.336  1.923   -1.320  1.00 49.72  ? 7   DA  B C6    1 
ATOM   389 N  N6    . DA  B 1 7  ? -1.916  0.945   -0.613  1.00 42.08  ? 7   DA  B N6    1 
ATOM   390 N  N1    . DA  B 1 7  ? -2.075  2.604   -2.221  1.00 58.38  ? 7   DA  B N1    1 
ATOM   391 C  C2    . DA  B 1 7  ? -1.493  3.582   -2.925  1.00 43.35  ? 7   DA  B C2    1 
ATOM   392 N  N3    . DA  B 1 7  ? -0.233  4.012   -2.878  1.00 32.70  ? 7   DA  B N3    1 
ATOM   393 C  C4    . DA  B 1 7  ? 0.476   3.318   -1.974  1.00 31.33  ? 7   DA  B C4    1 
ATOM   394 P  P     . DC  B 1 8  ? 2.557   8.404   0.667   1.00 59.51  ? 8   DC  B P     1 
ATOM   395 O  OP1   . DC  B 1 8  ? 2.602   9.850   0.353   1.00 56.27  ? 8   DC  B OP1   1 
ATOM   396 O  OP2   . DC  B 1 8  ? 3.163   7.899   1.919   1.00 65.91  ? 8   DC  B OP2   1 
ATOM   397 O  "O5'" . DC  B 1 8  ? 1.034   7.908   0.636   1.00 29.61  ? 8   DC  B "O5'" 1 
ATOM   398 C  "C5'" . DC  B 1 8  ? 0.178   8.275   -0.442  1.00 23.92  ? 8   DC  B "C5'" 1 
ATOM   399 C  "C4'" . DC  B 1 8  ? -0.900  7.225   -0.650  1.00 37.24  ? 8   DC  B "C4'" 1 
ATOM   400 O  "O4'" . DC  B 1 8  ? -0.387  5.922   -0.256  1.00 62.45  ? 8   DC  B "O4'" 1 
ATOM   401 C  "C3'" . DC  B 1 8  ? -2.175  7.438   0.164   1.00 31.20  ? 8   DC  B "C3'" 1 
ATOM   402 O  "O3'" . DC  B 1 8  ? -3.313  7.061   -0.600  1.00 39.75  ? 8   DC  B "O3'" 1 
ATOM   403 C  "C2'" . DC  B 1 8  ? -1.976  6.510   1.355   1.00 27.08  ? 8   DC  B "C2'" 1 
ATOM   404 C  "C1'" . DC  B 1 8  ? -1.239  5.349   0.712   1.00 47.57  ? 8   DC  B "C1'" 1 
ATOM   405 N  N1    . DC  B 1 8  ? -0.410  4.567   1.675   1.00 31.86  ? 8   DC  B N1    1 
ATOM   406 C  C2    . DC  B 1 8  ? -0.845  3.305   2.095   1.00 31.79  ? 8   DC  B C2    1 
ATOM   407 O  O2    . DC  B 1 8  ? -1.910  2.858   1.655   1.00 35.29  ? 8   DC  B O2    1 
ATOM   408 N  N3    . DC  B 1 8  ? -0.084  2.607   2.974   1.00 39.90  ? 8   DC  B N3    1 
ATOM   409 C  C4    . DC  B 1 8  ? 1.059   3.125   3.426   1.00 46.81  ? 8   DC  B C4    1 
ATOM   410 N  N4    . DC  B 1 8  ? 1.775   2.398   4.291   1.00 48.90  ? 8   DC  B N4    1 
ATOM   411 C  C5    . DC  B 1 8  ? 1.518   4.410   3.010   1.00 39.28  ? 8   DC  B C5    1 
ATOM   412 C  C6    . DC  B 1 8  ? 0.759   5.089   2.143   1.00 31.19  ? 8   DC  B C6    1 
ATOM   413 P  P     . DG  B 1 9  ? -4.729  7.772   -0.334  1.00 102.47 ? 9   DG  B P     1 
ATOM   414 O  OP1   . DG  B 1 9  ? -5.683  7.266   -1.347  1.00 99.61  ? 9   DG  B OP1   1 
ATOM   415 O  OP2   . DG  B 1 9  ? -4.477  9.226   -0.217  1.00 106.54 ? 9   DG  B OP2   1 
ATOM   416 O  "O5'" . DG  B 1 9  ? -5.187  7.216   1.095   1.00 75.06  ? 9   DG  B "O5'" 1 
ATOM   417 C  "C5'" . DG  B 1 9  ? -5.641  5.875   1.228   1.00 72.44  ? 9   DG  B "C5'" 1 
ATOM   418 C  "C4'" . DG  B 1 9  ? -5.804  5.502   2.692   1.00 73.84  ? 9   DG  B "C4'" 1 
ATOM   419 O  "O4'" . DG  B 1 9  ? -4.497  5.325   3.299   1.00 74.40  ? 9   DG  B "O4'" 1 
ATOM   420 C  "C3'" . DG  B 1 9  ? -6.538  6.538   3.548   1.00 81.38  ? 9   DG  B "C3'" 1 
ATOM   421 O  "O3'" . DG  B 1 9  ? -7.452  5.885   4.415   1.00 87.05  ? 9   DG  B "O3'" 1 
ATOM   422 C  "C2'" . DG  B 1 9  ? -5.409  7.207   4.331   1.00 76.88  ? 9   DG  B "C2'" 1 
ATOM   423 C  "C1'" . DG  B 1 9  ? -4.439  6.050   4.505   1.00 67.56  ? 9   DG  B "C1'" 1 
ATOM   424 N  N9    . DG  B 1 9  ? -3.058  6.468   4.729   1.00 60.32  ? 9   DG  B N9    1 
ATOM   425 C  C8    . DG  B 1 9  ? -2.510  7.698   4.455   1.00 49.84  ? 9   DG  B C8    1 
ATOM   426 N  N7    . DG  B 1 9  ? -1.243  7.782   4.758   1.00 53.36  ? 9   DG  B N7    1 
ATOM   427 C  C5    . DG  B 1 9  ? -0.931  6.528   5.266   1.00 52.81  ? 9   DG  B C5    1 
ATOM   428 C  C6    . DG  B 1 9  ? 0.297   6.023   5.760   1.00 47.37  ? 9   DG  B C6    1 
ATOM   429 O  O6    . DG  B 1 9  ? 1.387   6.606   5.850   1.00 57.18  ? 9   DG  B O6    1 
ATOM   430 N  N1    . DG  B 1 9  ? 0.178   4.700   6.178   1.00 46.32  ? 9   DG  B N1    1 
ATOM   431 C  C2    . DG  B 1 9  ? -0.978  3.958   6.124   1.00 54.42  ? 9   DG  B C2    1 
ATOM   432 N  N2    . DG  B 1 9  ? -0.896  2.697   6.574   1.00 66.65  ? 9   DG  B N2    1 
ATOM   433 N  N3    . DG  B 1 9  ? -2.135  4.419   5.664   1.00 44.43  ? 9   DG  B N3    1 
ATOM   434 C  C4    . DG  B 1 9  ? -2.036  5.707   5.253   1.00 58.11  ? 9   DG  B C4    1 
ATOM   435 P  P     . DA  B 1 10 ? -8.731  6.669   4.989   1.00 85.84  ? 10  DA  B P     1 
ATOM   436 O  OP1   . DA  B 1 10 ? -9.289  7.482   3.886   1.00 71.67  ? 10  DA  B OP1   1 
ATOM   437 O  OP2   . DA  B 1 10 ? -8.335  7.326   6.255   1.00 88.29  ? 10  DA  B OP2   1 
ATOM   438 O  "O5'" . DA  B 1 10 ? -9.762  5.496   5.336   1.00 72.40  ? 10  DA  B "O5'" 1 
ATOM   439 C  "C5'" . DA  B 1 10 ? -10.154 4.582   4.315   1.00 66.28  ? 10  DA  B "C5'" 1 
ATOM   440 C  "C4'" . DA  B 1 10 ? -10.094 3.152   4.818   1.00 68.86  ? 10  DA  B "C4'" 1 
ATOM   441 O  "O4'" . DA  B 1 10 ? -8.711  2.750   4.955   1.00 78.89  ? 10  DA  B "O4'" 1 
ATOM   442 C  "C3'" . DA  B 1 10 ? -10.730 2.921   6.179   1.00 65.30  ? 10  DA  B "C3'" 1 
ATOM   443 O  "O3'" . DA  B 1 10 ? -12.096 2.572   6.002   1.00 68.21  ? 10  DA  B "O3'" 1 
ATOM   444 C  "C2'" . DA  B 1 10 ? -9.922  1.750   6.735   1.00 63.78  ? 10  DA  B "C2'" 1 
ATOM   445 C  "C1'" . DA  B 1 10 ? -8.536  1.989   6.134   1.00 71.61  ? 10  DA  B "C1'" 1 
ATOM   446 N  N9    . DA  B 1 10 ? -7.619  2.709   7.013   1.00 67.40  ? 10  DA  B N9    1 
ATOM   447 C  C8    . DA  B 1 10 ? -7.108  3.961   6.819   1.00 58.13  ? 10  DA  B C8    1 
ATOM   448 N  N7    . DA  B 1 10 ? -6.294  4.356   7.769   1.00 53.35  ? 10  DA  B N7    1 
ATOM   449 C  C5    . DA  B 1 10 ? -6.263  3.283   8.644   1.00 53.88  ? 10  DA  B C5    1 
ATOM   450 C  C6    . DA  B 1 10 ? -5.582  3.069   9.858   1.00 56.95  ? 10  DA  B C6    1 
ATOM   451 N  N6    . DA  B 1 10 ? -4.768  3.972   10.414  1.00 68.26  ? 10  DA  B N6    1 
ATOM   452 N  N1    . DA  B 1 10 ? -5.770  1.887   10.481  1.00 59.28  ? 10  DA  B N1    1 
ATOM   453 C  C2    . DA  B 1 10 ? -6.585  0.987   9.922   1.00 64.34  ? 10  DA  B C2    1 
ATOM   454 N  N3    . DA  B 1 10 ? -7.279  1.074   8.788   1.00 65.01  ? 10  DA  B N3    1 
ATOM   455 C  C4    . DA  B 1 10 ? -7.070  2.258   8.192   1.00 62.02  ? 10  DA  B C4    1 
ATOM   456 P  P     . DC  B 1 11 ? -13.169 2.837   7.168   1.00 75.51  ? 11  DC  B P     1 
ATOM   457 O  OP1   . DC  B 1 11 ? -14.516 2.704   6.569   1.00 67.40  ? 11  DC  B OP1   1 
ATOM   458 O  OP2   . DC  B 1 11 ? -12.791 4.094   7.851   1.00 80.26  ? 11  DC  B OP2   1 
ATOM   459 O  "O5'" . DC  B 1 11 ? -12.944 1.630   8.192   1.00 61.16  ? 11  DC  B "O5'" 1 
ATOM   460 C  "C5'" . DC  B 1 11 ? -13.370 1.766   9.540   1.00 67.71  ? 11  DC  B "C5'" 1 
ATOM   461 C  "C4'" . DC  B 1 11 ? -12.210 1.581   10.500  1.00 63.69  ? 11  DC  B "C4'" 1 
ATOM   462 O  "O4'" . DC  B 1 11 ? -11.058 2.322   10.025  1.00 67.88  ? 11  DC  B "O4'" 1 
ATOM   463 C  "C3'" . DC  B 1 11 ? -12.477 2.066   11.929  1.00 62.87  ? 11  DC  B "C3'" 1 
ATOM   464 O  "O3'" . DC  B 1 11 ? -12.075 1.077   12.871  1.00 67.51  ? 11  DC  B "O3'" 1 
ATOM   465 C  "C2'" . DC  B 1 11 ? -11.623 3.328   12.041  1.00 58.57  ? 11  DC  B "C2'" 1 
ATOM   466 C  "C1'" . DC  B 1 11 ? -10.473 3.002   11.105  1.00 60.67  ? 11  DC  B "C1'" 1 
ATOM   467 N  N1    . DC  B 1 11 ? -9.772  4.205   10.582  1.00 49.29  ? 11  DC  B N1    1 
ATOM   468 C  C2    . DC  B 1 11 ? -8.638  4.689   11.244  1.00 50.62  ? 11  DC  B C2    1 
ATOM   469 O  O2    . DC  B 1 11 ? -8.236  4.103   12.257  1.00 58.31  ? 11  DC  B O2    1 
ATOM   470 N  N3    . DC  B 1 11 ? -8.011  5.786   10.753  1.00 46.68  ? 11  DC  B N3    1 
ATOM   471 C  C4    . DC  B 1 11 ? -8.477  6.387   9.657   1.00 53.15  ? 11  DC  B C4    1 
ATOM   472 N  N4    . DC  B 1 11 ? -7.827  7.467   9.211   1.00 54.20  ? 11  DC  B N4    1 
ATOM   473 C  C5    . DC  B 1 11 ? -9.632  5.910   8.970   1.00 52.84  ? 11  DC  B C5    1 
ATOM   474 C  C6    . DC  B 1 11 ? -10.241 4.827   9.463   1.00 44.14  ? 11  DC  B C6    1 
ATOM   475 P  P     . DG  B 1 12 ? -12.861 0.926   14.265  1.00 102.01 ? 12  DG  B P     1 
ATOM   476 O  OP1   . DG  B 1 12 ? -12.238 -0.186  15.018  1.00 92.48  ? 12  DG  B OP1   1 
ATOM   477 O  OP2   . DG  B 1 12 ? -14.307 0.886   13.952  1.00 91.70  ? 12  DG  B OP2   1 
ATOM   478 O  "O5'" . DG  B 1 12 ? -12.571 2.303   15.027  1.00 53.86  ? 12  DG  B "O5'" 1 
ATOM   479 C  "C5'" . DG  B 1 12 ? -11.274 2.574   15.545  1.00 42.86  ? 12  DG  B "C5'" 1 
ATOM   480 C  "C4'" . DG  B 1 12 ? -11.150 4.032   15.952  1.00 42.59  ? 12  DG  B "C4'" 1 
ATOM   481 O  "O4'" . DG  B 1 12 ? -11.183 4.869   14.766  1.00 57.58  ? 12  DG  B "O4'" 1 
ATOM   482 C  "C3'" . DG  B 1 12 ? -12.259 4.550   16.870  1.00 45.01  ? 12  DG  B "C3'" 1 
ATOM   483 O  "O3'" . DG  B 1 12 ? -11.703 5.377   17.880  1.00 43.93  ? 12  DG  B "O3'" 1 
ATOM   484 C  "C2'" . DG  B 1 12 ? -13.149 5.352   15.923  1.00 63.65  ? 12  DG  B "C2'" 1 
ATOM   485 C  "C1'" . DG  B 1 12 ? -12.126 5.900   14.943  1.00 65.60  ? 12  DG  B "C1'" 1 
ATOM   486 N  N9    . DG  B 1 12 ? -12.695 6.237   13.641  1.00 66.28  ? 12  DG  B N9    1 
ATOM   487 C  C8    . DG  B 1 12 ? -13.875 5.775   13.108  1.00 65.04  ? 12  DG  B C8    1 
ATOM   488 N  N7    . DG  B 1 12 ? -14.130 6.248   11.920  1.00 69.85  ? 12  DG  B N7    1 
ATOM   489 C  C5    . DG  B 1 12 ? -13.047 7.073   11.642  1.00 63.90  ? 12  DG  B C5    1 
ATOM   490 C  C6    . DG  B 1 12 ? -12.768 7.855   10.496  1.00 55.37  ? 12  DG  B C6    1 
ATOM   491 O  O6    . DG  B 1 12 ? -13.445 7.977   9.466   1.00 52.50  ? 12  DG  B O6    1 
ATOM   492 N  N1    . DG  B 1 12 ? -11.562 8.542   10.622  1.00 54.70  ? 12  DG  B N1    1 
ATOM   493 C  C2    . DG  B 1 12 ? -10.734 8.480   11.718  1.00 60.30  ? 12  DG  B C2    1 
ATOM   494 N  N2    . DG  B 1 12 ? -9.612  9.215   11.658  1.00 65.71  ? 12  DG  B N2    1 
ATOM   495 N  N3    . DG  B 1 12 ? -10.984 7.752   12.798  1.00 60.75  ? 12  DG  B N3    1 
ATOM   496 C  C4    . DG  B 1 12 ? -12.154 7.076   12.690  1.00 64.52  ? 12  DG  B C4    1 
ATOM   497 P  P     . DA  B 1 13 ? -11.742 4.916   19.418  1.00 57.76  ? 13  DA  B P     1 
ATOM   498 O  OP1   . DA  B 1 13 ? -11.843 3.440   19.443  1.00 68.40  ? 13  DA  B OP1   1 
ATOM   499 O  OP2   . DA  B 1 13 ? -12.765 5.738   20.104  1.00 50.55  ? 13  DA  B OP2   1 
ATOM   500 O  "O5'" . DA  B 1 13 ? -10.307 5.348   19.979  1.00 68.34  ? 13  DA  B "O5'" 1 
ATOM   501 C  "C5'" . DA  B 1 13 ? -9.158  4.572   19.659  1.00 65.44  ? 13  DA  B "C5'" 1 
ATOM   502 C  "C4'" . DA  B 1 13 ? -7.875  5.346   19.930  1.00 67.86  ? 13  DA  B "C4'" 1 
ATOM   503 O  "O4'" . DA  B 1 13 ? -7.632  6.276   18.842  1.00 67.76  ? 13  DA  B "O4'" 1 
ATOM   504 C  "C3'" . DA  B 1 13 ? -7.872  6.182   21.207  1.00 69.17  ? 13  DA  B "C3'" 1 
ATOM   505 O  "O3'" . DA  B 1 13 ? -6.573  6.172   21.789  1.00 81.63  ? 13  DA  B "O3'" 1 
ATOM   506 C  "C2'" . DA  B 1 13 ? -8.238  7.574   20.699  1.00 63.80  ? 13  DA  B "C2'" 1 
ATOM   507 C  "C1'" . DA  B 1 13 ? -7.545  7.592   19.344  1.00 62.91  ? 13  DA  B "C1'" 1 
ATOM   508 N  N9    . DA  B 1 13 ? -8.170  8.494   18.380  1.00 62.73  ? 13  DA  B N9    1 
ATOM   509 C  C8    . DA  B 1 13 ? -9.320  8.277   17.671  1.00 56.94  ? 13  DA  B C8    1 
ATOM   510 N  N7    . DA  B 1 13 ? -9.642  9.265   16.868  1.00 51.97  ? 13  DA  B N7    1 
ATOM   511 C  C5    . DA  B 1 13 ? -8.628  10.191  17.059  1.00 59.96  ? 13  DA  B C5    1 
ATOM   512 C  C6    . DA  B 1 13 ? -8.383  11.460  16.496  1.00 58.78  ? 13  DA  B C6    1 
ATOM   513 N  N6    . DA  B 1 13 ? -9.182  12.031  15.590  1.00 55.83  ? 13  DA  B N6    1 
ATOM   514 N  N1    . DA  B 1 13 ? -7.280  12.123  16.905  1.00 63.01  ? 13  DA  B N1    1 
ATOM   515 C  C2    . DA  B 1 13 ? -6.483  11.548  17.812  1.00 69.39  ? 13  DA  B C2    1 
ATOM   516 N  N3    . DA  B 1 13 ? -6.608  10.364  18.410  1.00 69.93  ? 13  DA  B N3    1 
ATOM   517 C  C4    . DA  B 1 13 ? -7.713  9.730   17.985  1.00 66.52  ? 13  DA  B C4    1 
ATOM   518 P  P     . DT  B 1 14 ? -6.068  4.892   22.619  1.00 94.13  ? 14  DT  B P     1 
ATOM   519 O  OP1   . DT  B 1 14 ? -4.696  4.573   22.166  1.00 82.16  ? 14  DT  B OP1   1 
ATOM   520 O  OP2   . DT  B 1 14 ? -6.334  5.142   24.053  1.00 96.35  ? 14  DT  B OP2   1 
HETATM 521 SR SR    . SR  C 2 .  ? -1.963  1.821   -17.215 1.00 102.63 ? 101 SR  A SR    1 
HETATM 522 SR SR    . SR  D 2 .  ? 3.747   8.078   5.643   1.00 99.51  ? 101 SR  B SR    1 
HETATM 523 SR SR    . SR  E 2 .  ? -15.874 7.524   8.297   1.00 118.98 ? 102 SR  B SR    1 
HETATM 524 O  O     . HOH F 3 .  ? 6.200   -5.869  -17.850 1.00 22.85  ? 201 HOH A O     1 
HETATM 525 O  O     . HOH G 3 .  ? 3.314   -8.826  -7.413  1.00 28.95  ? 201 HOH B O     1 
HETATM 526 O  O     . HOH G 3 .  ? 9.633   -2.796  -10.785 1.00 20.05  ? 202 HOH B O     1 
HETATM 527 O  O     . HOH G 3 .  ? 11.109  -9.813  -10.180 1.00 36.22  ? 203 HOH B O     1 
HETATM 528 O  O     . HOH G 3 .  ? 2.829   11.851  4.100   1.00 26.91  ? 204 HOH B O     1 
# 
loop_
_atom_site_anisotrop.id 
_atom_site_anisotrop.type_symbol 
_atom_site_anisotrop.pdbx_label_atom_id 
_atom_site_anisotrop.pdbx_label_alt_id 
_atom_site_anisotrop.pdbx_label_comp_id 
_atom_site_anisotrop.pdbx_label_asym_id 
_atom_site_anisotrop.pdbx_label_seq_id 
_atom_site_anisotrop.pdbx_PDB_ins_code 
_atom_site_anisotrop.U[1][1] 
_atom_site_anisotrop.U[2][2] 
_atom_site_anisotrop.U[3][3] 
_atom_site_anisotrop.U[1][2] 
_atom_site_anisotrop.U[1][3] 
_atom_site_anisotrop.U[2][3] 
_atom_site_anisotrop.pdbx_auth_seq_id 
_atom_site_anisotrop.pdbx_auth_comp_id 
_atom_site_anisotrop.pdbx_auth_asym_id 
_atom_site_anisotrop.pdbx_auth_atom_id 
1   O "O5'" . DA A 1  ? 0.9955 1.0339 1.1237 -0.0436 -0.0682 0.1007  1  DA A "O5'" 
2   C "C5'" . DA A 1  ? 0.9061 0.9454 1.0290 -0.0449 -0.0693 0.1013  1  DA A "C5'" 
3   C "C4'" . DA A 1  ? 0.7362 0.7689 0.8719 -0.0403 -0.0699 0.0973  1  DA A "C4'" 
4   O "O4'" . DA A 1  ? 0.7055 0.7244 0.8432 -0.0375 -0.0725 0.0879  1  DA A "O4'" 
5   C "C3'" . DA A 1  ? 0.6639 0.6985 0.7974 -0.0425 -0.0712 0.1014  1  DA A "C3'" 
6   O "O3'" . DA A 1  ? 0.7093 0.7443 0.8583 -0.0397 -0.0714 0.1031  1  DA A "O3'" 
7   C "C2'" . DA A 1  ? 0.7076 0.7310 0.8368 -0.0426 -0.0738 0.0954  1  DA A "C2'" 
8   C "C1'" . DA A 1  ? 0.6692 0.6826 0.8064 -0.0368 -0.0748 0.0858  1  DA A "C1'" 
9   N N9    . DA A 1  ? 0.5411 0.5436 0.6724 -0.0367 -0.0784 0.0795  1  DA A N9    
10  C C8    . DA A 1  ? 0.3264 0.3260 0.4436 -0.0407 -0.0788 0.0804  1  DA A C8    
11  N N7    . DA A 1  ? 0.1857 0.1673 0.2945 -0.0389 -0.0795 0.0721  1  DA A N7    
12  C C5    . DA A 1  ? 0.1837 0.1652 0.3125 -0.0338 -0.0862 0.0670  1  DA A C5    
13  C C6    . DA A 1  ? 0.3795 0.3475 0.5136 -0.0286 -0.0918 0.0560  1  DA A C6    
14  N N6    . DA A 1  ? 0.3451 0.2931 0.4598 -0.0257 -0.0910 0.0495  1  DA A N6    
15  N N1    . DA A 1  ? 0.5148 0.4848 0.6662 -0.0237 -0.0933 0.0504  1  DA A N1    
16  C C2    . DA A 1  ? 0.3786 0.3572 0.5363 -0.0243 -0.0882 0.0565  1  DA A C2    
17  N N3    . DA A 1  ? 0.5217 0.5105 0.6738 -0.0284 -0.0833 0.0667  1  DA A N3    
18  C C4    . DA A 1  ? 0.4577 0.4492 0.5962 -0.0326 -0.0825 0.0709  1  DA A C4    
19  P P     . DC A 2  ? 0.8759 0.9200 1.0284 -0.0443 -0.0735 0.1141  2  DC A P     
20  O OP1   . DC A 2  ? 0.9082 0.9595 1.0454 -0.0523 -0.0758 0.1199  2  DC A OP1   
21  O OP2   . DC A 2  ? 0.6059 0.6425 0.7731 -0.0421 -0.0754 0.1124  2  DC A OP2   
22  O "O5'" . DC A 2  ? 1.1037 1.1595 1.2647 -0.0439 -0.0717 0.1211  2  DC A "O5'" 
23  C "C5'" . DC A 2  ? 1.1677 1.2242 1.3491 -0.0418 -0.0723 0.1250  2  DC A "C5'" 
24  C "C4'" . DC A 2  ? 1.1937 1.2485 1.3884 -0.0386 -0.0696 0.1218  2  DC A "C4'" 
25  O "O4'" . DC A 2  ? 1.2102 1.2642 1.4285 -0.0376 -0.0706 0.1269  2  DC A "O4'" 
26  C "C3'" . DC A 2  ? 1.1864 1.2527 1.3796 -0.0404 -0.0666 0.1279  2  DC A "C3'" 
27  O "O3'" . DC A 2  ? 1.2483 1.3112 1.4263 -0.0403 -0.0651 0.1212  2  DC A "O3'" 
28  C "C2'" . DC A 2  ? 1.1410 1.2050 1.3569 -0.0381 -0.0646 0.1323  2  DC A "C2'" 
29  C "C1'" . DC A 2  ? 1.1819 1.2427 1.4136 -0.0375 -0.0678 0.1349  2  DC A "C1'" 
30  P P     . DT A 3  ? 1.0087 1.0849 1.1751 -0.0435 -0.0639 0.1269  3  DT A P     
31  O OP1   . DT A 3  ? 0.9268 1.0034 1.0729 -0.0469 -0.0667 0.1260  3  DT A OP1   
32  O OP2   . DT A 3  ? 0.9575 1.0476 1.1391 -0.0448 -0.0622 0.1388  3  DT A OP2   
33  O "O5'" . DT A 3  ? 0.9884 1.0584 1.1524 -0.0422 -0.0617 0.1221  3  DT A "O5'" 
34  C "C5'" . DT A 3  ? 0.7123 0.7770 0.8927 -0.0390 -0.0596 0.1237  3  DT A "C5'" 
35  C "C4'" . DT A 3  ? 0.3135 0.3672 0.4890 -0.0373 -0.0606 0.1170  3  DT A "C4'" 
36  O "O4'" . DT A 3  ? 0.1776 0.2161 0.3503 -0.0357 -0.0641 0.1062  3  DT A "O4'" 
37  C "C3'" . DT A 3  ? 0.1207 0.1662 0.3021 -0.0300 -0.0579 0.1183  3  DT A "C3'" 
38  O "O3'" . DT A 3  ? 0.1385 0.1750 0.3004 -0.0260 -0.0566 0.1143  3  DT A "O3'" 
39  C "C2'" . DT A 3  ? 0.1460 0.1716 0.3276 -0.0229 -0.0597 0.1075  3  DT A "C2'" 
40  C "C1'" . DT A 3  ? 0.1912 0.2126 0.3655 -0.0279 -0.0640 0.0997  3  DT A "C1'" 
41  N N1    . DT A 3  ? 0.5387 0.5527 0.7234 -0.0275 -0.0680 0.0929  3  DT A N1    
42  C C2    . DT A 3  ? 0.6602 0.6581 0.8337 -0.0230 -0.0712 0.0806  3  DT A C2    
43  O O2    . DT A 3  ? 0.6514 0.6390 0.8043 -0.0182 -0.0706 0.0753  3  DT A O2    
44  N N3    . DT A 3  ? 0.6622 0.6577 0.8509 -0.0239 -0.0759 0.0755  3  DT A N3    
45  C C4    . DT A 3  ? 0.6838 0.6879 0.8918 -0.0268 -0.0761 0.0812  3  DT A C4    
46  O O4    . DT A 3  ? 0.6169 0.6161 0.8335 -0.0253 -0.0791 0.0755  3  DT A O4    
47  C C5    . DT A 3  ? 0.8991 0.9159 1.1112 -0.0291 -0.0714 0.0939  3  DT A C5    
48  C C7    . DT A 3  ? 1.1129 1.1364 1.3402 -0.0298 -0.0711 0.1017  3  DT A C7    
49  C C6    . DT A 3  ? 0.7764 0.7997 0.9803 -0.0304 -0.0685 0.0993  3  DT A C6    
50  P P     . DC A 4  ? 0.3134 0.3550 0.4740 -0.0200 -0.0524 0.1218  4  DC A P     
51  O OP1   . DC A 4  ? 0.5775 0.6494 0.7538 -0.0301 -0.0514 0.1369  4  DC A OP1   
52  O OP2   . DC A 4  ? 0.4394 0.4667 0.6024 -0.0067 -0.0513 0.1169  4  DC A OP2   
53  O "O5'" . DC A 4  ? 0.4320 0.4589 0.5673 -0.0170 -0.0521 0.1161  4  DC A "O5'" 
54  C "C5'" . DC A 4  ? 0.4609 0.4951 0.5859 -0.0273 -0.0529 0.1188  4  DC A "C5'" 
55  C "C4'" . DC A 4  ? 0.4351 0.4422 0.5296 -0.0222 -0.0514 0.1108  4  DC A "C4'" 
56  O "O4'" . DC A 4  ? 0.5034 0.4896 0.5894 -0.0152 -0.0543 0.0982  4  DC A "O4'" 
57  C "C3'" . DC A 4  ? 0.3578 0.3547 0.4420 -0.0120 -0.0483 0.1128  4  DC A "C3'" 
58  O "O3'" . DC A 4  ? 0.4893 0.4727 0.5462 -0.0153 -0.0447 0.1139  4  DC A "O3'" 
59  C "C2'" . DC A 4  ? 0.3237 0.2985 0.4017 0.0023  -0.0510 0.1002  4  DC A "C2'" 
60  C "C1'" . DC A 4  ? 0.4293 0.3945 0.4991 -0.0014 -0.0537 0.0917  4  DC A "C1'" 
61  N N1    . DC A 4  ? 0.3002 0.2577 0.3760 0.0062  -0.0573 0.0810  4  DC A N1    
62  C C2    . DC A 4  ? 0.3626 0.3013 0.4202 0.0154  -0.0591 0.0711  4  DC A C2    
63  O O2    . DC A 4  ? 0.3940 0.3196 0.4289 0.0182  -0.0569 0.0716  4  DC A O2    
64  N N3    . DC A 4  ? 0.3966 0.3330 0.4633 0.0201  -0.0632 0.0622  4  DC A N3    
65  C C4    . DC A 4  ? 0.3693 0.3167 0.4598 0.0156  -0.0650 0.0632  4  DC A C4    
66  N N4    . DC A 4  ? 0.3842 0.3275 0.4844 0.0184  -0.0700 0.0545  4  DC A N4    
67  C C5    . DC A 4  ? 0.3259 0.2892 0.4319 0.0078  -0.0618 0.0736  4  DC A C5    
68  C C6    . DC A 4  ? 0.3047 0.2747 0.4044 0.0033  -0.0586 0.0823  4  DC A C6    
69  P P     . DG A 5  ? 0.4292 0.4142 0.4774 -0.0133 -0.0393 0.1234  5  DG A P     
70  O OP1   . DG A 5  ? 0.3412 0.3107 0.3576 -0.0227 -0.0330 0.1231  5  DG A OP1   
71  O OP2   . DG A 5  ? 0.5672 0.5879 0.6470 -0.0163 -0.0385 0.1363  5  DG A OP2   
72  O "O5'" . DG A 5  ? 0.7195 0.6805 0.7579 0.0057  -0.0417 0.1158  5  DG A "O5'" 
73  C "C5'" . DG A 5  ? 0.5048 0.4343 0.5140 0.0137  -0.0431 0.1049  5  DG A "C5'" 
74  C "C4'" . DG A 5  ? 0.4735 0.3898 0.4801 0.0320  -0.0467 0.0972  5  DG A "C4'" 
75  O "O4'" . DG A 5  ? 0.3738 0.2973 0.4006 0.0359  -0.0507 0.0874  5  DG A "O4'" 
76  C "C3'" . DG A 5  ? 0.5782 0.5038 0.5962 0.0386  -0.0453 0.1051  5  DG A "C3'" 
77  O "O3'" . DG A 5  ? 0.5745 0.4769 0.5700 0.0531  -0.0466 0.1007  5  DG A "O3'" 
78  C "C2'" . DG A 5  ? 0.5070 0.4495 0.5573 0.0427  -0.0478 0.1005  5  DG A "C2'" 
79  C "C1'" . DG A 5  ? 0.3507 0.2799 0.3932 0.0455  -0.0517 0.0864  5  DG A "C1'" 
80  N N9    . DG A 5  ? 0.3650 0.3073 0.4321 0.0417  -0.0532 0.0829  5  DG A N9    
81  C C8    . DG A 5  ? 0.3590 0.3220 0.4510 0.0345  -0.0515 0.0916  5  DG A C8    
82  N N7    . DG A 5  ? 0.3832 0.3498 0.4901 0.0322  -0.0530 0.0874  5  DG A N7    
83  C C5    . DG A 5  ? 0.3070 0.2574 0.4010 0.0370  -0.0561 0.0752  5  DG A C5    
84  C C6    . DG A 5  ? 0.4299 0.3778 0.5339 0.0355  -0.0591 0.0675  5  DG A C6    
85  O O6    . DG A 5  ? 0.4441 0.4003 0.5688 0.0294  -0.0598 0.0704  5  DG A O6    
86  N N1    . DG A 5  ? 0.4453 0.3807 0.5359 0.0410  -0.0624 0.0573  5  DG A N1    
87  C C2    . DG A 5  ? 0.4147 0.3396 0.4831 0.0480  -0.0617 0.0555  5  DG A C2    
88  N N2    . DG A 5  ? 0.5435 0.4600 0.6049 0.0521  -0.0661 0.0463  5  DG A N2    
89  N N3    . DG A 5  ? 0.3603 0.2836 0.4160 0.0499  -0.0581 0.0633  5  DG A N3    
90  C C4    . DG A 5  ? 0.3138 0.2506 0.3840 0.0437  -0.0560 0.0723  5  DG A C4    
91  P P     . DG A 6  ? 0.4821 0.3818 0.4631 0.0545  -0.0402 0.1149  6  DG A P     
92  O OP1   . DG A 6  ? 0.5012 0.3717 0.4522 0.0691  -0.0435 0.1063  6  DG A OP1   
93  O OP2   . DG A 6  ? 0.7247 0.6324 0.6926 0.0349  -0.0316 0.1269  6  DG A OP2   
94  O "O5'" . DG A 6  ? 0.2809 0.2112 0.3006 0.0619  -0.0354 0.1213  6  DG A "O5'" 
95  C "C5'" . DG A 6  ? 0.4497 0.3798 0.4922 0.0750  -0.0415 0.1081  6  DG A "C5'" 
96  C "C4'" . DG A 6  ? 0.4786 0.3889 0.5071 0.0931  -0.0419 0.0983  6  DG A "C4'" 
97  O "O4'" . DG A 6  ? 0.6250 0.5264 0.6635 0.1020  -0.0496 0.0811  6  DG A "O4'" 
98  C "C3'" . DG A 6  ? 0.4394 0.3673 0.4743 0.0998  -0.0291 0.0970  6  DG A "C3'" 
99  O "O3'" . DG A 6  ? 0.6528 0.5609 0.6519 0.1075  -0.0255 0.0849  6  DG A "O3'" 
100 C "C2'" . DG A 6  ? 0.2931 0.2287 0.3687 0.1125  -0.0331 0.0932  6  DG A "C2'" 
101 C "C1'" . DG A 6  ? 0.5244 0.4334 0.5863 0.1144  -0.0462 0.0768  6  DG A "C1'" 
102 N N9    . DG A 6  ? 0.4480 0.3645 0.5276 0.1122  -0.0468 0.0692  6  DG A N9    
103 C C8    . DG A 6  ? 0.4153 0.3523 0.5215 0.1068  -0.0440 0.0756  6  DG A C8    
104 N N7    . DG A 6  ? 0.4052 0.3395 0.5190 0.1050  -0.0452 0.0690  6  DG A N7    
105 C C5    . DG A 6  ? 0.2780 0.1947 0.3751 0.1075  -0.0474 0.0583  6  DG A C5    
106 C C6    . DG A 6  ? 0.3747 0.2848 0.4776 0.1043  -0.0492 0.0496  6  DG A C6    
107 O O6    . DG A 6  ? 0.4013 0.3150 0.5204 0.0998  -0.0492 0.0495  6  DG A O6    
108 N N1    . DG A 6  ? 0.4301 0.3290 0.5215 0.1051  -0.0529 0.0403  6  DG A N1    
109 C C2    . DG A 6  ? 0.4886 0.3806 0.5622 0.1087  -0.0546 0.0402  6  DG A C2    
110 N N2    . DG A 6  ? 0.7035 0.5849 0.7659 0.1087  -0.0632 0.0277  6  DG A N2    
111 N N3    . DG A 6  ? 0.4184 0.3130 0.4841 0.1122  -0.0511 0.0505  6  DG A N3    
112 C C4    . DG A 6  ? 0.3503 0.2577 0.4277 0.1120  -0.0476 0.0587  6  DG A C4    
113 P P     . DA A 7  ? 0.7247 0.6477 0.7176 0.1124  -0.0094 0.0815  7  DA A P     
114 O OP1   . DA A 7  ? 0.8773 0.8290 0.8772 0.0973  0.0021  0.0962  7  DA A OP1   
115 O OP2   . DA A 7  ? 0.6517 0.5792 0.6736 0.1291  -0.0097 0.0706  7  DA A OP2   
116 O "O5'" . DA A 7  ? 0.6552 0.5495 0.5944 0.1144  -0.0077 0.0720  7  DA A "O5'" 
117 C "C5'" . DA A 7  ? 0.7988 0.6789 0.7009 0.1007  -0.0059 0.0806  7  DA A "C5'" 
118 C "C4'" . DA A 7  ? 0.8197 0.6640 0.6880 0.1073  -0.0193 0.0731  7  DA A "C4'" 
119 O "O4'" . DA A 7  ? 0.7989 0.6410 0.6966 0.1136  -0.0350 0.0686  7  DA A "O4'" 
120 C "C3'" . DA A 7  ? 0.8000 0.6271 0.6380 0.1214  -0.0195 0.0586  7  DA A "C3'" 
121 O "O3'" . DA A 7  ? 0.8283 0.6425 0.6196 0.1149  -0.0082 0.0632  7  DA A "O3'" 
122 C "C2'" . DA A 7  ? 0.7919 0.5957 0.6216 0.1308  -0.0389 0.0501  7  DA A "C2'" 
123 C "C1'" . DA A 7  ? 0.7939 0.6126 0.6714 0.1270  -0.0469 0.0542  7  DA A "C1'" 
124 N N9    . DA A 7  ? 0.7293 0.5566 0.6422 0.1381  -0.0527 0.0418  7  DA A N9    
125 C C8    . DA A 7  ? 0.7269 0.5765 0.6826 0.1381  -0.0469 0.0446  7  DA A C8    
126 N N7    . DA A 7  ? 0.7219 0.5687 0.7007 0.1488  -0.0532 0.0313  7  DA A N7    
127 C C5    . DA A 7  ? 0.6818 0.5094 0.6331 0.1534  -0.0638 0.0177  7  DA A C5    
128 C C6    . DA A 7  ? 0.6438 0.4679 0.6022 0.1573  -0.0717 -0.0009 7  DA A C6    
129 N N6    . DA A 7  ? 0.5206 0.3545 0.5151 0.1575  -0.0687 -0.0086 7  DA A N6    
130 N N1    . DA A 7  ? 0.6396 0.4488 0.5648 0.1612  -0.0827 -0.0105 7  DA A N1    
131 C C2    . DA A 7  ? 0.7666 0.5630 0.6537 0.1605  -0.0840 -0.0009 7  DA A C2    
132 N N3    . DA A 7  ? 0.8252 0.6201 0.7004 0.1544  -0.0751 0.0169  7  DA A N3    
133 C C4    . DA A 7  ? 0.7491 0.5622 0.6585 0.1502  -0.0652 0.0250  7  DA A C4    
134 P P     . DC A 8  ? 1.0461 0.8656 0.8168 0.1205  0.0064  0.0547  8  DC A P     
135 O OP1   . DC A 8  ? 0.9554 0.7529 0.6707 0.1119  0.0153  0.0616  8  DC A OP1   
136 O OP2   . DC A 8  ? 0.9952 0.8510 0.8094 0.1186  0.0185  0.0557  8  DC A OP2   
137 O "O5'" . DC A 8  ? 0.8716 0.6769 0.6367 0.1397  -0.0065 0.0357  8  DC A "O5'" 
138 C "C5'" . DC A 8  ? 0.7524 0.5276 0.4772 0.1467  -0.0201 0.0311  8  DC A "C5'" 
139 C "C4'" . DC A 8  ? 0.8217 0.5939 0.5630 0.1620  -0.0363 0.0131  8  DC A "C4'" 
140 O "O4'" . DC A 8  ? 0.8352 0.6275 0.6339 0.1613  -0.0392 0.0120  8  DC A "O4'" 
141 C "C3'" . DC A 8  ? 0.8063 0.5791 0.5321 0.1731  -0.0316 -0.0045 8  DC A "C3'" 
142 O "O3'" . DC A 8  ? 0.9410 0.6985 0.6509 0.1850  -0.0497 -0.0195 8  DC A "O3'" 
143 C "C2'" . DC A 8  ? 0.7374 0.5351 0.5161 0.1749  -0.0235 -0.0105 8  DC A "C2'" 
144 C "C1'" . DC A 8  ? 0.7506 0.5523 0.5699 0.1716  -0.0363 -0.0043 8  DC A "C1'" 
145 N N1    . DC A 8  ? 0.5531 0.3792 0.4241 0.1683  -0.0278 0.0018  8  DC A N1    
146 C C2    . DC A 8  ? 0.5928 0.4230 0.5037 0.1764  -0.0336 -0.0093 8  DC A C2    
147 O O2    . DC A 8  ? 0.6868 0.5024 0.5908 0.1844  -0.0456 -0.0258 8  DC A O2    
148 N N3    . DC A 8  ? 0.6934 0.5437 0.6493 0.1751  -0.0263 -0.0015 8  DC A N3    
149 C C4    . DC A 8  ? 0.7266 0.5970 0.6894 0.1660  -0.0147 0.0155  8  DC A C4    
150 N N4    . DC A 8  ? 0.6908 0.5831 0.6983 0.1667  -0.0093 0.0235  8  DC A N4    
151 C C5    . DC A 8  ? 0.7120 0.5808 0.6359 0.1555  -0.0081 0.0251  8  DC A C5    
152 C C6    . DC A 8  ? 0.6081 0.4521 0.4863 0.1571  -0.0144 0.0184  8  DC A C6    
153 P P     . DG A 9  ? 1.1781 0.9279 0.8502 0.1961  -0.0487 -0.0377 9  DG A P     
154 O OP1   . DG A 9  ? 1.2133 0.9494 0.8684 0.2061  -0.0710 -0.0491 9  DG A OP1   
155 O OP2   . DG A 9  ? 1.1315 0.8756 0.7597 0.1901  -0.0316 -0.0278 9  DG A OP2   
156 O "O5'" . DG A 9  ? 1.0019 0.7708 0.7170 0.2007  -0.0404 -0.0542 9  DG A "O5'" 
157 C "C5'" . DG A 9  ? 0.9430 0.7164 0.7016 0.2053  -0.0530 -0.0658 9  DG A "C5'" 
158 C "C4'" . DG A 9  ? 0.7992 0.5867 0.5966 0.2091  -0.0404 -0.0772 9  DG A "C4'" 
159 O "O4'" . DG A 9  ? 0.7956 0.6003 0.6256 0.2017  -0.0267 -0.0593 9  DG A "O4'" 
160 C "C3'" . DG A 9  ? 0.9009 0.6887 0.6712 0.2157  -0.0273 -0.0929 9  DG A "C3'" 
161 O "O3'" . DG A 9  ? 0.9022 0.6912 0.7009 0.2238  -0.0275 -0.1148 9  DG A "O3'" 
162 C "C2'" . DG A 9  ? 0.8945 0.6989 0.6714 0.2094  -0.0054 -0.0779 9  DG A "C2'" 
163 C "C1'" . DG A 9  ? 0.8025 0.6199 0.6337 0.2048  -0.0072 -0.0642 9  DG A "C1'" 
164 N N9    . DG A 9  ? 0.7625 0.5976 0.6018 0.1948  0.0067  -0.0433 9  DG A N9    
165 C C8    . DG A 9  ? 0.7155 0.5510 0.5156 0.1859  0.0170  -0.0323 9  DG A C8    
166 N N7    . DG A 9  ? 0.6828 0.5391 0.5033 0.1759  0.0286  -0.0157 9  DG A N7    
167 C C5    . DG A 9  ? 0.8421 0.7131 0.7180 0.1800  0.0247  -0.0145 9  DG A C5    
168 C C6    . DG A 9  ? 0.9454 0.8436 0.8632 0.1740  0.0315  0.0009  9  DG A C6    
169 O O6    . DG A 9  ? 1.0405 0.9579 0.9566 0.1625  0.0427  0.0152  9  DG A O6    
170 N N1    . DG A 9  ? 0.8190 0.7214 0.7837 0.1823  0.0239  -0.0016 9  DG A N1    
171 C C2    . DG A 9  ? 0.7417 0.6238 0.7130 0.1929  0.0125  -0.0181 9  DG A C2    
172 N N2    . DG A 9  ? 0.7512 0.6373 0.7686 0.1982  0.0080  -0.0170 9  DG A N2    
173 N N3    . DG A 9  ? 0.6968 0.5565 0.6310 0.1973  0.0060  -0.0343 9  DG A N3    
174 C C4    . DG A 9  ? 0.7837 0.6397 0.6710 0.1914  0.0120  -0.0309 9  DG A C4    
175 P P     . DA A 10 ? 1.0486 0.8335 0.8173 0.2321  -0.0199 -0.1397 10 DA A P     
176 O OP1   . DA A 10 ? 1.0217 0.7943 0.7308 0.2325  -0.0301 -0.1415 10 DA A OP1   
177 O OP2   . DA A 10 ? 0.8105 0.6103 0.5924 0.2334  0.0042  -0.1379 10 DA A OP2   
178 O "O5'" . DA A 10 ? 1.0603 0.8390 0.8612 0.2383  -0.0298 -0.1639 10 DA A "O5'" 
179 C "C5'" . DA A 10 ? 0.9371 0.7075 0.7417 0.2369  -0.0524 -0.1689 10 DA A "C5'" 
180 C "C4'" . DA A 10 ? 0.8832 0.6528 0.7435 0.2364  -0.0555 -0.1766 10 DA A "C4'" 
181 O "O4'" . DA A 10 ? 0.9735 0.7509 0.8700 0.2309  -0.0517 -0.1519 10 DA A "O4'" 
182 C "C3'" . DA A 10 ? 0.8748 0.6475 0.7604 0.2375  -0.0393 -0.1912 10 DA A "C3'" 
183 O "O3'" . DA A 10 ? 0.9574 0.7254 0.8283 0.2360  -0.0456 -0.2160 10 DA A "O3'" 
184 C "C2'" . DA A 10 ? 0.7567 0.5347 0.7005 0.2286  -0.0372 -0.1777 10 DA A "C2'" 
185 C "C1'" . DA A 10 ? 0.8419 0.6264 0.7877 0.2271  -0.0401 -0.1513 10 DA A "C1'" 
186 N N9    . DA A 10 ? 0.8820 0.6755 0.8373 0.2342  -0.0224 -0.1388 10 DA A N9    
187 C C8    . DA A 10 ? 0.9415 0.7451 0.8672 0.2321  -0.0144 -0.1244 10 DA A C8    
188 N N7    . DA A 10 ? 0.8374 0.6576 0.7850 0.2338  0.0028  -0.1132 10 DA A N7    
189 C C5    . DA A 10 ? 0.8081 0.6256 0.8014 0.2407  0.0054  -0.1205 10 DA A C5    
190 C C6    . DA A 10 ? 0.7470 0.5775 0.7817 0.2478  0.0200  -0.1142 10 DA A C6    
191 N N6    . DA A 10 ? 0.8596 0.7140 0.8981 0.2481  0.0349  -0.0998 10 DA A N6    
192 N N1    . DA A 10 ? 0.6721 0.4969 0.7451 0.2428  0.0214  -0.1167 10 DA A N1    
193 C C2    . DA A 10 ? 0.7874 0.5955 0.8559 0.2335  0.0098  -0.1271 10 DA A C2    
194 N N3    . DA A 10 ? 0.8310 0.6303 0.8667 0.2287  -0.0058 -0.1367 10 DA A N3    
195 C C4    . DA A 10 ? 0.8367 0.6396 0.8353 0.2348  -0.0081 -0.1333 10 DA A C4    
196 P P     . DC A 11 ? 1.0231 0.7895 0.8962 0.2397  -0.0274 -0.2368 11 DC A P     
197 O OP1   . DC A 11 ? 1.1031 0.8658 0.9531 0.2361  -0.0379 -0.2608 11 DC A OP1   
198 O OP2   . DC A 11 ? 0.8502 0.6212 0.7004 0.2494  -0.0099 -0.2318 11 DC A OP2   
199 O "O5'" . DC A 11 ? 0.9118 0.6768 0.8452 0.2343  -0.0176 -0.2314 11 DC A "O5'" 
200 C "C5'" . DC A 11 ? 0.9162 0.6804 0.8697 0.2402  0.0044  -0.2356 11 DC A "C5'" 
201 C "C4'" . DC A 11 ? 0.8735 0.6471 0.8620 0.2432  0.0142  -0.2101 11 DC A "C4'" 
202 O "O4'" . DC A 11 ? 0.9802 0.7649 0.9417 0.2489  0.0130  -0.1970 11 DC A "O4'" 
203 C "C3'" . DC A 11 ? 0.7232 0.4986 0.7393 0.2515  0.0371  -0.2115 11 DC A "C3'" 
204 O "O3'" . DC A 11 ? 0.6720 0.4476 0.7327 0.2489  0.0404  -0.1907 11 DC A "O3'" 
205 C "C2'" . DC A 11 ? 0.7001 0.4928 0.6956 0.2620  0.0478  -0.2069 11 DC A "C2'" 
206 C "C1'" . DC A 11 ? 0.8531 0.6509 0.8319 0.2579  0.0321  -0.1881 11 DC A "C1'" 
207 N N1    . DC A 11 ? 0.8664 0.6738 0.8004 0.2634  0.0380  -0.1845 11 DC A N1    
208 C C2    . DC A 11 ? 0.8989 0.7295 0.8478 0.2624  0.0522  -0.1630 11 DC A C2    
209 O O2    . DC A 11 ? 0.9774 0.8170 0.9742 0.2668  0.0572  -0.1521 11 DC A O2    
210 N N3    . DC A 11 ? 0.7675 0.6101 0.6771 0.2564  0.0601  -0.1544 11 DC A N3    
211 C C4    . DC A 11 ? 0.8984 0.7287 0.7542 0.2529  0.0540  -0.1648 11 DC A C4    
212 N N4    . DC A 11 ? 1.0285 0.8677 0.8446 0.2462  0.0632  -0.1544 11 DC A N4    
213 C C5    . DC A 11 ? 0.9480 0.7570 0.7877 0.2557  0.0380  -0.1859 11 DC A C5    
214 C C6    . DC A 11 ? 0.8704 0.6698 0.7513 0.2600  0.0307  -0.1960 11 DC A C6    
215 P P     . DG A 12 ? 1.1905 0.9563 1.2816 0.2563  0.0597  -0.1916 12 DG A P     
216 O OP1   . DG A 12 ? 1.0161 0.7818 1.1384 0.2538  0.0578  -0.1651 12 DG A OP1   
217 O OP2   . DG A 12 ? 1.3560 1.1008 1.4318 0.2545  0.0617  -0.2183 12 DG A OP2   
218 O "O5'" . DG A 12 ? 1.4060 1.1911 1.4988 0.2703  0.0781  -0.1921 12 DG A "O5'" 
219 C "C5'" . DG A 12 ? 1.1452 0.9554 1.2564 0.2744  0.0804  -0.1691 12 DG A "C5'" 
220 C "C4'" . DG A 12 ? 0.8676 0.6998 0.9719 0.2866  0.0973  -0.1769 12 DG A "C4'" 
221 O "O4'" . DG A 12 ? 0.7824 0.6176 0.8338 0.2859  0.0928  -0.1898 12 DG A "O4'" 
222 C "C3'" . DG A 12 ? 0.8326 0.6571 0.9465 0.2961  0.1174  -0.1945 12 DG A "C3'" 
223 O "O3'" . DG A 12 ? 0.8672 0.7199 1.0081 0.3072  0.1339  -0.1867 12 DG A "O3'" 
224 C "C2'" . DG A 12 ? 0.7553 0.5731 0.8201 0.2942  0.1178  -0.2221 12 DG A "C2'" 
225 C "C1'" . DG A 12 ? 0.7349 0.5713 0.7669 0.2929  0.1095  -0.2122 12 DG A "C1'" 
226 N N9    . DG A 12 ? 0.9245 0.7501 0.8988 0.2882  0.1014  -0.2291 12 DG A N9    
227 C C8    . DG A 12 ? 0.9342 0.7379 0.8896 0.2810  0.0913  -0.2487 12 DG A C8    
228 N N7    . DG A 12 ? 0.8856 0.6869 0.7866 0.2784  0.0842  -0.2589 12 DG A N7    
229 C C5    . DG A 12 ? 0.9458 0.7642 0.8246 0.2837  0.0923  -0.2444 12 DG A C5    
230 C C6    . DG A 12 ? 1.0654 0.8877 0.8860 0.2776  0.0914  -0.2403 12 DG A C6    
231 O O6    . DG A 12 ? 1.1335 0.9430 0.9059 0.2744  0.0813  -0.2535 12 DG A O6    
232 N N1    . DG A 12 ? 1.0665 0.9112 0.8884 0.2723  0.1034  -0.2161 12 DG A N1    
233 C C2    . DG A 12 ? 1.0052 0.8699 0.8784 0.2756  0.1137  -0.2000 12 DG A C2    
234 N N2    . DG A 12 ? 0.9699 0.8580 0.8366 0.2676  0.1244  -0.1790 12 DG A N2    
235 N N3    . DG A 12 ? 0.8970 0.7586 0.8231 0.2856  0.1135  -0.2039 12 DG A N3    
236 C C4    . DG A 12 ? 0.9344 0.7699 0.8589 0.2898  0.1032  -0.2268 12 DG A C4    
237 P P     . DA A 13 ? 0.7406 0.5938 0.9224 0.3170  0.1431  -0.1661 13 DA A P     
238 O OP1   . DA A 13 ? 0.8414 0.6697 1.0154 0.3149  0.1239  -0.1500 13 DA A OP1   
239 O OP2   . DA A 13 ? 0.9358 0.7812 1.1082 0.3323  0.1606  -0.1822 13 DA A OP2   
240 O "O5'" . DA A 13 ? 0.6713 0.5808 0.8969 0.3165  0.1339  -0.1584 13 DA A "O5'" 
241 C "C5'" . DA A 13 ? 0.7520 0.6905 0.9985 0.3361  0.1296  -0.1547 13 DA A "C5'" 
242 C "C4'" . DA A 13 ? 0.7341 0.7140 0.9968 0.3350  0.1420  -0.1353 13 DA A "C4'" 
243 O "O4'" . DA A 13 ? 0.7843 0.7653 1.0046 0.3280  0.1549  -0.1375 13 DA A "O4'" 
244 C "C3'" . DA A 13 ? 0.7562 0.7713 1.0448 0.3488  0.1583  -0.1375 13 DA A "C3'" 
245 O "O3'" . DA A 13 ? 0.6975 0.7507 1.0084 0.3461  0.1584  -0.1105 13 DA A "O3'" 
246 C "C2'" . DA A 13 ? 0.8578 0.8784 1.1162 0.3486  0.1820  -0.1567 13 DA A "C2'" 
247 C "C1'" . DA A 13 ? 0.9100 0.9206 1.1244 0.3357  0.1779  -0.1452 13 DA A "C1'" 
248 N N9    . DA A 13 ? 0.9481 0.9407 1.1079 0.3338  0.1873  -0.1667 13 DA A N9    
249 C C8    . DA A 13 ? 0.8576 0.8099 0.9901 0.3294  0.1785  -0.1862 13 DA A C8    
250 N N7    . DA A 13 ? 0.8372 0.7843 0.9167 0.3274  0.1863  -0.2035 13 DA A N7    
251 C C5    . DA A 13 ? 0.9526 0.9373 1.0240 0.3294  0.2038  -0.1943 13 DA A C5    
252 C C6    . DA A 13 ? 1.0338 1.0326 1.0584 0.3196  0.2175  -0.2011 13 DA A C6    
253 N N6    . DA A 13 ? 0.9168 0.8914 0.8876 0.3143  0.2163  -0.2210 13 DA A N6    
254 N N1    . DA A 13 ? 1.1528 1.1928 1.1872 0.3144  0.2326  -0.1864 13 DA A N1    
255 C C2    . DA A 13 ? 1.0930 1.1610 1.1813 0.3200  0.2324  -0.1666 13 DA A C2    
256 N N3    . DA A 13 ? 0.9800 1.0386 1.1139 0.3306  0.2193  -0.1574 13 DA A N3    
257 C C4    . DA A 13 ? 0.9744 0.9889 1.0967 0.3337  0.2055  -0.1718 13 DA A C4    
258 P P     . DT A 14 ? 0.9740 1.0296 1.3148 0.3466  0.1380  -0.0883 14 DT A P     
259 O OP1   . DT A 14 ? 0.6426 0.6634 0.9840 0.3582  0.1282  -0.1015 14 DT A OP1   
260 O "O5'" . DT A 14 ? 0.5772 0.6172 0.8995 0.3284  0.1217  -0.0706 14 DT A "O5'" 
261 O "O5'" . DA B 1  ? 0.5311 0.4758 0.5626 0.0007  -0.0693 -0.0009 1  DA B "O5'" 
262 C "C5'" . DA B 1  ? 0.5681 0.5211 0.5916 0.0027  -0.0505 0.0015  1  DA B "C5'" 
263 C "C4'" . DA B 1  ? 0.5191 0.4732 0.5450 0.0030  -0.0502 0.0012  1  DA B "C4'" 
264 O "O4'" . DA B 1  ? 0.5629 0.5153 0.5888 0.0025  -0.0518 0.0020  1  DA B "O4'" 
265 C "C3'" . DA B 1  ? 0.4680 0.4344 0.4967 -0.0018 -0.0530 -0.0027 1  DA B "C3'" 
266 O "O3'" . DA B 1  ? 0.8200 0.7714 0.8613 0.0014  -0.0661 -0.0018 1  DA B "O3'" 
267 C "C2'" . DA B 1  ? 0.2632 0.2274 0.2902 -0.0023 -0.0547 -0.0021 1  DA B "C2'" 
268 C "C1'" . DA B 1  ? 0.3541 0.3176 0.3819 -0.0027 -0.0560 -0.0017 1  DA B "C1'" 
269 N N9    . DA B 1  ? 0.4575 0.4061 0.4811 0.0014  -0.0544 0.0035  1  DA B N9    
270 C C8    . DA B 1  ? 0.3237 0.2829 0.3463 -0.0045 -0.0587 0.0002  1  DA B C8    
271 N N7    . DA B 1  ? 0.3323 0.2676 0.3584 -0.0040 -0.0769 0.0048  1  DA B N7    
272 C C5    . DA B 1  ? 0.4742 0.4180 0.4951 -0.0002 -0.0579 0.0057  1  DA B C5    
273 C C6    . DA B 1  ? 0.5304 0.4846 0.5528 -0.0063 -0.0644 0.0018  1  DA B C6    
274 N N6    . DA B 1  ? 0.3514 0.2874 0.3692 -0.0040 -0.0627 0.0076  1  DA B N6    
275 N N1    . DA B 1  ? 0.5876 0.5285 0.6109 -0.0004 -0.0612 0.0061  1  DA B N1    
276 C C2    . DA B 1  ? 0.4692 0.4271 0.4983 -0.0046 -0.0633 -0.0001 1  DA B C2    
277 N N3    . DA B 1  ? 0.4939 0.4541 0.5234 -0.0038 -0.0607 -0.0007 1  DA B N3    
278 C C4    . DA B 1  ? 0.4946 0.4413 0.5187 0.0010  -0.0563 0.0042  1  DA B C4    
279 P P     . DC B 2  ? 0.9755 0.9399 1.0105 0.0052  -0.0493 0.0006  2  DC B P     
280 O OP1   . DC B 2  ? 0.8194 0.7834 0.8520 0.0053  -0.0487 0.0004  2  DC B OP1   
281 O OP2   . DC B 2  ? 0.8209 0.7756 0.8710 0.0021  -0.0660 -0.0030 2  DC B OP2   
282 O "O5'" . DC B 2  ? 0.7425 0.7171 0.7817 0.0018  -0.0504 -0.0019 2  DC B "O5'" 
283 C "C5'" . DC B 2  ? 0.7970 0.7630 0.8316 0.0053  -0.0476 0.0001  2  DC B "C5'" 
284 C "C4'" . DC B 2  ? 1.0654 1.0336 1.1017 -0.0019 -0.0474 -0.0050 2  DC B "C4'" 
285 O "O4'" . DC B 2  ? 1.2447 1.2224 1.2883 0.0017  -0.0483 -0.0019 2  DC B "O4'" 
286 C "C3'" . DC B 2  ? 1.0952 1.0618 1.1288 0.0057  -0.0468 -0.0006 2  DC B "C3'" 
287 O "O3'" . DC B 2  ? 0.9567 0.9220 0.9864 -0.0008 -0.0483 -0.0062 2  DC B "O3'" 
288 C "C2'" . DC B 2  ? 1.1245 1.0963 1.1623 -0.0009 -0.0480 -0.0049 2  DC B "C2'" 
289 C "C1'" . DC B 2  ? 1.1382 1.1131 1.1827 -0.0011 -0.0479 -0.0037 2  DC B "C1'" 
290 P P     . DT B 3  ? 1.1412 1.1034 1.1680 0.0068  -0.0487 -0.0016 3  DT B P     
291 O OP1   . DT B 3  ? 1.0509 1.0030 1.0865 0.0035  -0.0635 -0.0047 3  DT B OP1   
292 O OP2   . DT B 3  ? 1.1761 1.1265 1.2083 0.0055  -0.0644 -0.0070 3  DT B OP2   
293 O "O5'" . DT B 3  ? 0.6216 0.5831 0.6462 -0.0002 -0.0508 -0.0071 3  DT B "O5'" 
294 C "C5'" . DT B 3  ? 0.2907 0.2398 0.3247 0.0034  -0.0660 -0.0044 3  DT B "C5'" 
295 C "C4'" . DT B 3  ? 0.3093 0.2677 0.3349 0.0065  -0.0518 -0.0008 3  DT B "C4'" 
296 O "O4'" . DT B 3  ? 0.4754 0.4344 0.5031 0.0059  -0.0519 0.0000  3  DT B "O4'" 
297 C "C3'" . DT B 3  ? 0.2414 0.1994 0.2663 0.0077  -0.0522 -0.0022 3  DT B "C3'" 
298 O "O3'" . DT B 3  ? 0.3270 0.2828 0.3509 0.0083  -0.0541 -0.0026 3  DT B "O3'" 
299 C "C2'" . DT B 3  ? 0.2437 0.1921 0.2792 0.0048  -0.0675 -0.0062 3  DT B "C2'" 
300 C "C1'" . DT B 3  ? 0.3398 0.2883 0.3779 0.0034  -0.0683 -0.0046 3  DT B "C1'" 
301 N N1    . DT B 3  ? 0.5955 0.5587 0.6285 -0.0018 -0.0519 -0.0055 3  DT B N1    
302 C C2    . DT B 3  ? 0.7336 0.6966 0.7693 -0.0024 -0.0531 -0.0049 3  DT B C2    
303 O O2    . DT B 3  ? 0.4655 0.4269 0.5003 -0.0025 -0.0546 -0.0049 3  DT B O2    
304 N N3    . DT B 3  ? 1.0001 0.9558 1.0385 0.0007  -0.0502 -0.0017 3  DT B N3    
305 C C4    . DT B 3  ? 1.0503 1.0244 1.0948 0.0011  -0.0533 -0.0011 3  DT B C4    
306 O O4    . DT B 3  ? 1.1258 1.1017 1.1759 0.0006  -0.0534 -0.0006 3  DT B O4    
307 C C5    . DT B 3  ? 0.9884 0.9625 1.0298 0.0016  -0.0520 -0.0016 3  DT B C5    
308 C C7    . DT B 3  ? 1.0856 1.0620 1.1304 0.0014  -0.0506 -0.0015 3  DT B C7    
309 C C6    . DT B 3  ? 0.7936 0.7472 0.8390 0.0024  -0.0654 -0.0034 3  DT B C6    
310 P P     . DC B 4  ? 0.3645 0.3183 0.3860 0.0101  -0.0556 -0.0045 4  DC B P     
311 O OP1   . DC B 4  ? 0.6070 0.5615 0.6259 0.0027  -0.0561 -0.0108 4  DC B OP1   
312 O OP2   . DC B 4  ? 0.2811 0.2353 0.3019 0.0114  -0.0554 -0.0059 4  DC B OP2   
313 O "O5'" . DC B 4  ? 0.3338 0.2866 0.3545 0.0024  -0.0587 -0.0109 4  DC B "O5'" 
314 C "C5'" . DC B 4  ? 0.1552 0.1059 0.1781 0.0093  -0.0589 -0.0030 4  DC B "C5'" 
315 C "C4'" . DC B 4  ? 0.1593 0.1084 0.1839 0.0090  -0.0610 -0.0024 4  DC B "C4'" 
316 O "O4'" . DC B 4  ? 0.4259 0.3619 0.4592 0.0049  -0.0792 -0.0060 4  DC B "O4'" 
317 C "C3'" . DC B 4  ? 0.2174 0.1728 0.2431 0.0064  -0.0677 -0.0076 4  DC B "C3'" 
318 O "O3'" . DC B 4  ? 0.2714 0.2223 0.3006 0.0067  -0.0726 -0.0070 4  DC B "O3'" 
319 C "C2'" . DC B 4  ? 0.2618 0.2160 0.2889 0.0057  -0.0683 -0.0090 4  DC B "C2'" 
320 C "C1'" . DC B 4  ? 0.4077 0.3653 0.4361 0.0030  -0.0657 -0.0064 4  DC B "C1'" 
321 N N1    . DC B 4  ? 0.3943 0.3522 0.4245 0.0019  -0.0646 -0.0066 4  DC B N1    
322 C C2    . DC B 4  ? 0.4169 0.3721 0.4511 0.0010  -0.0677 -0.0058 4  DC B C2    
323 O O2    . DC B 4  ? 0.4575 0.4099 0.4934 0.0009  -0.0712 -0.0049 4  DC B O2    
324 N N3    . DC B 4  ? 0.4155 0.3708 0.4529 0.0003  -0.0674 -0.0056 4  DC B N3    
325 C C4    . DC B 4  ? 0.4657 0.4231 0.5026 0.0004  -0.0646 -0.0061 4  DC B C4    
326 N N4    . DC B 4  ? 0.4433 0.4006 0.4853 -0.0001 -0.0652 -0.0055 4  DC B N4    
327 C C5    . DC B 4  ? 0.4261 0.3856 0.4586 0.0012  -0.0617 -0.0071 4  DC B C5    
328 C C6    . DC B 4  ? 0.4074 0.3672 0.4366 0.0018  -0.0616 -0.0074 4  DC B C6    
329 P P     . DG B 5  ? 0.3998 0.3432 0.4316 0.0096  -0.0799 -0.0101 5  DG B P     
330 O OP1   . DG B 5  ? 0.4686 0.4075 0.5056 0.0086  -0.0848 -0.0090 5  DG B OP1   
331 O OP2   . DG B 5  ? 0.4549 0.3977 0.4827 0.0122  -0.0793 -0.0122 5  DG B OP2   
332 O "O5'" . DG B 5  ? 0.3513 0.2913 0.3847 0.0104  -0.0830 -0.0125 5  DG B "O5'" 
333 C "C5'" . DG B 5  ? 0.4889 0.4279 0.5273 0.0084  -0.0848 -0.0108 5  DG B "C5'" 
334 C "C4'" . DG B 5  ? 0.3458 0.2814 0.3870 0.0099  -0.0880 -0.0132 5  DG B "C4'" 
335 O "O4'" . DG B 5  ? 0.3666 0.3068 0.4051 0.0087  -0.0827 -0.0124 5  DG B "O4'" 
336 C "C3'" . DG B 5  ? 0.2979 0.2274 0.3384 0.0146  -0.0933 -0.0183 5  DG B "C3'" 
337 O "O3'" . DG B 5  ? 0.4109 0.3340 0.4575 0.0165  -0.0971 -0.0201 5  DG B "O3'" 
338 C "C2'" . DG B 5  ? 0.3815 0.3142 0.4158 0.0155  -0.0886 -0.0193 5  DG B "C2'" 
339 C "C1'" . DG B 5  ? 0.3860 0.3230 0.4234 0.0120  -0.0848 -0.0160 5  DG B "C1'" 
340 N N9    . DG B 5  ? 0.5168 0.4583 0.5506 0.0110  -0.0793 -0.0153 5  DG B N9    
341 C C8    . DG B 5  ? 0.2410 0.1843 0.2688 0.0117  -0.0761 -0.0161 5  DG B C8    
342 N N7    . DG B 5  ? 0.1845 0.1304 0.2119 0.0105  -0.0727 -0.0152 5  DG B N7    
343 C C5    . DG B 5  ? 0.1685 0.1149 0.2023 0.0090  -0.0734 -0.0137 5  DG B C5    
344 C C6    . DG B 5  ? 0.2924 0.2412 0.3305 0.0075  -0.0715 -0.0121 5  DG B C6    
345 O O6    . DG B 5  ? 0.4542 0.4049 0.4918 0.0071  -0.0690 -0.0118 5  DG B O6    
346 N N1    . DG B 5  ? 0.3076 0.2563 0.3530 0.0063  -0.0734 -0.0106 5  DG B N1    
347 C C2    . DG B 5  ? 0.2809 0.2268 0.3290 0.0065  -0.0772 -0.0107 5  DG B C2    
348 N N2    . DG B 5  ? 0.3424 0.2883 0.3987 0.0052  -0.0792 -0.0088 5  DG B N2    
349 N N3    . DG B 5  ? 0.2810 0.2241 0.3257 0.0081  -0.0795 -0.0122 5  DG B N3    
350 C C4    . DG B 5  ? 0.3964 0.3401 0.4338 0.0093  -0.0773 -0.0137 5  DG B C4    
351 P P     . DG B 6  ? 0.4771 0.3891 0.5206 0.0220  -0.0944 -0.0249 6  DG B P     
352 O OP1   . DG B 6  ? 0.2772 0.1816 0.3261 0.0238  -0.0903 -0.0240 6  DG B OP1   
353 O OP2   . DG B 6  ? 0.6764 0.5865 0.7193 0.0219  -0.0982 -0.0270 6  DG B OP2   
354 O "O5'" . DG B 6  ? 0.4758 0.3884 0.5109 0.0258  -0.0912 -0.0278 6  DG B "O5'" 
355 C "C5'" . DG B 6  ? 0.3283 0.2325 0.3572 0.0314  -0.0889 -0.0332 6  DG B "C5'" 
356 C "C4'" . DG B 6  ? 0.3432 0.2403 0.3725 0.0363  -0.0817 -0.0337 6  DG B "C4'" 
357 O "O4'" . DG B 6  ? 0.3506 0.2536 0.3796 0.0369  -0.0777 -0.0297 6  DG B "O4'" 
358 C "C3'" . DG B 6  ? 0.5040 0.3913 0.5257 0.0430  -0.0778 -0.0404 6  DG B "C3'" 
359 O "O3'" . DG B 6  ? 0.6496 0.5279 0.6756 0.0468  -0.0720 -0.0411 6  DG B "O3'" 
360 C "C2'" . DG B 6  ? 0.5004 0.3924 0.5147 0.0466  -0.0744 -0.0396 6  DG B "C2'" 
361 C "C1'" . DG B 6  ? 0.5202 0.4190 0.5422 0.0439  -0.0718 -0.0321 6  DG B "C1'" 
362 N N9    . DG B 6  ? 0.5340 0.4403 0.5529 0.0434  -0.0702 -0.0292 6  DG B N9    
363 C C8    . DG B 6  ? 0.5451 0.4541 0.5556 0.0438  -0.0725 -0.0314 6  DG B C8    
364 N N7    . DG B 6  ? 0.4902 0.4047 0.5006 0.0434  -0.0690 -0.0273 6  DG B N7    
365 C C5    . DG B 6  ? 0.3703 0.2868 0.3901 0.0427  -0.0646 -0.0222 6  DG B C5    
366 C C6    . DG B 6  ? 0.5171 0.4395 0.5430 0.0421  -0.0598 -0.0163 6  DG B C6    
367 O O6    . DG B 6  ? 0.6453 0.5720 0.6694 0.0421  -0.0574 -0.0139 6  DG B O6    
368 N N1    . DG B 6  ? 0.5345 0.4575 0.5699 0.0418  -0.0575 -0.0126 6  DG B N1    
369 C C2    . DG B 6  ? 0.4687 0.3868 0.5074 0.0423  -0.0592 -0.0140 6  DG B C2    
370 N N2    . DG B 6  ? 0.5231 0.4429 0.5713 0.0425  -0.0569 -0.0095 6  DG B N2    
371 N N3    . DG B 6  ? 0.4370 0.3489 0.4709 0.0429  -0.0628 -0.0192 6  DG B N3    
372 C C4    . DG B 6  ? 0.3455 0.2571 0.3701 0.0429  -0.0656 -0.0233 6  DG B C4    
373 P P     . DA B 7  ? 0.5315 0.3972 0.5510 0.0535  -0.0672 -0.0497 7  DA B P     
374 O OP1   . DA B 7  ? 0.6134 0.4766 0.6276 0.0511  -0.0731 -0.0569 7  DA B OP1   
375 O OP2   . DA B 7  ? 0.6790 0.5457 0.6929 0.0605  -0.0600 -0.0493 7  DA B OP2   
376 O "O5'" . DA B 7  ? 0.5260 0.3818 0.5546 0.0548  -0.0632 -0.0488 7  DA B "O5'" 
377 C "C5'" . DA B 7  ? 0.6055 0.4575 0.6409 0.0495  -0.0677 -0.0488 7  DA B "C5'" 
378 C "C4'" . DA B 7  ? 0.5489 0.4022 0.5952 0.0481  -0.0664 -0.0405 7  DA B "C4'" 
379 O "O4'" . DA B 7  ? 0.5304 0.3971 0.5779 0.0456  -0.0680 -0.0335 7  DA B "O4'" 
380 C "C3'" . DA B 7  ? 0.5686 0.4127 0.6185 0.0550  -0.0582 -0.0394 7  DA B "C3'" 
381 O "O3'" . DA B 7  ? 0.6284 0.4580 0.6810 0.0561  -0.0563 -0.0442 7  DA B "O3'" 
382 C "C2'" . DA B 7  ? 0.5022 0.3544 0.5610 0.0529  -0.0590 -0.0294 7  DA B "C2'" 
383 C "C1'" . DA B 7  ? 0.4211 0.2878 0.4763 0.0480  -0.0638 -0.0271 7  DA B "C1'" 
384 N N9    . DA B 7  ? 0.4702 0.3422 0.5227 0.0525  -0.0588 -0.0249 7  DA B N9    
385 C C8    . DA B 7  ? 0.6943 0.5698 0.7382 0.0542  -0.0576 -0.0279 7  DA B C8    
386 N N7    . DA B 7  ? 0.7272 0.6068 0.7722 0.0588  -0.0516 -0.0237 7  DA B N7    
387 C C5    . DA B 7  ? 0.5779 0.4572 0.6326 0.0599  -0.0493 -0.0180 7  DA B C5    
388 C C6    . DA B 7  ? 0.6484 0.5317 0.7093 0.0647  -0.0437 -0.0114 7  DA B C6    
389 N N6    . DA B 7  ? 0.5505 0.4388 0.6094 0.0690  -0.0381 -0.0090 7  DA B N6    
390 N N1    . DA B 7  ? 0.7554 0.6376 0.8253 0.0651  -0.0440 -0.0069 7  DA B N1    
391 C C2    . DA B 7  ? 0.5659 0.4428 0.6385 0.0613  -0.0486 -0.0081 7  DA B C2    
392 N N3    . DA B 7  ? 0.4340 0.3066 0.5020 0.0568  -0.0533 -0.0136 7  DA B N3    
393 C C4    . DA B 7  ? 0.4191 0.2934 0.4780 0.0563  -0.0537 -0.0186 7  DA B C4    
394 P P     . DC B 8  ? 0.7993 0.6145 0.8475 0.0647  -0.0475 -0.0516 8  DC B P     
395 O OP1   . DC B 8  ? 0.7610 0.5614 0.8154 0.0648  -0.0459 -0.0537 8  DC B OP1   
396 O OP2   . DC B 8  ? 0.8839 0.6999 0.9204 0.0658  -0.0480 -0.0606 8  DC B OP2   
397 O "O5'" . DC B 8  ? 0.4181 0.2374 0.4695 0.0717  -0.0403 -0.0440 8  DC B "O5'" 
398 C "C5'" . DC B 8  ? 0.3424 0.1624 0.4041 0.0726  -0.0393 -0.0349 8  DC B "C5'" 
399 C "C4'" . DC B 8  ? 0.5062 0.3382 0.5703 0.0757  -0.0364 -0.0269 8  DC B "C4'" 
400 O "O4'" . DC B 8  ? 0.8240 0.6673 0.8815 0.0723  -0.0395 -0.0281 8  DC B "O4'" 
401 C "C3'" . DC B 8  ? 0.4319 0.2579 0.4957 0.0866  -0.0261 -0.0260 8  DC B "C3'" 
402 O "O3'" . DC B 8  ? 0.5347 0.3692 0.6063 0.0892  -0.0251 -0.0161 8  DC B "O3'" 
403 C "C2'" . DC B 8  ? 0.3811 0.2116 0.4363 0.0888  -0.0227 -0.0308 8  DC B "C2'" 
404 C "C1'" . DC B 8  ? 0.6363 0.4809 0.6905 0.0800  -0.0315 -0.0277 8  DC B "C1'" 
405 N N1    . DC B 8  ? 0.4395 0.2875 0.4836 0.0787  -0.0330 -0.0339 8  DC B N1    
406 C C2    . DC B 8  ? 0.4358 0.2938 0.4782 0.0811  -0.0299 -0.0299 8  DC B C2    
407 O O2    . DC B 8  ? 0.4757 0.3398 0.5253 0.0837  -0.0258 -0.0214 8  DC B O2    
408 N N3    . DC B 8  ? 0.5408 0.4016 0.5737 0.0808  -0.0314 -0.0350 8  DC B N3    
409 C C4    . DC B 8  ? 0.6331 0.4878 0.6574 0.0782  -0.0366 -0.0443 8  DC B C4    
410 N N4    . DC B 8  ? 0.6621 0.5201 0.6756 0.0793  -0.0402 -0.0498 8  DC B N4    
411 C C5    . DC B 8  ? 0.5403 0.3850 0.5671 0.0752  -0.0398 -0.0488 8  DC B C5    
412 C C6    . DC B 8  ? 0.4356 0.2769 0.4726 0.0757  -0.0374 -0.0432 8  DC B C6    
413 P P     . DG B 9  ? 1.3303 1.1573 1.4056 0.1010  -0.0167 -0.0126 9  DG B P     
414 O OP1   . DG B 9  ? 1.2871 1.1264 1.3711 0.1008  -0.0199 -0.0029 9  DG B OP1   
415 O OP2   . DG B 9  ? 1.3876 1.1974 1.4629 0.1036  -0.0148 -0.0178 9  DG B OP2   
416 O "O5'" . DG B 9  ? 0.9859 0.8122 1.0537 0.1095  -0.0067 -0.0157 9  DG B "O5'" 
417 C "C5'" . DG B 9  ? 0.9481 0.7886 1.0157 0.1101  -0.0057 -0.0103 9  DG B "C5'" 
418 C "C4'" . DG B 9  ? 0.9681 0.8068 1.0308 0.1173  0.0050  -0.0140 9  DG B "C4'" 
419 O "O4'" . DG B 9  ? 0.9773 0.8146 1.0348 0.1105  0.0014  -0.0234 9  DG B "O4'" 
420 C "C3'" . DG B 9  ? 1.0675 0.8952 1.1294 0.1271  0.0150  -0.0178 9  DG B "C3'" 
421 O "O3'" . DG B 9  ? 1.1354 0.9731 1.1991 0.1330  0.0241  -0.0142 9  DG B "O3'" 
422 C "C2'" . DG B 9  ? 1.0160 0.8306 1.0743 0.1244  0.0161  -0.0309 9  DG B "C2'" 
423 C "C1'" . DG B 9  ? 0.8953 0.7215 0.9500 0.1161  0.0090  -0.0333 9  DG B "C1'" 
424 N N9    . DG B 9  ? 0.8090 0.6287 0.8541 0.1092  0.0010  -0.0446 9  DG B N9    
425 C C8    . DG B 9  ? 0.6814 0.4876 0.7245 0.1067  -0.0021 -0.0508 9  DG B C8    
426 N N7    . DG B 9  ? 0.7296 0.5336 0.7641 0.1004  -0.0095 -0.0601 9  DG B N7    
427 C C5    . DG B 9  ? 0.7207 0.5369 0.7492 0.0999  -0.0131 -0.0608 9  DG B C5    
428 C C6    . DG B 9  ? 0.6544 0.4742 0.6711 0.0958  -0.0225 -0.0688 9  DG B C6    
429 O O6    . DG B 9  ? 0.7827 0.5965 0.7933 0.0909  -0.0292 -0.0773 9  DG B O6    
430 N N1    . DG B 9  ? 0.6387 0.4703 0.6509 0.0983  -0.0234 -0.0657 9  DG B N1    
431 C C2    . DG B 9  ? 0.7358 0.5755 0.7565 0.1030  -0.0157 -0.0560 9  DG B C2    
432 N N2    . DG B 9  ? 0.8890 0.7391 0.9043 0.1048  -0.0173 -0.0538 9  DG B N2    
433 N N3    . DG B 9  ? 0.6054 0.4433 0.6393 0.1063  -0.0069 -0.0483 9  DG B N3    
434 C C4    . DG B 9  ? 0.7822 0.6078 0.8180 0.1049  -0.0064 -0.0513 9  DG B C4    
435 P P     . DA B 10 ? 1.1236 0.9555 1.1824 0.1459  0.0328  -0.0134 10 DA B P     
436 O OP1   . DA B 10 ? 0.9481 0.7731 1.0022 0.1513  0.0210  -0.0125 10 DA B OP1   
437 O OP2   . DA B 10 ? 1.1509 0.9764 1.2272 0.1443  0.0430  -0.0258 10 DA B OP2   
438 O "O5'" . DA B 10 ? 0.9540 0.7997 0.9972 0.1554  0.0294  -0.0089 10 DA B "O5'" 
439 C "C5'" . DA B 10 ? 0.8711 0.7298 0.9176 0.1531  0.0104  -0.0082 10 DA B "C5'" 
440 C "C4'" . DA B 10 ? 0.9004 0.7731 0.9430 0.1517  0.0023  -0.0116 10 DA B "C4'" 
441 O "O4'" . DA B 10 ? 1.0198 0.8941 1.0837 0.1345  0.0289  0.0029  10 DA B "O4'" 
442 C "C3'" . DA B 10 ? 0.8293 0.7218 0.9301 0.1474  -0.0121 -0.0330 10 DA B "C3'" 
443 O "O3'" . DA B 10 ? 0.8636 0.7620 0.9661 0.1566  -0.0057 -0.0237 10 DA B "O3'" 
444 C "C2'" . DA B 10 ? 0.7979 0.7014 0.9242 0.1349  -0.0024 -0.0289 10 DA B "C2'" 
445 C "C1'" . DA B 10 ? 0.9010 0.7952 1.0246 0.1215  0.0237  -0.0096 10 DA B "C1'" 
446 N N9    . DA B 10 ? 0.8603 0.7380 0.9628 0.1292  0.0253  -0.0228 10 DA B N9    
447 C C8    . DA B 10 ? 0.7535 0.6135 0.8417 0.1309  0.0283  -0.0270 10 DA B C8    
448 N N7    . DA B 10 ? 0.7013 0.5498 0.7760 0.1360  0.0268  -0.0424 10 DA B N7    
449 C C5    . DA B 10 ? 0.7065 0.5651 0.7755 0.1402  0.0248  -0.0460 10 DA B C5    
450 C C6    . DA B 10 ? 0.7553 0.6115 0.7970 0.1467  0.0229  -0.0580 10 DA B C6    
451 N N6    . DA B 10 ? 0.9096 0.7523 0.9316 0.1482  0.0210  -0.0716 10 DA B N6    
452 N N1    . DA B 10 ? 0.7835 0.6515 0.8175 0.1518  0.0236  -0.0547 10 DA B N1    
453 C C2    . DA B 10 ? 0.8359 0.7174 0.8915 0.1491  0.0239  -0.0423 10 DA B C2    
454 N N3    . DA B 10 ? 0.8326 0.7189 0.9184 0.1416  0.0221  -0.0334 10 DA B N3    
455 C C4    . DA B 10 ? 0.7976 0.6729 0.8861 0.1374  0.0238  -0.0343 10 DA B C4    
456 P P     . DC B 11 ? 0.9471 0.8506 1.0713 0.1681  0.0072  -0.0265 11 DC B P     
457 O OP1   . DC B 11 ? 0.8393 0.7496 0.9720 0.1740  0.0098  -0.0163 11 DC B OP1   
458 O OP2   . DC B 11 ? 1.0096 0.9027 1.1372 0.1711  0.0106  -0.0385 11 DC B OP2   
459 O "O5'" . DC B 11 ? 0.7606 0.6733 0.8900 0.1692  0.0169  -0.0250 11 DC B "O5'" 
460 C "C5'" . DC B 11 ? 0.8430 0.7577 0.9720 0.1793  0.0334  -0.0275 11 DC B "C5'" 
461 C "C4'" . DC B 11 ? 0.7991 0.7085 0.9123 0.1789  0.0403  -0.0335 11 DC B "C4'" 
462 O "O4'" . DC B 11 ? 0.8559 0.7530 0.9702 0.1707  0.0330  -0.0413 11 DC B "O4'" 
463 C "C3'" . DC B 11 ? 0.7948 0.7008 0.8931 0.1918  0.0562  -0.0401 11 DC B "C3'" 
464 O "O3'" . DC B 11 ? 0.8592 0.7704 0.9354 0.1960  0.0646  -0.0364 11 DC B "O3'" 
465 C "C2'" . DC B 11 ? 0.7475 0.6371 0.8408 0.1905  0.0545  -0.0542 11 DC B "C2'" 
466 C "C1'" . DC B 11 ? 0.7746 0.6608 0.8700 0.1768  0.0433  -0.0515 11 DC B "C1'" 
467 N N1    . DC B 11 ? 0.6331 0.5045 0.7354 0.1701  0.0406  -0.0585 11 DC B N1    
468 C C2    . DC B 11 ? 0.6637 0.5209 0.7386 0.1706  0.0444  -0.0682 11 DC B C2    
469 O O2    . DC B 11 ? 0.7695 0.6289 0.8170 0.1770  0.0469  -0.0725 11 DC B O2    
470 N N3    . DC B 11 ? 0.6185 0.4604 0.6946 0.1647  0.0441  -0.0724 11 DC B N3    
471 C C4    . DC B 11 ? 0.6933 0.5349 0.7914 0.1572  0.0431  -0.0629 11 DC B C4    
472 N N4    . DC B 11 ? 0.7159 0.5396 0.8040 0.1533  0.0455  -0.0640 11 DC B N4    
473 C C5    . DC B 11 ? 0.6740 0.5341 0.7995 0.1542  0.0361  -0.0536 11 DC B C5    
474 C C6    . DC B 11 ? 0.5601 0.4334 0.6834 0.1617  0.0323  -0.0535 11 DC B C6    
475 P P     . DG B 12 ? 1.2990 1.2160 1.3608 0.2106  0.0821  -0.0352 12 DG B P     
476 O OP1   . DG B 12 ? 1.1844 1.1069 1.2224 0.2134  0.0868  -0.0299 12 DG B OP1   
477 O OP2   . DG B 12 ? 1.1575 1.0843 1.2423 0.2134  0.0867  -0.0262 12 DG B OP2   
478 O "O5'" . DG B 12 ? 0.6985 0.6014 0.7467 0.2179  0.0867  -0.0524 12 DG B "O5'" 
479 C "C5'" . DG B 12 ? 0.5717 0.4636 0.5932 0.2173  0.0839  -0.0639 12 DG B "C5'" 
480 C "C4'" . DG B 12 ? 0.5746 0.4520 0.5918 0.2209  0.0863  -0.0807 12 DG B "C4'" 
481 O "O4'" . DG B 12 ? 0.7576 0.6274 0.8028 0.2115  0.0774  -0.0822 12 DG B "O4'" 
482 C "C3'" . DG B 12 ? 0.6046 0.4843 0.6211 0.2337  0.1004  -0.0848 12 DG B "C3'" 
483 O "O3'" . DG B 12 ? 0.6031 0.4713 0.5947 0.2395  0.1049  -0.1020 12 DG B "O3'" 
484 C "C2'" . DG B 12 ? 0.8295 0.7080 0.8810 0.2311  0.0969  -0.0833 12 DG B "C2'" 
485 C "C1'" . DG B 12 ? 0.8553 0.7217 0.9153 0.2184  0.0835  -0.0884 12 DG B "C1'" 
486 N N9    . DG B 12 ? 0.8523 0.7209 0.9451 0.2121  0.0737  -0.0820 12 DG B N9    
487 C C8    . DG B 12 ? 0.8264 0.7081 0.9366 0.2147  0.0718  -0.0700 12 DG B C8    
488 N N7    . DG B 12 ? 0.8814 0.7615 1.0112 0.2095  0.0588  -0.0675 12 DG B N7    
489 C C5    . DG B 12 ? 0.8106 0.6770 0.9404 0.2014  0.0529  -0.0770 12 DG B C5    
490 C C6    . DG B 12 ? 0.7014 0.5621 0.8404 0.1914  0.0388  -0.0759 12 DG B C6    
491 O O6    . DG B 12 ? 0.6643 0.5274 0.8030 0.1930  0.0259  -0.0685 12 DG B O6    
492 N N1    . DG B 12 ? 0.6979 0.5448 0.8354 0.1817  0.0445  -0.0822 12 DG B N1    
493 C C2    . DG B 12 ? 0.7803 0.6163 0.8947 0.1854  0.0577  -0.0909 12 DG B C2    
494 N N2    . DG B 12 ? 0.8599 0.6770 0.9600 0.1788  0.0615  -0.0954 12 DG B N2    
495 N N3    . DG B 12 ? 0.7892 0.6313 0.8875 0.1967  0.0648  -0.0952 12 DG B N3    
496 C C4    . DG B 12 ? 0.8280 0.6863 0.9371 0.2028  0.0636  -0.0861 12 DG B C4    
497 P P     . DA B 13 ? 0.7878 0.6621 0.7447 0.2521  0.1169  -0.1053 13 DA B P     
498 O OP1   . DA B 13 ? 0.9191 0.8089 0.8709 0.2530  0.1183  -0.0879 13 DA B OP1   
499 O OP2   . DA B 13 ? 0.6954 0.5687 0.6567 0.2624  0.1297  -0.1124 13 DA B OP2   
500 O "O5'" . DA B 13 ? 0.9365 0.7985 0.8615 0.2494  0.1095  -0.1221 13 DA B "O5'" 
501 C "C5'" . DA B 13 ? 0.9040 0.7671 0.8154 0.2420  0.0978  -0.1182 13 DA B "C5'" 
502 C "C4'" . DA B 13 ? 0.9463 0.7953 0.8368 0.2369  0.0884  -0.1360 13 DA B "C4'" 
503 O "O4'" . DA B 13 ? 0.9412 0.7768 0.8564 0.2258  0.0810  -0.1400 13 DA B "O4'" 
504 C "C3'" . DA B 13 ? 0.9730 0.8157 0.8396 0.2452  0.0957  -0.1539 13 DA B "C3'" 
505 O "O3'" . DA B 13 ? 1.1421 0.9812 0.9782 0.2424  0.0860  -0.1654 13 DA B "O3'" 
506 C "C2'" . DA B 13 ? 0.9021 0.7294 0.7927 0.2411  0.0976  -0.1638 13 DA B "C2'" 
507 C "C1'" . DA B 13 ? 0.8862 0.7073 0.7967 0.2272  0.0845  -0.1578 13 DA B "C1'" 
508 N N9    . DA B 13 ? 0.8752 0.6876 0.8207 0.2223  0.0863  -0.1559 13 DA B N9    
509 C C8    . DA B 13 ? 0.7885 0.6097 0.7654 0.2239  0.0905  -0.1425 13 DA B C8    
510 N N7    . DA B 13 ? 0.7193 0.5310 0.7246 0.2191  0.0900  -0.1439 13 DA B N7    
511 C C5    . DA B 13 ? 0.8314 0.6248 0.8222 0.2137  0.0873  -0.1582 13 DA B C5    
512 C C6    . DA B 13 ? 0.8175 0.5923 0.8235 0.2073  0.0875  -0.1644 13 DA B C6    
513 N N6    . DA B 13 ? 0.7689 0.5419 0.8106 0.2058  0.0905  -0.1567 13 DA B N6    
514 N N1    . DA B 13 ? 0.8843 0.6429 0.8670 0.2027  0.0841  -0.1783 13 DA B N1    
515 C C2    . DA B 13 ? 0.9746 0.7379 0.9240 0.2041  0.0788  -0.1865 13 DA B C2    
516 N N3    . DA B 13 ? 0.9811 0.7620 0.9138 0.2106  0.0783  -0.1814 13 DA B N3    
517 C C4    . DA B 13 ? 0.9263 0.7205 0.8806 0.2153  0.0837  -0.1665 13 DA B C4    
518 P P     . DT B 14 ? 1.3054 1.1603 1.1107 0.2487  0.0843  -0.1586 14 DT B P     
519 O OP1   . DT B 14 ? 1.1571 1.0101 0.9544 0.2388  0.0676  -0.1603 14 DT B OP1   
520 O OP2   . DT B 14 ? 1.3416 1.2000 1.1193 0.2601  0.0941  -0.1688 14 DT B OP2   
# 
loop_
_pdbx_poly_seq_scheme.asym_id 
_pdbx_poly_seq_scheme.entity_id 
_pdbx_poly_seq_scheme.seq_id 
_pdbx_poly_seq_scheme.mon_id 
_pdbx_poly_seq_scheme.ndb_seq_num 
_pdbx_poly_seq_scheme.pdb_seq_num 
_pdbx_poly_seq_scheme.auth_seq_num 
_pdbx_poly_seq_scheme.pdb_mon_id 
_pdbx_poly_seq_scheme.auth_mon_id 
_pdbx_poly_seq_scheme.pdb_strand_id 
_pdbx_poly_seq_scheme.pdb_ins_code 
_pdbx_poly_seq_scheme.hetero 
A 1 1  DA 1  1  1  DA DA A . n 
A 1 2  DC 2  2  2  DC DC A . n 
A 1 3  DT 3  3  3  DT DT A . n 
A 1 4  DC 4  4  4  DC DC A . n 
A 1 5  DG 5  5  5  DG DG A . n 
A 1 6  DG 6  6  6  DG DG A . n 
A 1 7  DA 7  7  7  DA DA A . n 
A 1 8  DC 8  8  8  DC DC A . n 
A 1 9  DG 9  9  9  DG DG A . n 
A 1 10 DA 10 10 10 DA DA A . n 
A 1 11 DC 11 11 11 DC DC A . n 
A 1 12 DG 12 12 12 DG DG A . n 
A 1 13 DA 13 13 13 DA DA A . n 
A 1 14 DT 14 14 14 DT DT A . n 
B 1 1  DA 1  1  1  DA DA B . n 
B 1 2  DC 2  2  2  DC DC B . n 
B 1 3  DT 3  3  3  DT DT B . n 
B 1 4  DC 4  4  4  DC DC B . n 
B 1 5  DG 5  5  5  DG DG B . n 
B 1 6  DG 6  6  6  DG DG B . n 
B 1 7  DA 7  7  7  DA DA B . n 
B 1 8  DC 8  8  8  DC DC B . n 
B 1 9  DG 9  9  9  DG DG B . n 
B 1 10 DA 10 10 10 DA DA B . n 
B 1 11 DC 11 11 11 DC DC B . n 
B 1 12 DG 12 12 12 DG DG B . n 
B 1 13 DA 13 13 13 DA DA B . n 
B 1 14 DT 14 14 14 DT DT B . n 
# 
loop_
_pdbx_nonpoly_scheme.asym_id 
_pdbx_nonpoly_scheme.entity_id 
_pdbx_nonpoly_scheme.mon_id 
_pdbx_nonpoly_scheme.ndb_seq_num 
_pdbx_nonpoly_scheme.pdb_seq_num 
_pdbx_nonpoly_scheme.auth_seq_num 
_pdbx_nonpoly_scheme.pdb_mon_id 
_pdbx_nonpoly_scheme.auth_mon_id 
_pdbx_nonpoly_scheme.pdb_strand_id 
_pdbx_nonpoly_scheme.pdb_ins_code 
C 2 SR  1 101 2 SR  SR  A . 
D 2 SR  1 101 4 SR  SR  B . 
E 2 SR  1 102 1 SR  SR  B . 
F 3 HOH 1 201 3 HOH HOH A . 
G 3 HOH 1 201 5 HOH HOH B . 
G 3 HOH 2 202 2 HOH HOH B . 
G 3 HOH 3 203 4 HOH HOH B . 
G 3 HOH 4 204 1 HOH HOH B . 
# 
_pdbx_struct_assembly.id                   1 
_pdbx_struct_assembly.details              author_and_software_defined_assembly 
_pdbx_struct_assembly.method_details       PISA 
_pdbx_struct_assembly.oligomeric_details   dimeric 
_pdbx_struct_assembly.oligomeric_count     2 
# 
_pdbx_struct_assembly_gen.assembly_id       1 
_pdbx_struct_assembly_gen.oper_expression   1 
_pdbx_struct_assembly_gen.asym_id_list      A,B,C,D,E,F,G 
# 
loop_
_pdbx_struct_assembly_prop.biol_id 
_pdbx_struct_assembly_prop.type 
_pdbx_struct_assembly_prop.value 
_pdbx_struct_assembly_prop.details 
1 'ABSA (A^2)' 2270 ? 
1 MORE         -43  ? 
1 'SSA (A^2)'  5230 ? 
# 
_pdbx_struct_oper_list.id                   1 
_pdbx_struct_oper_list.type                 'identity operation' 
_pdbx_struct_oper_list.name                 1_555 
_pdbx_struct_oper_list.symmetry_operation   x,y,z 
_pdbx_struct_oper_list.matrix[1][1]         1.0000000000 
_pdbx_struct_oper_list.matrix[1][2]         0.0000000000 
_pdbx_struct_oper_list.matrix[1][3]         0.0000000000 
_pdbx_struct_oper_list.vector[1]            0.0000000000 
_pdbx_struct_oper_list.matrix[2][1]         0.0000000000 
_pdbx_struct_oper_list.matrix[2][2]         1.0000000000 
_pdbx_struct_oper_list.matrix[2][3]         0.0000000000 
_pdbx_struct_oper_list.vector[2]            0.0000000000 
_pdbx_struct_oper_list.matrix[3][1]         0.0000000000 
_pdbx_struct_oper_list.matrix[3][2]         0.0000000000 
_pdbx_struct_oper_list.matrix[3][3]         1.0000000000 
_pdbx_struct_oper_list.vector[3]            0.0000000000 
# 
loop_
_pdbx_audit_revision_history.ordinal 
_pdbx_audit_revision_history.data_content_type 
_pdbx_audit_revision_history.major_revision 
_pdbx_audit_revision_history.minor_revision 
_pdbx_audit_revision_history.revision_date 
1 'Structure model' 1 0 2015-12-16 
2 'Structure model' 1 1 2016-07-06 
3 'Structure model' 1 2 2016-07-20 
4 'Structure model' 1 3 2017-09-27 
5 'Structure model' 1 4 2019-11-27 
6 'Structure model' 1 5 2023-09-27 
# 
_pdbx_audit_revision_details.ordinal             1 
_pdbx_audit_revision_details.revision_ordinal    1 
_pdbx_audit_revision_details.data_content_type   'Structure model' 
_pdbx_audit_revision_details.provider            repository 
_pdbx_audit_revision_details.type                'Initial release' 
_pdbx_audit_revision_details.description         ? 
_pdbx_audit_revision_details.details             ? 
# 
loop_
_pdbx_audit_revision_group.ordinal 
_pdbx_audit_revision_group.revision_ordinal 
_pdbx_audit_revision_group.data_content_type 
_pdbx_audit_revision_group.group 
1 2 'Structure model' 'Database references'        
2 3 'Structure model' 'Data collection'            
3 4 'Structure model' 'Author supporting evidence' 
4 4 'Structure model' 'Data collection'            
5 4 'Structure model' 'Derived calculations'       
6 5 'Structure model' 'Author supporting evidence' 
7 6 'Structure model' 'Data collection'            
8 6 'Structure model' 'Database references'        
9 6 'Structure model' 'Refinement description'     
# 
loop_
_pdbx_audit_revision_category.ordinal 
_pdbx_audit_revision_category.revision_ordinal 
_pdbx_audit_revision_category.data_content_type 
_pdbx_audit_revision_category.category 
1 4 'Structure model' diffrn_detector               
2 4 'Structure model' pdbx_audit_support            
3 4 'Structure model' pdbx_struct_oper_list         
4 5 'Structure model' pdbx_audit_support            
5 6 'Structure model' chem_comp_atom                
6 6 'Structure model' chem_comp_bond                
7 6 'Structure model' database_2                    
8 6 'Structure model' pdbx_initial_refinement_model 
# 
loop_
_pdbx_audit_revision_item.ordinal 
_pdbx_audit_revision_item.revision_ordinal 
_pdbx_audit_revision_item.data_content_type 
_pdbx_audit_revision_item.item 
1 4 'Structure model' '_diffrn_detector.detector'                 
2 4 'Structure model' '_pdbx_audit_support.funding_organization'  
3 4 'Structure model' '_pdbx_struct_oper_list.symmetry_operation' 
4 5 'Structure model' '_pdbx_audit_support.funding_organization'  
5 6 'Structure model' '_database_2.pdbx_DOI'                      
6 6 'Structure model' '_database_2.pdbx_database_accession'       
# 
_diffrn_reflns.diffrn_id                   1 
_diffrn_reflns.pdbx_d_res_high             2.690 
_diffrn_reflns.pdbx_d_res_low              128.790 
_diffrn_reflns.pdbx_number_obs             2730 
_diffrn_reflns.pdbx_Rmerge_I_obs           0.209 
_diffrn_reflns.pdbx_Rsym_value             ? 
_diffrn_reflns.pdbx_chi_squared            ? 
_diffrn_reflns.pdbx_redundancy             13.00 
_diffrn_reflns.pdbx_rejects                105 
_diffrn_reflns.pdbx_percent_possible_obs   98.50 
_diffrn_reflns.pdbx_observed_criterion     ? 
_diffrn_reflns.number                      35557 
_diffrn_reflns.limit_h_max                 ? 
_diffrn_reflns.limit_h_min                 ? 
_diffrn_reflns.limit_k_max                 ? 
_diffrn_reflns.limit_k_min                 ? 
_diffrn_reflns.limit_l_max                 ? 
_diffrn_reflns.limit_l_min                 ? 
# 
loop_
_pdbx_diffrn_reflns_shell.diffrn_id 
_pdbx_diffrn_reflns_shell.d_res_high 
_pdbx_diffrn_reflns_shell.d_res_low 
_pdbx_diffrn_reflns_shell.number_obs 
_pdbx_diffrn_reflns_shell.rejects 
_pdbx_diffrn_reflns_shell.Rmerge_I_obs 
_pdbx_diffrn_reflns_shell.Rsym_value 
_pdbx_diffrn_reflns_shell.chi_squared 
_pdbx_diffrn_reflns_shell.redundancy 
_pdbx_diffrn_reflns_shell.percent_possible_obs 
1 2.69 2.84   ? ? 0.690 ? ? 6.00 ? 
1 8.51 128.79 ? ? 0.137 ? ? 7.90 ? 
# 
loop_
_pdbx_refine_tls.id 
_pdbx_refine_tls.pdbx_refine_id 
_pdbx_refine_tls.details 
_pdbx_refine_tls.method 
_pdbx_refine_tls.origin_x 
_pdbx_refine_tls.origin_y 
_pdbx_refine_tls.origin_z 
_pdbx_refine_tls.T[1][1] 
_pdbx_refine_tls.T[1][1]_esd 
_pdbx_refine_tls.T[1][2] 
_pdbx_refine_tls.T[1][2]_esd 
_pdbx_refine_tls.T[1][3] 
_pdbx_refine_tls.T[1][3]_esd 
_pdbx_refine_tls.T[2][2] 
_pdbx_refine_tls.T[2][2]_esd 
_pdbx_refine_tls.T[2][3] 
_pdbx_refine_tls.T[2][3]_esd 
_pdbx_refine_tls.T[3][3] 
_pdbx_refine_tls.T[3][3]_esd 
_pdbx_refine_tls.L[1][1] 
_pdbx_refine_tls.L[1][1]_esd 
_pdbx_refine_tls.L[1][2] 
_pdbx_refine_tls.L[1][2]_esd 
_pdbx_refine_tls.L[1][3] 
_pdbx_refine_tls.L[1][3]_esd 
_pdbx_refine_tls.L[2][2] 
_pdbx_refine_tls.L[2][2]_esd 
_pdbx_refine_tls.L[2][3] 
_pdbx_refine_tls.L[2][3]_esd 
_pdbx_refine_tls.L[3][3] 
_pdbx_refine_tls.L[3][3]_esd 
_pdbx_refine_tls.S[1][1] 
_pdbx_refine_tls.S[1][1]_esd 
_pdbx_refine_tls.S[1][2] 
_pdbx_refine_tls.S[1][2]_esd 
_pdbx_refine_tls.S[1][3] 
_pdbx_refine_tls.S[1][3]_esd 
_pdbx_refine_tls.S[2][1] 
_pdbx_refine_tls.S[2][1]_esd 
_pdbx_refine_tls.S[2][2] 
_pdbx_refine_tls.S[2][2]_esd 
_pdbx_refine_tls.S[2][3] 
_pdbx_refine_tls.S[2][3]_esd 
_pdbx_refine_tls.S[3][1] 
_pdbx_refine_tls.S[3][1]_esd 
_pdbx_refine_tls.S[3][2] 
_pdbx_refine_tls.S[3][2]_esd 
_pdbx_refine_tls.S[3][3] 
_pdbx_refine_tls.S[3][3]_esd 
1 'X-RAY DIFFRACTION' ? refined -0.8701 0.9997  -1.0502 0.3337 ? 0.1526 ? -0.0501 ? 0.2114 ? 0.0402  ? 0.4136 ? 1.9735 ? 0.3124  ? -0.6113 ? 1.5032 ? 0.5337  ? 2.6047 ? -0.1112 ? -0.3006 ? 0.6936 ? 0.5949 ? 0.3678 ? 0.3084 ? 0.0358  ? -0.2349 ? 0.1695 ? 
2 'X-RAY DIFFRACTION' ? refined 0.7363  -0.9769 1.3060  0.2211 ? 0.1130 ? -0.0769 ? 0.0348 ? -0.0357 ? 0.2810 ? 1.7358 ? -0.2893 ? -0.2655 ? 1.2309 ? -0.2268 ? 0.7791 ? -0.1190 ? -0.3069 ? 0.3401 ? 0.3091 ? 0.2375 ? 0.3212 ? -0.3025 ? -0.0390 ? 0.0032 ? 
# 
loop_
_pdbx_refine_tls_group.id 
_pdbx_refine_tls_group.pdbx_refine_id 
_pdbx_refine_tls_group.refine_tls_id 
_pdbx_refine_tls_group.beg_label_asym_id 
_pdbx_refine_tls_group.beg_label_seq_id 
_pdbx_refine_tls_group.beg_auth_asym_id 
_pdbx_refine_tls_group.beg_auth_seq_id 
_pdbx_refine_tls_group.end_label_asym_id 
_pdbx_refine_tls_group.end_label_seq_id 
_pdbx_refine_tls_group.end_auth_asym_id 
_pdbx_refine_tls_group.end_auth_seq_id 
_pdbx_refine_tls_group.selection 
_pdbx_refine_tls_group.selection_details 
1 'X-RAY DIFFRACTION' 1 ? ? A 0 ? ? A 0 ? 
;chain 'A' and (resid 1 through 14 )
;
2 'X-RAY DIFFRACTION' 2 ? ? B 0 ? ? B 0 ? 
;chain 'B' and (resid 1 through 14 )
;
# 
_pdbx_phasing_MR.entry_id                     5CV2 
_pdbx_phasing_MR.method_rotation              ? 
_pdbx_phasing_MR.method_translation           ? 
_pdbx_phasing_MR.model_details                'Phaser MODE: MR_AUTO' 
_pdbx_phasing_MR.R_factor                     ? 
_pdbx_phasing_MR.R_rigid_body                 ? 
_pdbx_phasing_MR.correlation_coeff_Fo_to_Fc   ? 
_pdbx_phasing_MR.correlation_coeff_Io_to_Ic   ? 
_pdbx_phasing_MR.d_res_high_rotation          3.000 
_pdbx_phasing_MR.d_res_low_rotation           48.300 
_pdbx_phasing_MR.d_res_high_translation       3.000 
_pdbx_phasing_MR.d_res_low_translation        48.300 
_pdbx_phasing_MR.packing                      ? 
_pdbx_phasing_MR.reflns_percent_rotation      ? 
_pdbx_phasing_MR.reflns_percent_translation   ? 
_pdbx_phasing_MR.sigma_F_rotation             ? 
_pdbx_phasing_MR.sigma_F_translation          ? 
_pdbx_phasing_MR.sigma_I_rotation             ? 
_pdbx_phasing_MR.sigma_I_translation          ? 
# 
_phasing.method   MR 
# 
loop_
_software.citation_id 
_software.classification 
_software.compiler_name 
_software.compiler_version 
_software.contact_author 
_software.contact_author_email 
_software.date 
_software.description 
_software.dependencies 
_software.hardware 
_software.language 
_software.location 
_software.mods 
_software.name 
_software.os 
_software.os_version 
_software.type 
_software.version 
_software.pdbx_ordinal 
? 'data scaling'    ? ? ? ? ? ? ? ? ? ? ? Aimless     ? ? ? 0.3.11 1 
? phasing           ? ? ? ? ? ? ? ? ? ? ? PHASER      ? ? ? 2.5.6  2 
? refinement        ? ? ? ? ? ? ? ? ? ? ? PHENIX      ? ? ? .      3 
? 'data extraction' ? ? ? ? ? ? ? ? ? ? ? PDB_EXTRACT ? ? ? 3.15   4 
# 
loop_
_pdbx_unobs_or_zero_occ_atoms.id 
_pdbx_unobs_or_zero_occ_atoms.PDB_model_num 
_pdbx_unobs_or_zero_occ_atoms.polymer_flag 
_pdbx_unobs_or_zero_occ_atoms.occupancy_flag 
_pdbx_unobs_or_zero_occ_atoms.auth_asym_id 
_pdbx_unobs_or_zero_occ_atoms.auth_comp_id 
_pdbx_unobs_or_zero_occ_atoms.auth_seq_id 
_pdbx_unobs_or_zero_occ_atoms.PDB_ins_code 
_pdbx_unobs_or_zero_occ_atoms.auth_atom_id 
_pdbx_unobs_or_zero_occ_atoms.label_alt_id 
_pdbx_unobs_or_zero_occ_atoms.label_asym_id 
_pdbx_unobs_or_zero_occ_atoms.label_comp_id 
_pdbx_unobs_or_zero_occ_atoms.label_seq_id 
_pdbx_unobs_or_zero_occ_atoms.label_atom_id 
1  1 Y 1 A DC 2  ? N1    ? A DC 2  N1    
2  1 Y 1 A DC 2  ? C2    ? A DC 2  C2    
3  1 Y 1 A DC 2  ? O2    ? A DC 2  O2    
4  1 Y 1 A DC 2  ? N3    ? A DC 2  N3    
5  1 Y 1 A DC 2  ? C4    ? A DC 2  C4    
6  1 Y 1 A DC 2  ? N4    ? A DC 2  N4    
7  1 Y 1 A DC 2  ? C5    ? A DC 2  C5    
8  1 Y 1 A DC 2  ? C6    ? A DC 2  C6    
9  1 Y 1 A DT 14 ? OP2   ? A DT 14 OP2   
10 1 Y 1 A DT 14 ? "C5'" ? A DT 14 "C5'" 
11 1 Y 1 A DT 14 ? "C4'" ? A DT 14 "C4'" 
12 1 Y 1 A DT 14 ? "O4'" ? A DT 14 "O4'" 
13 1 Y 1 A DT 14 ? "C3'" ? A DT 14 "C3'" 
14 1 Y 1 A DT 14 ? "O3'" ? A DT 14 "O3'" 
15 1 Y 1 A DT 14 ? "C2'" ? A DT 14 "C2'" 
16 1 Y 1 A DT 14 ? "C1'" ? A DT 14 "C1'" 
17 1 Y 1 A DT 14 ? N1    ? A DT 14 N1    
18 1 Y 1 A DT 14 ? C2    ? A DT 14 C2    
19 1 Y 1 A DT 14 ? O2    ? A DT 14 O2    
20 1 Y 1 A DT 14 ? N3    ? A DT 14 N3    
21 1 Y 1 A DT 14 ? C4    ? A DT 14 C4    
22 1 Y 1 A DT 14 ? O4    ? A DT 14 O4    
23 1 Y 1 A DT 14 ? C5    ? A DT 14 C5    
24 1 Y 1 A DT 14 ? C7    ? A DT 14 C7    
25 1 Y 1 A DT 14 ? C6    ? A DT 14 C6    
26 1 Y 1 B DC 2  ? N1    ? B DC 2  N1    
27 1 Y 1 B DC 2  ? C2    ? B DC 2  C2    
28 1 Y 1 B DC 2  ? O2    ? B DC 2  O2    
29 1 Y 1 B DC 2  ? N3    ? B DC 2  N3    
30 1 Y 1 B DC 2  ? C4    ? B DC 2  C4    
31 1 Y 1 B DC 2  ? N4    ? B DC 2  N4    
32 1 Y 1 B DC 2  ? C5    ? B DC 2  C5    
33 1 Y 1 B DC 2  ? C6    ? B DC 2  C6    
34 1 Y 1 B DT 14 ? "O5'" ? B DT 14 "O5'" 
35 1 Y 1 B DT 14 ? "C5'" ? B DT 14 "C5'" 
36 1 Y 1 B DT 14 ? "C4'" ? B DT 14 "C4'" 
37 1 Y 1 B DT 14 ? "O4'" ? B DT 14 "O4'" 
38 1 Y 1 B DT 14 ? "C3'" ? B DT 14 "C3'" 
39 1 Y 1 B DT 14 ? "O3'" ? B DT 14 "O3'" 
40 1 Y 1 B DT 14 ? "C2'" ? B DT 14 "C2'" 
41 1 Y 1 B DT 14 ? "C1'" ? B DT 14 "C1'" 
42 1 Y 1 B DT 14 ? N1    ? B DT 14 N1    
43 1 Y 1 B DT 14 ? C2    ? B DT 14 C2    
44 1 Y 1 B DT 14 ? O2    ? B DT 14 O2    
45 1 Y 1 B DT 14 ? N3    ? B DT 14 N3    
46 1 Y 1 B DT 14 ? C4    ? B DT 14 C4    
47 1 Y 1 B DT 14 ? O4    ? B DT 14 O4    
48 1 Y 1 B DT 14 ? C5    ? B DT 14 C5    
49 1 Y 1 B DT 14 ? C7    ? B DT 14 C7    
50 1 Y 1 B DT 14 ? C6    ? B DT 14 C6    
# 
loop_
_chem_comp_atom.comp_id 
_chem_comp_atom.atom_id 
_chem_comp_atom.type_symbol 
_chem_comp_atom.pdbx_aromatic_flag 
_chem_comp_atom.pdbx_stereo_config 
_chem_comp_atom.pdbx_ordinal 
DA  OP3    O  N N 1   
DA  P      P  N N 2   
DA  OP1    O  N N 3   
DA  OP2    O  N N 4   
DA  "O5'"  O  N N 5   
DA  "C5'"  C  N N 6   
DA  "C4'"  C  N R 7   
DA  "O4'"  O  N N 8   
DA  "C3'"  C  N S 9   
DA  "O3'"  O  N N 10  
DA  "C2'"  C  N N 11  
DA  "C1'"  C  N R 12  
DA  N9     N  Y N 13  
DA  C8     C  Y N 14  
DA  N7     N  Y N 15  
DA  C5     C  Y N 16  
DA  C6     C  Y N 17  
DA  N6     N  N N 18  
DA  N1     N  Y N 19  
DA  C2     C  Y N 20  
DA  N3     N  Y N 21  
DA  C4     C  Y N 22  
DA  HOP3   H  N N 23  
DA  HOP2   H  N N 24  
DA  "H5'"  H  N N 25  
DA  "H5''" H  N N 26  
DA  "H4'"  H  N N 27  
DA  "H3'"  H  N N 28  
DA  "HO3'" H  N N 29  
DA  "H2'"  H  N N 30  
DA  "H2''" H  N N 31  
DA  "H1'"  H  N N 32  
DA  H8     H  N N 33  
DA  H61    H  N N 34  
DA  H62    H  N N 35  
DA  H2     H  N N 36  
DC  OP3    O  N N 37  
DC  P      P  N N 38  
DC  OP1    O  N N 39  
DC  OP2    O  N N 40  
DC  "O5'"  O  N N 41  
DC  "C5'"  C  N N 42  
DC  "C4'"  C  N R 43  
DC  "O4'"  O  N N 44  
DC  "C3'"  C  N S 45  
DC  "O3'"  O  N N 46  
DC  "C2'"  C  N N 47  
DC  "C1'"  C  N R 48  
DC  N1     N  N N 49  
DC  C2     C  N N 50  
DC  O2     O  N N 51  
DC  N3     N  N N 52  
DC  C4     C  N N 53  
DC  N4     N  N N 54  
DC  C5     C  N N 55  
DC  C6     C  N N 56  
DC  HOP3   H  N N 57  
DC  HOP2   H  N N 58  
DC  "H5'"  H  N N 59  
DC  "H5''" H  N N 60  
DC  "H4'"  H  N N 61  
DC  "H3'"  H  N N 62  
DC  "HO3'" H  N N 63  
DC  "H2'"  H  N N 64  
DC  "H2''" H  N N 65  
DC  "H1'"  H  N N 66  
DC  H41    H  N N 67  
DC  H42    H  N N 68  
DC  H5     H  N N 69  
DC  H6     H  N N 70  
DG  OP3    O  N N 71  
DG  P      P  N N 72  
DG  OP1    O  N N 73  
DG  OP2    O  N N 74  
DG  "O5'"  O  N N 75  
DG  "C5'"  C  N N 76  
DG  "C4'"  C  N R 77  
DG  "O4'"  O  N N 78  
DG  "C3'"  C  N S 79  
DG  "O3'"  O  N N 80  
DG  "C2'"  C  N N 81  
DG  "C1'"  C  N R 82  
DG  N9     N  Y N 83  
DG  C8     C  Y N 84  
DG  N7     N  Y N 85  
DG  C5     C  Y N 86  
DG  C6     C  N N 87  
DG  O6     O  N N 88  
DG  N1     N  N N 89  
DG  C2     C  N N 90  
DG  N2     N  N N 91  
DG  N3     N  N N 92  
DG  C4     C  Y N 93  
DG  HOP3   H  N N 94  
DG  HOP2   H  N N 95  
DG  "H5'"  H  N N 96  
DG  "H5''" H  N N 97  
DG  "H4'"  H  N N 98  
DG  "H3'"  H  N N 99  
DG  "HO3'" H  N N 100 
DG  "H2'"  H  N N 101 
DG  "H2''" H  N N 102 
DG  "H1'"  H  N N 103 
DG  H8     H  N N 104 
DG  H1     H  N N 105 
DG  H21    H  N N 106 
DG  H22    H  N N 107 
DT  OP3    O  N N 108 
DT  P      P  N N 109 
DT  OP1    O  N N 110 
DT  OP2    O  N N 111 
DT  "O5'"  O  N N 112 
DT  "C5'"  C  N N 113 
DT  "C4'"  C  N R 114 
DT  "O4'"  O  N N 115 
DT  "C3'"  C  N S 116 
DT  "O3'"  O  N N 117 
DT  "C2'"  C  N N 118 
DT  "C1'"  C  N R 119 
DT  N1     N  N N 120 
DT  C2     C  N N 121 
DT  O2     O  N N 122 
DT  N3     N  N N 123 
DT  C4     C  N N 124 
DT  O4     O  N N 125 
DT  C5     C  N N 126 
DT  C7     C  N N 127 
DT  C6     C  N N 128 
DT  HOP3   H  N N 129 
DT  HOP2   H  N N 130 
DT  "H5'"  H  N N 131 
DT  "H5''" H  N N 132 
DT  "H4'"  H  N N 133 
DT  "H3'"  H  N N 134 
DT  "HO3'" H  N N 135 
DT  "H2'"  H  N N 136 
DT  "H2''" H  N N 137 
DT  "H1'"  H  N N 138 
DT  H3     H  N N 139 
DT  H71    H  N N 140 
DT  H72    H  N N 141 
DT  H73    H  N N 142 
DT  H6     H  N N 143 
HOH O      O  N N 144 
HOH H1     H  N N 145 
HOH H2     H  N N 146 
SR  SR     SR N N 147 
# 
loop_
_chem_comp_bond.comp_id 
_chem_comp_bond.atom_id_1 
_chem_comp_bond.atom_id_2 
_chem_comp_bond.value_order 
_chem_comp_bond.pdbx_aromatic_flag 
_chem_comp_bond.pdbx_stereo_config 
_chem_comp_bond.pdbx_ordinal 
DA  OP3   P      sing N N 1   
DA  OP3   HOP3   sing N N 2   
DA  P     OP1    doub N N 3   
DA  P     OP2    sing N N 4   
DA  P     "O5'"  sing N N 5   
DA  OP2   HOP2   sing N N 6   
DA  "O5'" "C5'"  sing N N 7   
DA  "C5'" "C4'"  sing N N 8   
DA  "C5'" "H5'"  sing N N 9   
DA  "C5'" "H5''" sing N N 10  
DA  "C4'" "O4'"  sing N N 11  
DA  "C4'" "C3'"  sing N N 12  
DA  "C4'" "H4'"  sing N N 13  
DA  "O4'" "C1'"  sing N N 14  
DA  "C3'" "O3'"  sing N N 15  
DA  "C3'" "C2'"  sing N N 16  
DA  "C3'" "H3'"  sing N N 17  
DA  "O3'" "HO3'" sing N N 18  
DA  "C2'" "C1'"  sing N N 19  
DA  "C2'" "H2'"  sing N N 20  
DA  "C2'" "H2''" sing N N 21  
DA  "C1'" N9     sing N N 22  
DA  "C1'" "H1'"  sing N N 23  
DA  N9    C8     sing Y N 24  
DA  N9    C4     sing Y N 25  
DA  C8    N7     doub Y N 26  
DA  C8    H8     sing N N 27  
DA  N7    C5     sing Y N 28  
DA  C5    C6     sing Y N 29  
DA  C5    C4     doub Y N 30  
DA  C6    N6     sing N N 31  
DA  C6    N1     doub Y N 32  
DA  N6    H61    sing N N 33  
DA  N6    H62    sing N N 34  
DA  N1    C2     sing Y N 35  
DA  C2    N3     doub Y N 36  
DA  C2    H2     sing N N 37  
DA  N3    C4     sing Y N 38  
DC  OP3   P      sing N N 39  
DC  OP3   HOP3   sing N N 40  
DC  P     OP1    doub N N 41  
DC  P     OP2    sing N N 42  
DC  P     "O5'"  sing N N 43  
DC  OP2   HOP2   sing N N 44  
DC  "O5'" "C5'"  sing N N 45  
DC  "C5'" "C4'"  sing N N 46  
DC  "C5'" "H5'"  sing N N 47  
DC  "C5'" "H5''" sing N N 48  
DC  "C4'" "O4'"  sing N N 49  
DC  "C4'" "C3'"  sing N N 50  
DC  "C4'" "H4'"  sing N N 51  
DC  "O4'" "C1'"  sing N N 52  
DC  "C3'" "O3'"  sing N N 53  
DC  "C3'" "C2'"  sing N N 54  
DC  "C3'" "H3'"  sing N N 55  
DC  "O3'" "HO3'" sing N N 56  
DC  "C2'" "C1'"  sing N N 57  
DC  "C2'" "H2'"  sing N N 58  
DC  "C2'" "H2''" sing N N 59  
DC  "C1'" N1     sing N N 60  
DC  "C1'" "H1'"  sing N N 61  
DC  N1    C2     sing N N 62  
DC  N1    C6     sing N N 63  
DC  C2    O2     doub N N 64  
DC  C2    N3     sing N N 65  
DC  N3    C4     doub N N 66  
DC  C4    N4     sing N N 67  
DC  C4    C5     sing N N 68  
DC  N4    H41    sing N N 69  
DC  N4    H42    sing N N 70  
DC  C5    C6     doub N N 71  
DC  C5    H5     sing N N 72  
DC  C6    H6     sing N N 73  
DG  OP3   P      sing N N 74  
DG  OP3   HOP3   sing N N 75  
DG  P     OP1    doub N N 76  
DG  P     OP2    sing N N 77  
DG  P     "O5'"  sing N N 78  
DG  OP2   HOP2   sing N N 79  
DG  "O5'" "C5'"  sing N N 80  
DG  "C5'" "C4'"  sing N N 81  
DG  "C5'" "H5'"  sing N N 82  
DG  "C5'" "H5''" sing N N 83  
DG  "C4'" "O4'"  sing N N 84  
DG  "C4'" "C3'"  sing N N 85  
DG  "C4'" "H4'"  sing N N 86  
DG  "O4'" "C1'"  sing N N 87  
DG  "C3'" "O3'"  sing N N 88  
DG  "C3'" "C2'"  sing N N 89  
DG  "C3'" "H3'"  sing N N 90  
DG  "O3'" "HO3'" sing N N 91  
DG  "C2'" "C1'"  sing N N 92  
DG  "C2'" "H2'"  sing N N 93  
DG  "C2'" "H2''" sing N N 94  
DG  "C1'" N9     sing N N 95  
DG  "C1'" "H1'"  sing N N 96  
DG  N9    C8     sing Y N 97  
DG  N9    C4     sing Y N 98  
DG  C8    N7     doub Y N 99  
DG  C8    H8     sing N N 100 
DG  N7    C5     sing Y N 101 
DG  C5    C6     sing N N 102 
DG  C5    C4     doub Y N 103 
DG  C6    O6     doub N N 104 
DG  C6    N1     sing N N 105 
DG  N1    C2     sing N N 106 
DG  N1    H1     sing N N 107 
DG  C2    N2     sing N N 108 
DG  C2    N3     doub N N 109 
DG  N2    H21    sing N N 110 
DG  N2    H22    sing N N 111 
DG  N3    C4     sing N N 112 
DT  OP3   P      sing N N 113 
DT  OP3   HOP3   sing N N 114 
DT  P     OP1    doub N N 115 
DT  P     OP2    sing N N 116 
DT  P     "O5'"  sing N N 117 
DT  OP2   HOP2   sing N N 118 
DT  "O5'" "C5'"  sing N N 119 
DT  "C5'" "C4'"  sing N N 120 
DT  "C5'" "H5'"  sing N N 121 
DT  "C5'" "H5''" sing N N 122 
DT  "C4'" "O4'"  sing N N 123 
DT  "C4'" "C3'"  sing N N 124 
DT  "C4'" "H4'"  sing N N 125 
DT  "O4'" "C1'"  sing N N 126 
DT  "C3'" "O3'"  sing N N 127 
DT  "C3'" "C2'"  sing N N 128 
DT  "C3'" "H3'"  sing N N 129 
DT  "O3'" "HO3'" sing N N 130 
DT  "C2'" "C1'"  sing N N 131 
DT  "C2'" "H2'"  sing N N 132 
DT  "C2'" "H2''" sing N N 133 
DT  "C1'" N1     sing N N 134 
DT  "C1'" "H1'"  sing N N 135 
DT  N1    C2     sing N N 136 
DT  N1    C6     sing N N 137 
DT  C2    O2     doub N N 138 
DT  C2    N3     sing N N 139 
DT  N3    C4     sing N N 140 
DT  N3    H3     sing N N 141 
DT  C4    O4     doub N N 142 
DT  C4    C5     sing N N 143 
DT  C5    C7     sing N N 144 
DT  C5    C6     doub N N 145 
DT  C7    H71    sing N N 146 
DT  C7    H72    sing N N 147 
DT  C7    H73    sing N N 148 
DT  C6    H6     sing N N 149 
HOH O     H1     sing N N 150 
HOH O     H2     sing N N 151 
# 
_ndb_struct_conf_na.entry_id   5CV2 
_ndb_struct_conf_na.feature    'double helix' 
# 
loop_
_ndb_struct_na_base_pair.model_number 
_ndb_struct_na_base_pair.i_label_asym_id 
_ndb_struct_na_base_pair.i_label_comp_id 
_ndb_struct_na_base_pair.i_label_seq_id 
_ndb_struct_na_base_pair.i_symmetry 
_ndb_struct_na_base_pair.j_label_asym_id 
_ndb_struct_na_base_pair.j_label_comp_id 
_ndb_struct_na_base_pair.j_label_seq_id 
_ndb_struct_na_base_pair.j_symmetry 
_ndb_struct_na_base_pair.shear 
_ndb_struct_na_base_pair.stretch 
_ndb_struct_na_base_pair.stagger 
_ndb_struct_na_base_pair.buckle 
_ndb_struct_na_base_pair.propeller 
_ndb_struct_na_base_pair.opening 
_ndb_struct_na_base_pair.pair_number 
_ndb_struct_na_base_pair.pair_name 
_ndb_struct_na_base_pair.i_auth_asym_id 
_ndb_struct_na_base_pair.i_auth_seq_id 
_ndb_struct_na_base_pair.i_PDB_ins_code 
_ndb_struct_na_base_pair.j_auth_asym_id 
_ndb_struct_na_base_pair.j_auth_seq_id 
_ndb_struct_na_base_pair.j_PDB_ins_code 
_ndb_struct_na_base_pair.hbond_type_28 
_ndb_struct_na_base_pair.hbond_type_12 
1 A DA 1  1_555 B DA 1  1_555 5.663  -5.316 0.169  16.305  -25.575 178.960  1  A_DA1:DA1_B   A 1  ? B 1  ? 2  7  
1 A DC 4  1_555 B DC 4  1_555 -1.923 -1.742 -0.053 -1.599  7.379   -174.489 2  A_DC4:DC4_B   A 4  ? B 4  ? 15 2  
1 A DG 5  1_555 B DG 5  1_555 3.204  7.691  0.139  -20.061 28.336  179.777  3  A_DG5:DG5_B   A 5  ? B 5  ? 4  12 
1 A DG 6  1_555 B DG 6  1_555 3.899  8.330  -0.066 -21.378 22.905  174.680  4  A_DG6:DG6_B   A 6  ? B 6  ? ?  ?  
1 A DA 7  1_555 B DA 7  1_555 -5.996 5.188  0.328  -28.506 22.107  -170.690 5  A_DA7:DA7_B   A 7  ? B 7  ? 2  7  
1 A DC 8  1_555 B DC 8  1_555 1.780  1.975  0.667  -3.645  -4.165  177.599  6  A_DC8:DC8_B   A 8  ? B 8  ? 15 2  
1 A DG 9  1_555 B DG 9  1_555 3.708  7.973  0.023  -2.059  34.728  179.366  7  A_DG9:DG9_B   A 9  ? B 9  ? 4  12 
1 A DA 10 1_555 B DA 10 1_555 4.990  -5.181 -1.015 21.574  -35.377 169.231  8  A_DA10:DA10_B A 10 ? B 10 ? 2  7  
1 A DC 11 1_555 B DC 11 1_555 -1.739 -1.579 -0.452 2.897   5.598   -177.422 9  A_DC11:DC11_B A 11 ? B 11 ? 15 2  
1 A DG 12 1_555 B DG 12 1_555 3.697  8.267  -0.872 -1.294  26.353  175.326  10 A_DG12:DG12_B A 12 ? B 12 ? 4  12 
1 A DA 13 1_555 B DA 13 1_555 -5.743 5.834  0.365  -11.206 25.502  -173.996 11 A_DA13:DA13_B A 13 ? B 13 ? ?  ?  
# 
loop_
_ndb_struct_na_base_pair_step.model_number 
_ndb_struct_na_base_pair_step.i_label_asym_id_1 
_ndb_struct_na_base_pair_step.i_label_comp_id_1 
_ndb_struct_na_base_pair_step.i_label_seq_id_1 
_ndb_struct_na_base_pair_step.i_symmetry_1 
_ndb_struct_na_base_pair_step.j_label_asym_id_1 
_ndb_struct_na_base_pair_step.j_label_comp_id_1 
_ndb_struct_na_base_pair_step.j_label_seq_id_1 
_ndb_struct_na_base_pair_step.j_symmetry_1 
_ndb_struct_na_base_pair_step.i_label_asym_id_2 
_ndb_struct_na_base_pair_step.i_label_comp_id_2 
_ndb_struct_na_base_pair_step.i_label_seq_id_2 
_ndb_struct_na_base_pair_step.i_symmetry_2 
_ndb_struct_na_base_pair_step.j_label_asym_id_2 
_ndb_struct_na_base_pair_step.j_label_comp_id_2 
_ndb_struct_na_base_pair_step.j_label_seq_id_2 
_ndb_struct_na_base_pair_step.j_symmetry_2 
_ndb_struct_na_base_pair_step.shift 
_ndb_struct_na_base_pair_step.slide 
_ndb_struct_na_base_pair_step.rise 
_ndb_struct_na_base_pair_step.tilt 
_ndb_struct_na_base_pair_step.roll 
_ndb_struct_na_base_pair_step.twist 
_ndb_struct_na_base_pair_step.x_displacement 
_ndb_struct_na_base_pair_step.y_displacement 
_ndb_struct_na_base_pair_step.helical_rise 
_ndb_struct_na_base_pair_step.inclination 
_ndb_struct_na_base_pair_step.tip 
_ndb_struct_na_base_pair_step.helical_twist 
_ndb_struct_na_base_pair_step.step_number 
_ndb_struct_na_base_pair_step.step_name 
_ndb_struct_na_base_pair_step.i_auth_asym_id_1 
_ndb_struct_na_base_pair_step.i_auth_seq_id_1 
_ndb_struct_na_base_pair_step.i_PDB_ins_code_1 
_ndb_struct_na_base_pair_step.j_auth_asym_id_1 
_ndb_struct_na_base_pair_step.j_auth_seq_id_1 
_ndb_struct_na_base_pair_step.j_PDB_ins_code_1 
_ndb_struct_na_base_pair_step.i_auth_asym_id_2 
_ndb_struct_na_base_pair_step.i_auth_seq_id_2 
_ndb_struct_na_base_pair_step.i_PDB_ins_code_2 
_ndb_struct_na_base_pair_step.j_auth_asym_id_2 
_ndb_struct_na_base_pair_step.j_auth_seq_id_2 
_ndb_struct_na_base_pair_step.j_PDB_ins_code_2 
1 A DC 4  1_555 B DC 4  1_555 A DG 5  1_555 B DG 5  1_555 -0.302 0.126  2.673 0.021  0.961  -127.270 -0.077 -0.169  2.673 -0.536 
0.012   -127.272 1 AA_DC4DG5:DG5DC4_BB     A 4  ? B 4  ? A 5  ? B 5  ? 
1 A DG 5  1_555 B DG 5  1_555 A DG 6  1_555 B DG 6  1_555 0.170  -0.226 7.024 3.506  -2.411 -1.093   51.737 73.186  1.488 42.832 
62.297  -4.393   2 AA_DG5DG6:DG6DG5_BB     A 5  ? B 5  ? A 6  ? B 6  ? 
1 A DG 6  1_555 B DG 6  1_555 A DA 7  1_555 B DA 7  1_555 0.933  0.229  4.598 -0.184 0.787  163.568  0.114  -0.472  4.598 0.397  
0.093   163.568  3 AA_DG6DA7:DA7DG6_BB     A 6  ? B 6  ? A 7  ? B 7  ? 
1 A DA 7  1_555 B DA 7  1_555 A DC 8  1_555 B DC 8  1_555 -0.755 0.187  3.174 -5.161 4.009  -108.086 -0.165 -0.529  3.142 -2.475 
-3.186  -108.221 4 AA_DA7DC8:DC8DA7_BB     A 7  ? B 7  ? A 8  ? B 8  ? 
1 A DC 8  1_555 B DC 8  1_555 A DG 9  1_555 B DG 9  1_555 0.163  0.167  2.829 5.134  1.787  59.130   0.091  0.061   2.836 1.807  
-5.191  59.357   5 AA_DC8DG9:DG9DC8_BB     A 8  ? B 8  ? A 9  ? B 9  ? 
1 A DG 9  1_555 B DG 9  1_555 A DA 10 1_555 B DA 10 1_555 0.082  -0.753 4.966 -5.240 0.338  -6.729   3.730  -20.105 3.997 -2.448 
-37.924 -8.534   6 AA_DG9DA10:DA10DG9_BB   A 9  ? B 9  ? A 10 ? B 10 ? 
1 A DA 10 1_555 B DA 10 1_555 A DC 11 1_555 B DC 11 1_555 -0.936 0.199  3.019 -6.795 13.065 -115.564 -0.243 -0.617  2.960 -7.705 
-4.007  -116.159 7 AA_DA10DC11:DC11DA10_BB A 10 ? B 10 ? A 11 ? B 11 ? 
1 A DC 11 1_555 B DC 11 1_555 A DG 12 1_555 B DG 12 1_555 -0.357 -0.610 3.208 -0.372 -3.379 -114.977 0.397  -0.215  3.195 2.003  
-0.221  -115.009 8 AA_DC11DG12:DG12DC11_BB A 11 ? B 11 ? A 12 ? B 12 ? 
1 A DG 12 1_555 B DG 12 1_555 A DA 13 1_555 B DA 13 1_555 0.359  0.206  4.430 -0.224 2.928  172.159  0.099  -0.180  4.431 1.467  
0.112   172.162  9 AA_DG12DA13:DA13DG12_BB A 12 ? B 12 ? A 13 ? B 13 ? 
# 
_pdbx_audit_support.funding_organization   'National Science Foundation (NSF, United States)' 
_pdbx_audit_support.country                'United States' 
_pdbx_audit_support.grant_number           DMR1149665 
_pdbx_audit_support.ordinal                1 
# 
loop_
_pdbx_entity_nonpoly.entity_id 
_pdbx_entity_nonpoly.name 
_pdbx_entity_nonpoly.comp_id 
2 'STRONTIUM ION' SR  
3 water           HOH 
# 
_pdbx_initial_refinement_model.id               1 
_pdbx_initial_refinement_model.entity_id_list   ? 
_pdbx_initial_refinement_model.type             'experimental model' 
_pdbx_initial_refinement_model.source_name      PDB 
_pdbx_initial_refinement_model.accession_code   4RIM 
_pdbx_initial_refinement_model.details          ? 
# 
